data_2ETT
#
_entry.id   2ETT
#
_entity_poly.entity_id   1
_entity_poly.type   'polypeptide(L)'
_entity_poly.pdbx_seq_one_letter_code
;GHHHHHHLELEVHIPSVGPEAEGPRQSPEKSHMVFRVEVLCSGRRHTVPRRYSEFHALHKRIKKLYKVPDFPSKRLPNWR
TRGLEQRRQGLEAYIQGILYLNQEVPKELLEFLRLRHFPTDPKASNWG
;
_entity_poly.pdbx_strand_id   A
#
# COMPACT_ATOMS: atom_id res chain seq x y z
N GLY A 1 12.69 -19.15 -6.48
CA GLY A 1 11.94 -20.38 -6.71
C GLY A 1 11.63 -20.53 -8.17
N HIS A 2 11.18 -21.69 -8.56
CA HIS A 2 10.89 -21.94 -9.94
C HIS A 2 9.61 -22.73 -10.08
N HIS A 3 8.55 -22.05 -10.39
CA HIS A 3 7.26 -22.67 -10.62
C HIS A 3 6.60 -21.96 -11.76
N HIS A 4 5.82 -22.66 -12.53
CA HIS A 4 5.12 -22.03 -13.62
C HIS A 4 3.89 -21.32 -13.10
N HIS A 5 3.93 -20.00 -13.16
CA HIS A 5 2.84 -19.17 -12.70
C HIS A 5 1.68 -19.22 -13.65
N HIS A 6 0.91 -20.27 -13.51
CA HIS A 6 -0.27 -20.48 -14.31
C HIS A 6 -1.43 -19.78 -13.66
N HIS A 7 -1.35 -19.61 -12.36
CA HIS A 7 -2.36 -18.89 -11.62
C HIS A 7 -1.90 -17.47 -11.40
N LEU A 8 -2.33 -16.59 -12.25
CA LEU A 8 -2.01 -15.21 -12.08
C LEU A 8 -3.19 -14.49 -11.51
N GLU A 9 -3.44 -14.77 -10.28
CA GLU A 9 -4.52 -14.21 -9.55
C GLU A 9 -4.04 -12.92 -8.97
N LEU A 10 -4.56 -11.83 -9.46
CA LEU A 10 -4.10 -10.54 -9.06
C LEU A 10 -5.26 -9.70 -8.54
N GLU A 11 -5.17 -9.32 -7.29
CA GLU A 11 -6.15 -8.44 -6.69
C GLU A 11 -5.44 -7.49 -5.76
N VAL A 12 -5.44 -6.24 -6.07
CA VAL A 12 -4.82 -5.29 -5.20
C VAL A 12 -5.90 -4.34 -4.72
N HIS A 13 -6.10 -4.27 -3.42
CA HIS A 13 -7.16 -3.44 -2.87
C HIS A 13 -6.85 -3.07 -1.45
N ILE A 14 -7.37 -1.97 -1.01
CA ILE A 14 -7.22 -1.55 0.37
C ILE A 14 -8.59 -1.73 1.07
N PRO A 15 -8.80 -2.88 1.75
CA PRO A 15 -10.10 -3.23 2.36
C PRO A 15 -10.50 -2.43 3.61
N SER A 16 -9.57 -1.85 4.33
CA SER A 16 -9.93 -1.16 5.55
C SER A 16 -9.01 0.01 5.83
N VAL A 17 -9.54 1.05 6.45
CA VAL A 17 -8.76 2.19 6.89
C VAL A 17 -9.30 2.60 8.27
N GLY A 18 -8.45 2.61 9.27
CA GLY A 18 -8.91 2.94 10.60
C GLY A 18 -7.92 3.75 11.39
N PRO A 19 -8.38 4.42 12.43
CA PRO A 19 -7.52 5.19 13.31
C PRO A 19 -6.87 4.29 14.39
N GLU A 20 -5.65 3.85 14.14
CA GLU A 20 -4.93 2.99 15.09
C GLU A 20 -3.45 2.94 14.77
N ALA A 21 -2.97 3.93 14.06
CA ALA A 21 -1.60 3.90 13.59
C ALA A 21 -0.60 4.18 14.66
N GLU A 22 0.56 3.74 14.37
CA GLU A 22 1.71 3.88 15.19
C GLU A 22 2.14 5.35 15.09
N GLY A 23 2.38 5.98 16.21
CA GLY A 23 2.76 7.38 16.23
C GLY A 23 4.26 7.53 16.11
N PRO A 24 4.75 8.05 14.99
CA PRO A 24 6.17 8.13 14.73
C PRO A 24 6.82 9.39 15.28
N ARG A 25 8.09 9.53 15.00
CA ARG A 25 8.89 10.68 15.38
C ARG A 25 8.45 11.87 14.49
N GLN A 26 9.02 13.06 14.72
CA GLN A 26 8.68 14.25 13.93
C GLN A 26 8.72 14.00 12.42
N SER A 27 7.56 13.78 11.89
CA SER A 27 7.36 13.52 10.50
C SER A 27 6.45 14.60 9.95
N PRO A 28 6.42 14.80 8.61
CA PRO A 28 5.54 15.78 7.97
C PRO A 28 4.07 15.66 8.44
N GLU A 29 3.56 14.46 8.41
CA GLU A 29 2.17 14.21 8.74
C GLU A 29 1.97 13.71 10.19
N LYS A 30 2.67 12.62 10.55
CA LYS A 30 2.47 11.92 11.84
C LYS A 30 1.02 11.44 11.94
N SER A 31 0.48 10.93 10.84
CA SER A 31 -0.89 10.44 10.82
C SER A 31 -1.03 9.26 11.78
N HIS A 32 -1.95 9.39 12.72
CA HIS A 32 -2.20 8.35 13.71
C HIS A 32 -3.30 7.42 13.15
N MET A 33 -3.56 7.59 11.89
CA MET A 33 -4.55 6.85 11.20
C MET A 33 -3.87 5.99 10.13
N VAL A 34 -4.40 4.83 9.88
CA VAL A 34 -3.74 3.86 9.03
C VAL A 34 -4.69 3.22 8.02
N PHE A 35 -4.17 2.96 6.84
CA PHE A 35 -4.89 2.23 5.83
C PHE A 35 -4.30 0.84 5.71
N ARG A 36 -5.13 -0.11 5.61
CA ARG A 36 -4.73 -1.48 5.62
C ARG A 36 -4.90 -2.03 4.24
N VAL A 37 -3.80 -2.20 3.57
CA VAL A 37 -3.79 -2.59 2.18
C VAL A 37 -3.74 -4.10 2.08
N GLU A 38 -4.12 -4.61 0.94
CA GLU A 38 -4.02 -6.01 0.70
C GLU A 38 -3.68 -6.24 -0.76
N VAL A 39 -2.50 -6.74 -0.98
CA VAL A 39 -2.05 -7.01 -2.31
C VAL A 39 -2.03 -8.53 -2.50
N LEU A 40 -2.82 -9.00 -3.44
CA LEU A 40 -2.88 -10.40 -3.75
C LEU A 40 -2.24 -10.63 -5.09
N CYS A 41 -1.20 -11.39 -5.10
CA CYS A 41 -0.46 -11.70 -6.30
C CYS A 41 -0.05 -13.16 -6.29
N SER A 42 -0.28 -13.85 -7.42
CA SER A 42 0.05 -15.27 -7.60
C SER A 42 -0.77 -16.17 -6.67
N GLY A 43 -1.81 -15.62 -6.07
CA GLY A 43 -2.66 -16.38 -5.19
C GLY A 43 -2.46 -16.02 -3.74
N ARG A 44 -1.36 -15.38 -3.43
CA ARG A 44 -1.08 -15.01 -2.06
C ARG A 44 -1.53 -13.59 -1.80
N ARG A 45 -2.35 -13.40 -0.79
CA ARG A 45 -2.75 -12.07 -0.44
C ARG A 45 -2.05 -11.68 0.84
N HIS A 46 -1.57 -10.49 0.89
CA HIS A 46 -0.95 -9.99 2.09
C HIS A 46 -1.59 -8.72 2.54
N THR A 47 -2.19 -8.78 3.70
CA THR A 47 -2.91 -7.68 4.28
C THR A 47 -1.95 -6.91 5.19
N VAL A 48 -1.62 -5.69 4.82
CA VAL A 48 -0.63 -4.93 5.54
C VAL A 48 -1.15 -3.54 5.95
N PRO A 49 -1.32 -3.28 7.26
CA PRO A 49 -1.68 -1.96 7.76
C PRO A 49 -0.50 -1.00 7.65
N ARG A 50 -0.65 0.07 6.90
CA ARG A 50 0.42 1.04 6.69
C ARG A 50 -0.04 2.47 6.93
N ARG A 51 0.74 3.17 7.70
CA ARG A 51 0.54 4.58 7.95
C ARG A 51 0.84 5.33 6.64
N TYR A 52 0.21 6.48 6.46
CA TYR A 52 0.27 7.22 5.20
C TYR A 52 1.73 7.58 4.86
N SER A 53 2.49 7.96 5.89
CA SER A 53 3.89 8.37 5.77
C SER A 53 4.75 7.30 5.14
N GLU A 54 4.40 6.04 5.36
CA GLU A 54 5.19 4.95 4.88
C GLU A 54 5.10 4.86 3.38
N PHE A 55 3.87 4.94 2.86
CA PHE A 55 3.66 4.94 1.43
C PHE A 55 4.07 6.24 0.81
N HIS A 56 3.95 7.31 1.57
CA HIS A 56 4.40 8.62 1.18
C HIS A 56 5.90 8.56 0.84
N ALA A 57 6.69 8.06 1.78
CA ALA A 57 8.14 7.95 1.59
C ALA A 57 8.49 6.90 0.53
N LEU A 58 7.78 5.77 0.57
CA LEU A 58 7.98 4.67 -0.39
C LEU A 58 7.83 5.17 -1.81
N HIS A 59 6.76 5.88 -2.03
CA HIS A 59 6.42 6.36 -3.34
C HIS A 59 7.38 7.46 -3.77
N LYS A 60 7.81 8.30 -2.84
CA LYS A 60 8.73 9.40 -3.16
C LYS A 60 10.12 8.90 -3.49
N ARG A 61 10.51 7.83 -2.87
CA ARG A 61 11.81 7.29 -3.10
C ARG A 61 11.86 6.58 -4.45
N ILE A 62 10.87 5.74 -4.72
CA ILE A 62 10.86 5.00 -5.96
C ILE A 62 10.41 5.81 -7.17
N LYS A 63 9.83 7.00 -6.96
CA LYS A 63 9.40 7.80 -8.11
C LYS A 63 10.61 8.29 -8.89
N LYS A 64 11.70 8.42 -8.16
CA LYS A 64 12.99 8.75 -8.71
C LYS A 64 13.70 7.46 -9.21
N LEU A 65 13.22 6.33 -8.75
CA LEU A 65 13.85 5.05 -9.01
C LEU A 65 13.29 4.40 -10.29
N TYR A 66 12.00 4.06 -10.29
CA TYR A 66 11.43 3.34 -11.43
C TYR A 66 10.13 4.00 -11.89
N LYS A 67 9.40 3.35 -12.81
CA LYS A 67 8.12 3.88 -13.31
C LYS A 67 7.12 3.99 -12.19
N VAL A 68 6.77 5.19 -11.90
CA VAL A 68 5.91 5.50 -10.77
C VAL A 68 5.06 6.74 -11.10
N PRO A 69 3.72 6.65 -10.93
CA PRO A 69 2.78 7.75 -11.23
C PRO A 69 2.76 8.82 -10.12
N ASP A 70 1.71 9.67 -10.14
CA ASP A 70 1.50 10.78 -9.17
C ASP A 70 1.72 10.34 -7.73
N PHE A 71 2.26 11.23 -6.94
CA PHE A 71 2.60 10.95 -5.57
C PHE A 71 1.55 11.46 -4.58
N PRO A 72 1.58 10.94 -3.32
CA PRO A 72 0.68 11.39 -2.27
C PRO A 72 1.09 12.77 -1.74
N SER A 73 0.15 13.45 -1.15
CA SER A 73 0.35 14.78 -0.65
C SER A 73 0.86 14.72 0.81
N LYS A 74 1.74 15.64 1.19
CA LYS A 74 2.26 15.67 2.55
C LYS A 74 1.32 16.50 3.44
N ARG A 75 0.46 17.24 2.81
CA ARG A 75 -0.60 17.96 3.48
C ARG A 75 -1.93 17.35 3.13
N LEU A 76 -2.59 16.85 4.12
CA LEU A 76 -3.84 16.17 3.93
C LEU A 76 -4.96 16.91 4.64
N PRO A 77 -6.20 16.75 4.14
CA PRO A 77 -7.37 17.26 4.84
C PRO A 77 -7.62 16.41 6.09
N ASN A 78 -8.39 16.92 7.03
CA ASN A 78 -8.66 16.19 8.28
C ASN A 78 -9.56 14.95 8.02
N TRP A 79 -10.07 14.85 6.78
CA TRP A 79 -10.89 13.72 6.28
C TRP A 79 -12.33 13.78 6.73
N ARG A 80 -12.69 14.85 7.37
CA ARG A 80 -14.07 15.02 7.82
C ARG A 80 -14.98 15.42 6.66
N THR A 81 -14.40 16.08 5.66
CA THR A 81 -15.13 16.54 4.49
C THR A 81 -15.58 15.36 3.60
N ARG A 82 -14.66 14.42 3.37
CA ARG A 82 -14.95 13.28 2.52
C ARG A 82 -14.98 12.03 3.36
N GLY A 83 -15.04 10.90 2.71
CA GLY A 83 -14.93 9.66 3.40
C GLY A 83 -13.57 9.08 3.15
N LEU A 84 -13.25 8.00 3.79
CA LEU A 84 -11.95 7.40 3.62
C LEU A 84 -11.69 6.74 2.31
N GLU A 85 -12.74 6.49 1.55
CA GLU A 85 -12.57 5.93 0.22
C GLU A 85 -11.64 6.80 -0.62
N GLN A 86 -11.63 8.11 -0.37
CA GLN A 86 -10.76 9.04 -1.07
C GLN A 86 -9.29 8.71 -0.79
N ARG A 87 -8.98 8.53 0.49
CA ARG A 87 -7.63 8.20 0.93
C ARG A 87 -7.26 6.81 0.45
N ARG A 88 -8.18 5.90 0.63
CA ARG A 88 -8.05 4.51 0.25
C ARG A 88 -7.75 4.41 -1.26
N GLN A 89 -8.57 5.06 -2.07
CA GLN A 89 -8.46 4.97 -3.52
C GLN A 89 -7.19 5.64 -4.02
N GLY A 90 -6.82 6.76 -3.40
CA GLY A 90 -5.62 7.48 -3.81
C GLY A 90 -4.38 6.61 -3.74
N LEU A 91 -4.17 5.96 -2.61
CA LEU A 91 -3.01 5.10 -2.46
C LEU A 91 -3.16 3.82 -3.26
N GLU A 92 -4.36 3.29 -3.31
CA GLU A 92 -4.62 2.03 -4.02
C GLU A 92 -4.30 2.20 -5.51
N ALA A 93 -4.62 3.37 -6.05
CA ALA A 93 -4.33 3.69 -7.43
C ALA A 93 -2.84 3.77 -7.67
N TYR A 94 -2.13 4.44 -6.76
CA TYR A 94 -0.69 4.61 -6.89
C TYR A 94 0.06 3.29 -6.72
N ILE A 95 -0.31 2.53 -5.71
CA ILE A 95 0.35 1.27 -5.38
C ILE A 95 0.08 0.19 -6.43
N GLN A 96 -1.17 0.10 -6.88
CA GLN A 96 -1.50 -0.85 -7.92
C GLN A 96 -0.89 -0.40 -9.24
N GLY A 97 -0.78 0.90 -9.41
CA GLY A 97 -0.19 1.47 -10.60
C GLY A 97 1.22 0.97 -10.82
N ILE A 98 2.09 1.20 -9.84
CA ILE A 98 3.50 0.75 -9.91
C ILE A 98 3.59 -0.77 -10.05
N LEU A 99 2.64 -1.44 -9.43
CA LEU A 99 2.57 -2.86 -9.46
C LEU A 99 2.27 -3.36 -10.89
N TYR A 100 1.44 -2.62 -11.57
CA TYR A 100 1.08 -2.95 -12.93
C TYR A 100 2.17 -2.47 -13.89
N LEU A 101 2.79 -1.37 -13.56
CA LEU A 101 3.81 -0.76 -14.40
C LEU A 101 5.05 -1.61 -14.61
N ASN A 102 5.72 -2.02 -13.53
CA ASN A 102 6.99 -2.70 -13.74
C ASN A 102 7.31 -3.73 -12.66
N GLN A 103 7.60 -3.26 -11.46
CA GLN A 103 8.15 -4.15 -10.42
C GLN A 103 7.12 -4.87 -9.59
N GLU A 104 5.84 -4.69 -9.90
CA GLU A 104 4.75 -5.30 -9.11
C GLU A 104 4.82 -4.71 -7.71
N VAL A 105 4.43 -5.47 -6.69
CA VAL A 105 4.53 -5.00 -5.34
C VAL A 105 6.01 -4.65 -5.03
N PRO A 106 6.29 -3.35 -4.71
CA PRO A 106 7.64 -2.84 -4.51
C PRO A 106 8.49 -3.74 -3.62
N LYS A 107 9.58 -4.24 -4.19
CA LYS A 107 10.51 -5.13 -3.51
C LYS A 107 11.14 -4.37 -2.33
N GLU A 108 11.15 -3.06 -2.40
CA GLU A 108 11.65 -2.26 -1.32
C GLU A 108 10.71 -2.36 -0.10
N LEU A 109 9.40 -2.49 -0.36
CA LEU A 109 8.42 -2.62 0.73
C LEU A 109 8.53 -4.02 1.25
N LEU A 110 8.83 -4.92 0.33
CA LEU A 110 9.05 -6.32 0.60
C LEU A 110 10.20 -6.41 1.61
N GLU A 111 11.23 -5.65 1.37
CA GLU A 111 12.38 -5.59 2.24
C GLU A 111 12.08 -4.76 3.51
N PHE A 112 11.08 -3.90 3.42
CA PHE A 112 10.79 -2.96 4.49
C PHE A 112 10.08 -3.64 5.63
N LEU A 113 9.01 -4.36 5.34
CA LEU A 113 8.29 -5.03 6.41
C LEU A 113 8.55 -6.52 6.38
N ARG A 114 9.43 -6.95 5.48
CA ARG A 114 9.72 -8.37 5.30
C ARG A 114 8.43 -9.04 4.75
N LEU A 115 7.85 -8.38 3.73
CA LEU A 115 6.55 -8.74 3.14
C LEU A 115 6.58 -10.04 2.31
N ARG A 116 7.65 -10.80 2.38
CA ARG A 116 7.73 -12.03 1.60
C ARG A 116 6.93 -13.09 2.30
N HIS A 117 5.95 -13.68 1.60
CA HIS A 117 5.08 -14.72 2.16
C HIS A 117 4.29 -14.17 3.39
N PHE A 118 4.21 -12.84 3.45
CA PHE A 118 3.60 -12.11 4.56
C PHE A 118 2.17 -12.59 4.80
N PRO A 119 1.76 -12.73 6.07
CA PRO A 119 0.42 -13.20 6.43
C PRO A 119 -0.71 -12.26 5.99
N THR A 120 -1.91 -12.73 6.17
CA THR A 120 -3.10 -12.00 5.82
C THR A 120 -4.08 -12.09 6.99
N ASP A 121 -5.17 -11.39 6.90
CA ASP A 121 -6.17 -11.41 7.94
C ASP A 121 -7.48 -11.89 7.37
N PRO A 122 -8.24 -12.71 8.14
CA PRO A 122 -9.56 -13.20 7.71
C PRO A 122 -10.55 -12.06 7.54
N LYS A 123 -10.41 -11.03 8.35
CA LYS A 123 -11.29 -9.90 8.24
C LYS A 123 -10.69 -8.84 7.34
N ALA A 124 -10.69 -9.13 6.07
CA ALA A 124 -10.21 -8.23 5.04
C ALA A 124 -10.95 -8.54 3.77
N SER A 125 -12.01 -9.28 3.91
CA SER A 125 -12.81 -9.74 2.83
C SER A 125 -14.26 -9.35 3.08
N ASN A 126 -15.11 -9.61 2.12
CA ASN A 126 -16.52 -9.29 2.24
C ASN A 126 -17.33 -10.57 2.48
N TRP A 127 -17.37 -11.43 1.48
CA TRP A 127 -18.06 -12.71 1.60
C TRP A 127 -17.08 -13.85 1.48
N GLY A 128 -15.82 -13.50 1.46
CA GLY A 128 -14.78 -14.46 1.32
C GLY A 128 -14.23 -14.85 2.65
N GLY A 1 19.09 -13.56 -16.32
CA GLY A 1 18.21 -14.43 -15.55
C GLY A 1 17.03 -14.89 -16.37
N HIS A 2 16.77 -16.18 -16.36
CA HIS A 2 15.67 -16.74 -17.13
C HIS A 2 14.36 -16.60 -16.36
N HIS A 3 13.79 -15.42 -16.45
CA HIS A 3 12.52 -15.08 -15.83
C HIS A 3 12.07 -13.68 -16.23
N HIS A 4 11.02 -13.61 -17.00
CA HIS A 4 10.47 -12.33 -17.42
C HIS A 4 8.97 -12.29 -17.18
N HIS A 5 8.28 -13.28 -17.69
CA HIS A 5 6.86 -13.40 -17.43
C HIS A 5 6.68 -14.32 -16.24
N HIS A 6 6.41 -13.74 -15.11
CA HIS A 6 6.36 -14.48 -13.87
C HIS A 6 5.43 -13.79 -12.93
N HIS A 7 5.06 -14.48 -11.86
CA HIS A 7 4.33 -13.87 -10.77
C HIS A 7 2.98 -13.30 -11.27
N LEU A 8 2.07 -14.18 -11.61
CA LEU A 8 0.77 -13.80 -12.16
C LEU A 8 -0.30 -13.80 -11.08
N GLU A 9 -1.43 -13.18 -11.42
CA GLU A 9 -2.58 -12.99 -10.53
C GLU A 9 -2.20 -12.14 -9.34
N LEU A 10 -2.36 -10.87 -9.51
CA LEU A 10 -1.92 -9.94 -8.52
C LEU A 10 -2.99 -8.95 -8.19
N GLU A 11 -3.37 -8.90 -6.95
CA GLU A 11 -4.30 -7.91 -6.50
C GLU A 11 -3.72 -7.22 -5.31
N VAL A 12 -3.41 -6.00 -5.46
CA VAL A 12 -2.89 -5.25 -4.37
C VAL A 12 -3.77 -4.05 -4.24
N HIS A 13 -4.37 -3.91 -3.09
CA HIS A 13 -5.38 -2.89 -2.91
C HIS A 13 -5.59 -2.60 -1.43
N ILE A 14 -6.38 -1.60 -1.12
CA ILE A 14 -6.63 -1.22 0.25
C ILE A 14 -8.10 -1.45 0.60
N PRO A 15 -8.44 -2.61 1.18
CA PRO A 15 -9.82 -2.96 1.49
C PRO A 15 -10.34 -2.33 2.79
N SER A 16 -9.45 -1.84 3.62
CA SER A 16 -9.86 -1.27 4.90
C SER A 16 -8.81 -0.29 5.45
N VAL A 17 -9.28 0.68 6.22
CA VAL A 17 -8.42 1.68 6.86
C VAL A 17 -9.07 2.06 8.18
N GLY A 18 -8.26 2.31 9.18
CA GLY A 18 -8.77 2.71 10.43
C GLY A 18 -7.84 3.69 11.09
N PRO A 19 -8.30 4.45 12.07
CA PRO A 19 -7.42 5.30 12.83
C PRO A 19 -6.59 4.42 13.77
N GLU A 20 -5.32 4.66 13.86
CA GLU A 20 -4.48 3.84 14.70
C GLU A 20 -4.51 4.42 16.11
N ALA A 21 -3.67 5.36 16.35
CA ALA A 21 -3.63 6.03 17.62
C ALA A 21 -3.64 7.51 17.40
N GLU A 22 -4.30 8.22 18.25
CA GLU A 22 -4.24 9.64 18.15
C GLU A 22 -3.14 10.15 19.03
N GLY A 23 -2.10 10.59 18.38
CA GLY A 23 -0.89 10.99 19.02
C GLY A 23 -0.12 9.78 19.55
N PRO A 24 0.58 9.04 18.66
CA PRO A 24 1.45 7.94 19.08
C PRO A 24 2.82 8.45 19.54
N ARG A 25 3.80 7.57 19.54
CA ARG A 25 5.19 7.92 19.88
C ARG A 25 5.73 8.93 18.87
N GLN A 26 6.82 9.62 19.23
CA GLN A 26 7.51 10.56 18.34
C GLN A 26 7.81 9.84 17.02
N SER A 27 7.06 10.18 16.00
CA SER A 27 7.18 9.57 14.71
C SER A 27 7.55 10.64 13.69
N PRO A 28 8.17 10.25 12.52
CA PRO A 28 8.47 11.18 11.42
C PRO A 28 7.22 11.96 11.04
N GLU A 29 6.14 11.25 11.00
CA GLU A 29 4.83 11.77 10.83
C GLU A 29 3.93 10.87 11.65
N LYS A 30 3.01 11.45 12.36
CA LYS A 30 2.21 10.75 13.34
C LYS A 30 1.33 9.69 12.73
N SER A 31 1.27 8.57 13.40
CA SER A 31 0.49 7.46 12.96
C SER A 31 -0.96 7.65 13.40
N HIS A 32 -1.77 8.32 12.61
CA HIS A 32 -3.17 8.45 12.99
C HIS A 32 -4.06 7.89 11.88
N MET A 33 -3.44 7.47 10.81
CA MET A 33 -4.11 6.88 9.68
C MET A 33 -3.40 5.59 9.38
N VAL A 34 -4.04 4.49 9.59
CA VAL A 34 -3.42 3.25 9.30
C VAL A 34 -4.26 2.45 8.31
N PHE A 35 -3.76 2.33 7.10
CA PHE A 35 -4.46 1.59 6.11
C PHE A 35 -3.90 0.22 5.92
N ARG A 36 -4.74 -0.68 5.55
CA ARG A 36 -4.37 -2.05 5.42
C ARG A 36 -4.14 -2.31 3.94
N VAL A 37 -2.90 -2.43 3.53
CA VAL A 37 -2.61 -2.71 2.15
C VAL A 37 -2.55 -4.22 1.94
N GLU A 38 -3.47 -4.71 1.18
CA GLU A 38 -3.61 -6.11 0.94
C GLU A 38 -2.91 -6.47 -0.35
N VAL A 39 -1.81 -7.18 -0.24
CA VAL A 39 -1.02 -7.59 -1.37
C VAL A 39 -1.28 -9.08 -1.67
N LEU A 40 -1.94 -9.35 -2.78
CA LEU A 40 -2.19 -10.71 -3.21
C LEU A 40 -1.12 -11.08 -4.21
N CYS A 41 -0.26 -11.97 -3.80
CA CYS A 41 0.83 -12.44 -4.58
C CYS A 41 0.55 -13.83 -5.11
N SER A 42 0.24 -13.92 -6.41
CA SER A 42 0.04 -15.19 -7.16
C SER A 42 -1.20 -16.01 -6.75
N GLY A 43 -1.45 -16.12 -5.48
CA GLY A 43 -2.60 -16.81 -4.99
C GLY A 43 -2.63 -16.84 -3.49
N ARG A 44 -2.01 -15.83 -2.88
CA ARG A 44 -1.98 -15.67 -1.44
C ARG A 44 -2.03 -14.19 -1.15
N ARG A 45 -2.90 -13.77 -0.27
CA ARG A 45 -2.97 -12.37 0.07
C ARG A 45 -2.84 -12.14 1.53
N HIS A 46 -2.20 -11.06 1.89
CA HIS A 46 -2.06 -10.71 3.26
C HIS A 46 -2.38 -9.25 3.42
N THR A 47 -3.19 -8.96 4.37
CA THR A 47 -3.60 -7.63 4.67
C THR A 47 -2.54 -6.98 5.59
N VAL A 48 -1.73 -6.09 5.05
CA VAL A 48 -0.64 -5.49 5.81
C VAL A 48 -0.94 -4.02 6.18
N PRO A 49 -1.14 -3.71 7.46
CA PRO A 49 -1.39 -2.35 7.92
C PRO A 49 -0.13 -1.48 7.97
N ARG A 50 -0.21 -0.27 7.42
CA ARG A 50 0.89 0.67 7.46
C ARG A 50 0.37 2.11 7.45
N ARG A 51 1.25 3.03 7.77
CA ARG A 51 0.91 4.45 7.84
C ARG A 51 0.82 5.11 6.49
N TYR A 52 0.15 6.24 6.49
CA TYR A 52 0.07 7.10 5.32
C TYR A 52 1.44 7.71 5.09
N SER A 53 2.10 8.04 6.20
CA SER A 53 3.45 8.58 6.22
C SER A 53 4.39 7.64 5.52
N GLU A 54 4.25 6.38 5.85
CA GLU A 54 5.09 5.32 5.38
C GLU A 54 5.00 5.28 3.85
N PHE A 55 3.76 5.29 3.36
CA PHE A 55 3.42 5.27 1.96
C PHE A 55 4.05 6.43 1.19
N HIS A 56 3.84 7.68 1.63
CA HIS A 56 4.34 8.81 0.83
C HIS A 56 5.85 8.87 0.74
N ALA A 57 6.53 8.47 1.81
CA ALA A 57 7.98 8.50 1.82
C ALA A 57 8.61 7.46 0.90
N LEU A 58 8.10 6.20 0.87
CA LEU A 58 8.73 5.24 -0.05
C LEU A 58 8.30 5.55 -1.45
N HIS A 59 7.06 6.02 -1.59
CA HIS A 59 6.49 6.36 -2.88
C HIS A 59 7.38 7.38 -3.57
N LYS A 60 7.81 8.38 -2.83
CA LYS A 60 8.68 9.37 -3.40
C LYS A 60 10.09 8.82 -3.63
N ARG A 61 10.53 7.90 -2.77
CA ARG A 61 11.86 7.35 -2.90
C ARG A 61 11.94 6.51 -4.17
N ILE A 62 10.91 5.73 -4.41
CA ILE A 62 10.85 4.94 -5.59
C ILE A 62 10.41 5.70 -6.83
N LYS A 63 9.83 6.89 -6.71
CA LYS A 63 9.52 7.62 -7.94
C LYS A 63 10.79 8.20 -8.49
N LYS A 64 11.71 8.47 -7.59
CA LYS A 64 13.06 8.86 -7.92
C LYS A 64 13.85 7.61 -8.41
N LEU A 65 13.29 6.42 -8.16
CA LEU A 65 13.94 5.16 -8.45
C LEU A 65 13.41 4.56 -9.78
N TYR A 66 12.11 4.30 -9.87
CA TYR A 66 11.52 3.66 -11.03
C TYR A 66 10.20 4.36 -11.42
N LYS A 67 9.45 3.78 -12.39
CA LYS A 67 8.15 4.33 -12.81
C LYS A 67 7.13 4.31 -11.70
N VAL A 68 6.87 5.48 -11.16
CA VAL A 68 5.97 5.67 -10.07
C VAL A 68 5.25 7.01 -10.27
N PRO A 69 3.92 7.02 -10.20
CA PRO A 69 3.12 8.24 -10.38
C PRO A 69 3.22 9.20 -9.17
N ASP A 70 2.36 10.20 -9.15
CA ASP A 70 2.33 11.22 -8.09
C ASP A 70 1.53 10.70 -6.88
N PHE A 71 1.59 11.39 -5.75
CA PHE A 71 0.89 10.98 -4.55
C PHE A 71 0.11 12.13 -3.91
N PRO A 72 -1.01 11.82 -3.20
CA PRO A 72 -1.76 12.82 -2.42
C PRO A 72 -0.88 13.36 -1.29
N SER A 73 -1.08 14.59 -0.91
CA SER A 73 -0.18 15.22 0.01
C SER A 73 -0.92 15.72 1.27
N LYS A 74 -0.35 16.74 1.92
CA LYS A 74 -0.82 17.23 3.20
C LYS A 74 -2.21 17.89 3.14
N ARG A 75 -2.52 18.63 2.08
CA ARG A 75 -3.87 19.19 2.04
C ARG A 75 -4.77 18.18 1.36
N LEU A 76 -5.57 17.53 2.13
CA LEU A 76 -6.40 16.45 1.66
C LEU A 76 -7.73 16.55 2.45
N PRO A 77 -8.87 15.92 1.98
CA PRO A 77 -10.19 15.96 2.68
C PRO A 77 -10.13 15.86 4.24
N ASN A 78 -11.17 16.38 4.88
CA ASN A 78 -11.29 16.38 6.34
C ASN A 78 -11.89 15.03 6.83
N TRP A 79 -12.21 14.18 5.86
CA TRP A 79 -12.61 12.76 6.04
C TRP A 79 -14.03 12.55 6.58
N ARG A 80 -14.36 13.19 7.66
CA ARG A 80 -15.60 12.92 8.38
C ARG A 80 -16.87 13.12 7.52
N THR A 81 -16.86 14.10 6.66
CA THR A 81 -18.00 14.39 5.82
C THR A 81 -17.78 13.98 4.35
N ARG A 82 -16.69 13.31 4.08
CA ARG A 82 -16.39 12.90 2.70
C ARG A 82 -16.22 11.38 2.60
N GLY A 83 -15.76 10.79 3.67
CA GLY A 83 -15.53 9.39 3.67
C GLY A 83 -14.06 9.10 3.60
N LEU A 84 -13.65 8.05 4.25
CA LEU A 84 -12.26 7.67 4.25
C LEU A 84 -12.04 6.79 3.01
N GLU A 85 -13.14 6.32 2.44
CA GLU A 85 -13.14 5.51 1.23
C GLU A 85 -12.42 6.24 0.09
N GLN A 86 -12.57 7.56 0.07
CA GLN A 86 -11.91 8.41 -0.91
C GLN A 86 -10.39 8.32 -0.78
N ARG A 87 -9.91 8.17 0.45
CA ARG A 87 -8.48 8.10 0.67
C ARG A 87 -7.99 6.76 0.18
N ARG A 88 -8.75 5.71 0.52
CA ARG A 88 -8.49 4.37 0.00
C ARG A 88 -8.36 4.43 -1.49
N GLN A 89 -9.34 5.06 -2.13
CA GLN A 89 -9.43 5.16 -3.58
C GLN A 89 -8.15 5.70 -4.21
N GLY A 90 -7.74 6.88 -3.78
CA GLY A 90 -6.55 7.50 -4.33
C GLY A 90 -5.27 6.72 -4.05
N LEU A 91 -5.07 6.38 -2.81
CA LEU A 91 -3.86 5.70 -2.40
C LEU A 91 -3.76 4.27 -2.97
N GLU A 92 -4.90 3.62 -3.10
CA GLU A 92 -4.97 2.29 -3.70
C GLU A 92 -4.59 2.37 -5.15
N ALA A 93 -5.12 3.37 -5.84
CA ALA A 93 -4.87 3.58 -7.25
C ALA A 93 -3.39 3.74 -7.53
N TYR A 94 -2.68 4.35 -6.60
CA TYR A 94 -1.27 4.55 -6.76
C TYR A 94 -0.44 3.31 -6.44
N ILE A 95 -0.87 2.50 -5.47
CA ILE A 95 -0.18 1.24 -5.21
C ILE A 95 -0.44 0.27 -6.35
N GLN A 96 -1.69 0.20 -6.77
CA GLN A 96 -2.07 -0.62 -7.89
C GLN A 96 -1.35 -0.16 -9.15
N GLY A 97 -1.15 1.17 -9.23
CA GLY A 97 -0.44 1.76 -10.33
C GLY A 97 0.96 1.21 -10.45
N ILE A 98 1.75 1.31 -9.39
CA ILE A 98 3.13 0.82 -9.40
C ILE A 98 3.18 -0.70 -9.52
N LEU A 99 2.17 -1.35 -8.96
CA LEU A 99 1.98 -2.78 -9.07
C LEU A 99 1.73 -3.19 -10.54
N TYR A 100 1.14 -2.29 -11.29
CA TYR A 100 0.85 -2.53 -12.67
C TYR A 100 2.02 -2.07 -13.57
N LEU A 101 2.63 -0.95 -13.20
CA LEU A 101 3.68 -0.29 -13.99
C LEU A 101 4.92 -1.14 -14.23
N ASN A 102 5.58 -1.62 -13.18
CA ASN A 102 6.84 -2.32 -13.42
C ASN A 102 7.19 -3.35 -12.36
N GLN A 103 7.41 -2.90 -11.15
CA GLN A 103 7.95 -3.77 -10.11
C GLN A 103 6.95 -4.72 -9.52
N GLU A 104 5.66 -4.46 -9.74
CA GLU A 104 4.55 -5.26 -9.19
C GLU A 104 4.53 -5.07 -7.67
N VAL A 105 5.37 -5.79 -7.01
CA VAL A 105 5.61 -5.59 -5.62
C VAL A 105 7.11 -5.36 -5.47
N PRO A 106 7.51 -4.09 -5.34
CA PRO A 106 8.91 -3.72 -5.23
C PRO A 106 9.59 -4.43 -4.09
N LYS A 107 10.82 -4.86 -4.35
CA LYS A 107 11.66 -5.59 -3.38
C LYS A 107 11.87 -4.70 -2.14
N GLU A 108 11.72 -3.40 -2.34
CA GLU A 108 11.83 -2.45 -1.28
C GLU A 108 10.75 -2.68 -0.20
N LEU A 109 9.52 -3.07 -0.63
CA LEU A 109 8.43 -3.36 0.31
C LEU A 109 8.78 -4.57 1.13
N LEU A 110 9.50 -5.46 0.52
CA LEU A 110 9.96 -6.66 1.15
C LEU A 110 10.89 -6.33 2.31
N GLU A 111 11.76 -5.37 2.14
CA GLU A 111 12.60 -4.88 3.23
C GLU A 111 11.83 -3.91 4.17
N PHE A 112 10.75 -3.35 3.66
CA PHE A 112 10.06 -2.20 4.28
C PHE A 112 9.10 -2.65 5.35
N LEU A 113 8.26 -3.56 4.98
CA LEU A 113 7.24 -4.10 5.87
C LEU A 113 7.66 -5.49 6.27
N ARG A 114 8.76 -5.90 5.69
CA ARG A 114 9.28 -7.24 5.78
C ARG A 114 8.33 -8.22 5.09
N LEU A 115 8.14 -8.00 3.80
CA LEU A 115 7.27 -8.83 2.99
C LEU A 115 8.10 -9.84 2.23
N ARG A 116 9.40 -9.85 2.52
CA ARG A 116 10.34 -10.67 1.80
C ARG A 116 9.98 -12.14 1.86
N HIS A 117 9.86 -12.72 0.66
CA HIS A 117 9.43 -14.08 0.45
C HIS A 117 7.94 -14.26 0.75
N PHE A 118 7.17 -14.25 -0.28
CA PHE A 118 5.75 -14.53 -0.20
C PHE A 118 5.57 -15.97 -0.60
N PRO A 119 4.60 -16.69 -0.03
CA PRO A 119 4.28 -18.01 -0.50
C PRO A 119 3.60 -17.89 -1.86
N THR A 120 4.29 -18.32 -2.90
CA THR A 120 3.78 -18.16 -4.24
C THR A 120 2.92 -19.37 -4.65
N ASP A 121 2.76 -20.33 -3.75
CA ASP A 121 1.88 -21.44 -4.03
C ASP A 121 0.44 -20.93 -3.90
N PRO A 122 -0.32 -20.97 -4.97
CA PRO A 122 -1.64 -20.37 -5.01
C PRO A 122 -2.72 -21.17 -4.30
N LYS A 123 -3.46 -20.48 -3.46
CA LYS A 123 -4.64 -21.00 -2.80
C LYS A 123 -5.34 -19.84 -2.12
N ALA A 124 -6.20 -19.21 -2.85
CA ALA A 124 -7.00 -18.14 -2.36
C ALA A 124 -8.35 -18.25 -2.99
N SER A 125 -9.31 -18.68 -2.22
CA SER A 125 -10.63 -18.87 -2.72
C SER A 125 -11.37 -17.53 -2.82
N ASN A 126 -11.28 -16.93 -3.98
CA ASN A 126 -11.91 -15.68 -4.28
C ASN A 126 -12.45 -15.74 -5.68
N TRP A 127 -13.73 -15.62 -5.82
CA TRP A 127 -14.36 -15.68 -7.07
C TRP A 127 -15.26 -14.48 -7.21
N GLY A 128 -15.41 -14.04 -8.41
CA GLY A 128 -16.23 -12.93 -8.72
C GLY A 128 -16.36 -12.85 -10.19
N GLY A 1 20.39 -12.04 -23.90
CA GLY A 1 18.95 -12.18 -23.69
C GLY A 1 18.48 -11.31 -22.56
N HIS A 2 17.21 -10.93 -22.60
CA HIS A 2 16.65 -10.10 -21.56
C HIS A 2 15.83 -10.93 -20.58
N HIS A 3 16.48 -11.35 -19.51
CA HIS A 3 15.84 -12.12 -18.44
C HIS A 3 14.73 -11.30 -17.81
N HIS A 4 13.57 -11.88 -17.76
CA HIS A 4 12.44 -11.23 -17.15
C HIS A 4 11.62 -12.24 -16.36
N HIS A 5 11.50 -12.00 -15.08
CA HIS A 5 10.75 -12.89 -14.22
C HIS A 5 10.00 -12.08 -13.19
N HIS A 6 8.70 -12.13 -13.25
CA HIS A 6 7.84 -11.42 -12.34
C HIS A 6 7.11 -12.41 -11.45
N HIS A 7 6.21 -11.91 -10.65
CA HIS A 7 5.40 -12.74 -9.79
C HIS A 7 3.96 -12.43 -10.16
N LEU A 8 3.33 -13.36 -10.84
CA LEU A 8 2.02 -13.13 -11.48
C LEU A 8 0.84 -12.99 -10.53
N GLU A 9 -0.25 -12.44 -11.11
CA GLU A 9 -1.56 -12.21 -10.47
C GLU A 9 -1.46 -11.15 -9.37
N LEU A 10 -1.87 -9.93 -9.68
CA LEU A 10 -1.72 -8.81 -8.74
C LEU A 10 -3.01 -8.02 -8.54
N GLU A 11 -3.38 -7.86 -7.29
CA GLU A 11 -4.45 -6.97 -6.87
C GLU A 11 -4.08 -6.35 -5.56
N VAL A 12 -3.88 -5.09 -5.53
CA VAL A 12 -3.58 -4.49 -4.27
C VAL A 12 -4.76 -3.62 -3.93
N HIS A 13 -5.39 -3.89 -2.82
CA HIS A 13 -6.59 -3.16 -2.46
C HIS A 13 -6.58 -2.83 -0.98
N ILE A 14 -7.24 -1.79 -0.63
CA ILE A 14 -7.35 -1.38 0.74
C ILE A 14 -8.79 -1.69 1.17
N PRO A 15 -9.00 -2.75 1.96
CA PRO A 15 -10.34 -3.12 2.40
C PRO A 15 -10.83 -2.28 3.59
N SER A 16 -9.90 -1.72 4.35
CA SER A 16 -10.24 -0.94 5.53
C SER A 16 -9.10 0.03 5.87
N VAL A 17 -9.41 1.10 6.55
CA VAL A 17 -8.43 2.08 6.99
C VAL A 17 -8.76 2.48 8.41
N GLY A 18 -7.82 2.42 9.31
CA GLY A 18 -8.12 2.88 10.65
C GLY A 18 -7.07 3.81 11.23
N PRO A 19 -7.44 4.71 12.14
CA PRO A 19 -6.47 5.51 12.87
C PRO A 19 -5.87 4.62 13.97
N GLU A 20 -4.60 4.34 13.86
CA GLU A 20 -3.99 3.33 14.71
C GLU A 20 -2.46 3.40 14.71
N ALA A 21 -1.88 4.00 13.72
CA ALA A 21 -0.44 4.07 13.62
C ALA A 21 0.11 5.10 14.57
N GLU A 22 1.39 5.01 14.86
CA GLU A 22 2.01 5.94 15.77
C GLU A 22 2.06 7.32 15.20
N GLY A 23 1.27 8.16 15.77
CA GLY A 23 1.22 9.51 15.42
C GLY A 23 1.13 10.33 16.67
N PRO A 24 2.12 11.16 16.91
CA PRO A 24 2.19 11.95 18.14
C PRO A 24 1.24 13.15 18.11
N ARG A 25 1.48 14.08 19.02
CA ARG A 25 0.76 15.33 19.08
C ARG A 25 1.05 16.08 17.77
N GLN A 26 0.22 17.07 17.40
CA GLN A 26 0.29 17.72 16.07
C GLN A 26 1.71 18.12 15.65
N SER A 27 2.27 17.28 14.82
CA SER A 27 3.59 17.47 14.28
C SER A 27 3.49 17.52 12.76
N PRO A 28 4.44 18.19 12.07
CA PRO A 28 4.46 18.21 10.62
C PRO A 28 4.87 16.84 10.06
N GLU A 29 5.56 16.08 10.89
CA GLU A 29 6.00 14.76 10.54
C GLU A 29 5.06 13.73 11.17
N LYS A 30 5.20 12.47 10.74
CA LYS A 30 4.40 11.34 11.22
C LYS A 30 2.93 11.46 10.83
N SER A 31 2.21 10.39 11.03
CA SER A 31 0.80 10.32 10.78
C SER A 31 0.24 9.29 11.72
N HIS A 32 -0.94 9.52 12.25
CA HIS A 32 -1.54 8.51 13.10
C HIS A 32 -2.52 7.66 12.28
N MET A 33 -2.64 7.99 11.00
CA MET A 33 -3.58 7.36 10.13
C MET A 33 -2.91 6.20 9.39
N VAL A 34 -3.59 5.06 9.32
CA VAL A 34 -3.03 3.90 8.68
C VAL A 34 -4.06 3.11 7.86
N PHE A 35 -3.75 2.91 6.60
CA PHE A 35 -4.62 2.14 5.75
C PHE A 35 -4.08 0.74 5.55
N ARG A 36 -4.96 -0.20 5.43
CA ARG A 36 -4.60 -1.59 5.30
C ARG A 36 -4.56 -1.97 3.81
N VAL A 37 -3.39 -2.08 3.25
CA VAL A 37 -3.25 -2.48 1.85
C VAL A 37 -2.99 -3.97 1.73
N GLU A 38 -3.88 -4.66 1.05
CA GLU A 38 -3.70 -6.05 0.82
C GLU A 38 -3.09 -6.25 -0.53
N VAL A 39 -1.89 -6.73 -0.50
CA VAL A 39 -1.18 -7.03 -1.71
C VAL A 39 -1.47 -8.47 -2.09
N LEU A 40 -2.30 -8.63 -3.10
CA LEU A 40 -2.63 -9.92 -3.61
C LEU A 40 -1.69 -10.24 -4.72
N CYS A 41 -0.99 -11.31 -4.57
CA CYS A 41 -0.11 -11.77 -5.55
C CYS A 41 -0.17 -13.28 -5.59
N SER A 42 -0.32 -13.82 -6.79
CA SER A 42 -0.42 -15.26 -7.02
C SER A 42 -1.67 -15.83 -6.31
N GLY A 43 -2.65 -14.96 -6.07
CA GLY A 43 -3.91 -15.40 -5.44
C GLY A 43 -3.92 -15.15 -3.95
N ARG A 44 -2.76 -15.01 -3.36
CA ARG A 44 -2.65 -14.81 -1.93
C ARG A 44 -2.50 -13.32 -1.62
N ARG A 45 -3.13 -12.86 -0.57
CA ARG A 45 -3.09 -11.43 -0.22
C ARG A 45 -2.81 -11.23 1.26
N HIS A 46 -1.81 -10.43 1.56
CA HIS A 46 -1.47 -10.14 2.94
C HIS A 46 -1.97 -8.75 3.26
N THR A 47 -2.62 -8.60 4.40
CA THR A 47 -3.14 -7.31 4.79
C THR A 47 -2.02 -6.54 5.48
N VAL A 48 -1.51 -5.54 4.80
CA VAL A 48 -0.40 -4.78 5.33
C VAL A 48 -0.81 -3.36 5.71
N PRO A 49 -0.80 -3.02 7.02
CA PRO A 49 -1.03 -1.66 7.47
C PRO A 49 0.07 -0.72 6.96
N ARG A 50 -0.32 0.32 6.29
CA ARG A 50 0.58 1.26 5.72
C ARG A 50 0.23 2.65 6.24
N ARG A 51 1.08 3.21 7.06
CA ARG A 51 0.86 4.55 7.56
C ARG A 51 1.06 5.57 6.44
N TYR A 52 0.15 6.54 6.40
CA TYR A 52 0.10 7.55 5.31
C TYR A 52 1.46 8.23 5.09
N SER A 53 2.12 8.59 6.18
CA SER A 53 3.40 9.27 6.11
C SER A 53 4.49 8.32 5.58
N GLU A 54 4.35 7.01 5.89
CA GLU A 54 5.35 6.02 5.48
C GLU A 54 5.22 5.75 4.02
N PHE A 55 3.98 5.74 3.52
CA PHE A 55 3.78 5.53 2.11
C PHE A 55 4.42 6.64 1.31
N HIS A 56 4.34 7.85 1.85
CA HIS A 56 4.93 8.99 1.20
C HIS A 56 6.47 8.81 1.10
N ALA A 57 7.07 8.27 2.17
CA ALA A 57 8.51 7.99 2.19
C ALA A 57 8.85 6.83 1.24
N LEU A 58 8.04 5.80 1.30
CA LEU A 58 8.13 4.61 0.43
C LEU A 58 8.09 5.01 -1.03
N HIS A 59 7.13 5.84 -1.36
CA HIS A 59 6.94 6.29 -2.72
C HIS A 59 8.18 7.07 -3.16
N LYS A 60 8.78 7.83 -2.24
CA LYS A 60 9.99 8.59 -2.55
C LYS A 60 11.20 7.69 -2.77
N ARG A 61 11.21 6.53 -2.14
CA ARG A 61 12.34 5.65 -2.26
C ARG A 61 12.34 4.99 -3.63
N ILE A 62 11.16 4.56 -4.05
CA ILE A 62 11.03 3.85 -5.29
C ILE A 62 10.75 4.72 -6.51
N LYS A 63 10.40 5.98 -6.30
CA LYS A 63 10.06 6.85 -7.44
C LYS A 63 11.23 7.00 -8.41
N LYS A 64 12.43 6.92 -7.89
CA LYS A 64 13.63 6.98 -8.71
C LYS A 64 14.16 5.55 -8.97
N LEU A 65 13.64 4.60 -8.24
CA LEU A 65 14.11 3.23 -8.31
C LEU A 65 13.42 2.50 -9.46
N TYR A 66 12.11 2.53 -9.51
CA TYR A 66 11.41 1.87 -10.59
C TYR A 66 10.31 2.76 -11.15
N LYS A 67 9.55 2.26 -12.10
CA LYS A 67 8.47 3.03 -12.70
C LYS A 67 7.33 3.21 -11.73
N VAL A 68 7.10 4.45 -11.37
CA VAL A 68 6.15 4.83 -10.35
C VAL A 68 5.49 6.15 -10.79
N PRO A 69 4.14 6.31 -10.65
CA PRO A 69 3.46 7.56 -11.02
C PRO A 69 3.63 8.61 -9.93
N ASP A 70 2.81 9.65 -9.98
CA ASP A 70 2.88 10.73 -9.02
C ASP A 70 2.30 10.35 -7.68
N PHE A 71 2.36 11.26 -6.76
CA PHE A 71 1.98 11.02 -5.39
C PHE A 71 1.05 12.10 -4.87
N PRO A 72 0.33 11.81 -3.78
CA PRO A 72 -0.47 12.81 -3.08
C PRO A 72 0.39 13.58 -2.05
N SER A 73 -0.06 14.75 -1.68
CA SER A 73 0.66 15.55 -0.72
C SER A 73 0.58 14.90 0.66
N LYS A 74 1.60 15.12 1.48
CA LYS A 74 1.61 14.60 2.83
C LYS A 74 0.67 15.40 3.72
N ARG A 75 0.43 16.64 3.37
CA ARG A 75 -0.48 17.45 4.12
C ARG A 75 -1.87 17.24 3.55
N LEU A 76 -2.68 16.58 4.31
CA LEU A 76 -4.00 16.21 3.88
C LEU A 76 -4.91 16.41 5.10
N PRO A 77 -6.17 16.93 4.91
CA PRO A 77 -7.16 17.11 5.99
C PRO A 77 -7.18 15.95 7.02
N ASN A 78 -7.54 16.28 8.26
CA ASN A 78 -7.53 15.28 9.36
C ASN A 78 -8.52 14.17 9.14
N TRP A 79 -9.49 14.44 8.24
CA TRP A 79 -10.39 13.43 7.71
C TRP A 79 -11.28 12.83 8.83
N ARG A 80 -11.55 13.61 9.84
CA ARG A 80 -12.33 13.14 10.97
C ARG A 80 -13.81 12.91 10.61
N THR A 81 -14.29 13.66 9.66
CA THR A 81 -15.69 13.55 9.25
C THR A 81 -15.82 12.86 7.87
N ARG A 82 -14.77 12.89 7.09
CA ARG A 82 -14.82 12.39 5.71
C ARG A 82 -14.72 10.84 5.71
N GLY A 83 -15.32 10.20 4.71
CA GLY A 83 -15.29 8.75 4.62
C GLY A 83 -14.02 8.25 3.96
N LEU A 84 -13.44 7.19 4.51
CA LEU A 84 -12.17 6.64 4.04
C LEU A 84 -12.16 6.09 2.65
N GLU A 85 -13.32 5.76 2.14
CA GLU A 85 -13.47 5.20 0.79
C GLU A 85 -12.78 6.11 -0.26
N GLN A 86 -12.82 7.40 -0.02
CA GLN A 86 -12.23 8.38 -0.91
C GLN A 86 -10.69 8.39 -0.83
N ARG A 87 -10.15 8.40 0.40
CA ARG A 87 -8.70 8.38 0.59
C ARG A 87 -8.17 7.07 0.08
N ARG A 88 -8.83 6.02 0.50
CA ARG A 88 -8.55 4.68 0.07
C ARG A 88 -8.47 4.54 -1.44
N GLN A 89 -9.47 5.03 -2.16
CA GLN A 89 -9.49 4.91 -3.61
C GLN A 89 -8.26 5.57 -4.24
N GLY A 90 -7.93 6.76 -3.76
CA GLY A 90 -6.81 7.50 -4.31
C GLY A 90 -5.49 6.79 -4.11
N LEU A 91 -5.23 6.39 -2.88
CA LEU A 91 -4.00 5.71 -2.55
C LEU A 91 -3.94 4.33 -3.17
N GLU A 92 -5.07 3.63 -3.19
CA GLU A 92 -5.14 2.30 -3.78
C GLU A 92 -4.81 2.36 -5.25
N ALA A 93 -5.34 3.40 -5.92
CA ALA A 93 -5.09 3.62 -7.34
C ALA A 93 -3.61 3.73 -7.61
N TYR A 94 -2.89 4.47 -6.76
CA TYR A 94 -1.45 4.57 -6.94
C TYR A 94 -0.78 3.27 -6.58
N ILE A 95 -0.99 2.79 -5.35
CA ILE A 95 -0.27 1.61 -4.84
C ILE A 95 -0.45 0.39 -5.73
N GLN A 96 -1.67 0.14 -6.17
CA GLN A 96 -1.93 -0.96 -7.06
C GLN A 96 -1.24 -0.73 -8.38
N GLY A 97 -1.32 0.50 -8.87
CA GLY A 97 -0.68 0.86 -10.11
C GLY A 97 0.82 0.66 -10.06
N ILE A 98 1.44 1.29 -9.06
CA ILE A 98 2.91 1.23 -8.81
C ILE A 98 3.37 -0.20 -8.78
N LEU A 99 2.69 -1.00 -8.03
CA LEU A 99 3.07 -2.35 -7.87
C LEU A 99 2.82 -3.15 -9.16
N TYR A 100 1.75 -2.84 -9.88
CA TYR A 100 1.41 -3.55 -11.12
C TYR A 100 2.24 -3.05 -12.33
N LEU A 101 2.76 -1.83 -12.24
CA LEU A 101 3.48 -1.18 -13.35
C LEU A 101 4.69 -1.92 -13.84
N ASN A 102 5.61 -2.17 -12.97
CA ASN A 102 6.89 -2.65 -13.44
C ASN A 102 7.41 -3.81 -12.67
N GLN A 103 7.41 -3.71 -11.36
CA GLN A 103 8.07 -4.78 -10.61
C GLN A 103 7.17 -5.91 -10.22
N GLU A 104 5.91 -5.60 -10.01
CA GLU A 104 4.90 -6.58 -9.56
C GLU A 104 5.34 -7.26 -8.26
N VAL A 105 4.87 -6.68 -7.16
CA VAL A 105 5.35 -6.96 -5.79
C VAL A 105 6.87 -6.89 -5.69
N PRO A 106 7.38 -5.67 -5.57
CA PRO A 106 8.81 -5.38 -5.53
C PRO A 106 9.53 -5.90 -4.31
N LYS A 107 10.81 -6.17 -4.50
CA LYS A 107 11.72 -6.57 -3.45
C LYS A 107 11.86 -5.42 -2.44
N GLU A 108 11.57 -4.18 -2.87
CA GLU A 108 11.70 -3.04 -2.02
C GLU A 108 10.69 -3.18 -0.88
N LEU A 109 9.42 -3.46 -1.23
CA LEU A 109 8.36 -3.66 -0.26
C LEU A 109 8.71 -4.83 0.64
N LEU A 110 9.36 -5.81 0.05
CA LEU A 110 9.79 -7.01 0.72
C LEU A 110 10.72 -6.59 1.89
N GLU A 111 11.65 -5.70 1.60
CA GLU A 111 12.59 -5.16 2.60
C GLU A 111 11.93 -4.08 3.50
N PHE A 112 11.01 -3.32 2.94
CA PHE A 112 10.49 -2.11 3.58
C PHE A 112 9.51 -2.45 4.67
N LEU A 113 8.75 -3.46 4.43
CA LEU A 113 7.73 -3.91 5.35
C LEU A 113 8.17 -5.20 5.99
N ARG A 114 9.25 -5.76 5.46
CA ARG A 114 9.76 -7.06 5.85
C ARG A 114 8.74 -8.15 5.55
N LEU A 115 8.44 -8.27 4.27
CA LEU A 115 7.43 -9.19 3.75
C LEU A 115 8.07 -10.52 3.37
N ARG A 116 9.26 -10.78 3.89
CA ARG A 116 9.99 -11.98 3.50
C ARG A 116 9.21 -13.23 3.84
N HIS A 117 8.99 -14.04 2.81
CA HIS A 117 8.24 -15.27 2.88
C HIS A 117 6.83 -14.97 3.34
N PHE A 118 5.96 -14.60 2.42
CA PHE A 118 4.60 -14.30 2.81
C PHE A 118 3.56 -15.24 2.21
N PRO A 119 3.31 -16.40 2.86
CA PRO A 119 2.23 -17.28 2.47
C PRO A 119 0.90 -16.72 2.99
N THR A 120 1.01 -15.97 4.09
CA THR A 120 -0.10 -15.30 4.73
C THR A 120 -1.05 -16.27 5.44
N ASP A 121 -0.97 -16.29 6.74
CA ASP A 121 -1.91 -17.04 7.55
C ASP A 121 -3.04 -16.11 7.92
N PRO A 122 -4.28 -16.51 7.69
CA PRO A 122 -5.41 -15.67 7.96
C PRO A 122 -5.74 -15.57 9.46
N LYS A 123 -5.42 -14.43 10.03
CA LYS A 123 -5.80 -14.14 11.41
C LYS A 123 -7.27 -13.81 11.36
N ALA A 124 -7.60 -12.94 10.42
CA ALA A 124 -8.93 -12.52 10.23
C ALA A 124 -9.63 -13.43 9.23
N SER A 125 -10.16 -14.49 9.73
CA SER A 125 -10.94 -15.39 8.94
C SER A 125 -12.38 -15.30 9.42
N ASN A 126 -13.14 -14.46 8.77
CA ASN A 126 -14.48 -14.21 9.20
C ASN A 126 -15.40 -13.97 8.03
N TRP A 127 -16.34 -14.84 7.87
CA TRP A 127 -17.34 -14.73 6.86
C TRP A 127 -18.68 -14.59 7.53
N GLY A 128 -19.27 -13.43 7.43
CA GLY A 128 -20.53 -13.18 8.05
C GLY A 128 -20.94 -11.77 7.82
N GLY A 1 13.53 -17.20 -24.14
CA GLY A 1 13.50 -18.48 -23.42
C GLY A 1 12.09 -18.89 -23.10
N HIS A 2 11.85 -19.24 -21.85
CA HIS A 2 10.53 -19.64 -21.42
C HIS A 2 10.20 -19.03 -20.07
N HIS A 3 9.46 -17.96 -20.11
CA HIS A 3 9.01 -17.29 -18.90
C HIS A 3 7.77 -16.49 -19.19
N HIS A 4 6.80 -16.60 -18.32
CA HIS A 4 5.54 -15.93 -18.50
C HIS A 4 5.01 -15.31 -17.23
N HIS A 5 5.09 -14.00 -17.15
CA HIS A 5 4.53 -13.22 -16.06
C HIS A 5 3.23 -12.59 -16.50
N HIS A 6 2.61 -13.20 -17.47
CA HIS A 6 1.29 -12.80 -17.92
C HIS A 6 0.27 -13.34 -16.93
N HIS A 7 -0.09 -12.52 -15.98
CA HIS A 7 -0.99 -12.92 -14.91
C HIS A 7 -2.13 -11.95 -14.72
N LEU A 8 -3.33 -12.47 -14.71
CA LEU A 8 -4.52 -11.67 -14.54
C LEU A 8 -4.94 -11.69 -13.07
N GLU A 9 -4.37 -12.63 -12.33
CA GLU A 9 -4.60 -12.74 -10.92
C GLU A 9 -3.66 -11.75 -10.21
N LEU A 10 -4.13 -10.53 -10.04
CA LEU A 10 -3.30 -9.49 -9.50
C LEU A 10 -4.18 -8.33 -9.04
N GLU A 11 -4.20 -8.09 -7.75
CA GLU A 11 -4.98 -6.99 -7.18
C GLU A 11 -4.26 -6.39 -6.01
N VAL A 12 -4.32 -5.11 -5.90
CA VAL A 12 -3.79 -4.46 -4.74
C VAL A 12 -4.80 -3.42 -4.37
N HIS A 13 -5.32 -3.50 -3.20
CA HIS A 13 -6.36 -2.56 -2.80
C HIS A 13 -6.41 -2.45 -1.33
N ILE A 14 -6.93 -1.36 -0.86
CA ILE A 14 -7.09 -1.11 0.53
C ILE A 14 -8.54 -1.37 0.87
N PRO A 15 -8.87 -2.49 1.48
CA PRO A 15 -10.25 -2.80 1.81
C PRO A 15 -10.73 -2.01 3.03
N SER A 16 -9.81 -1.70 3.94
CA SER A 16 -10.14 -0.99 5.14
C SER A 16 -8.98 -0.11 5.59
N VAL A 17 -9.32 1.00 6.18
CA VAL A 17 -8.35 1.92 6.76
C VAL A 17 -8.85 2.29 8.12
N GLY A 18 -8.04 2.17 9.13
CA GLY A 18 -8.52 2.60 10.41
C GLY A 18 -7.48 3.23 11.29
N PRO A 19 -7.92 4.01 12.29
CA PRO A 19 -7.06 4.59 13.33
C PRO A 19 -6.76 3.53 14.38
N GLU A 20 -6.41 2.38 13.87
CA GLU A 20 -6.37 1.17 14.62
C GLU A 20 -4.99 0.79 15.17
N ALA A 21 -3.94 1.35 14.66
CA ALA A 21 -2.63 0.94 15.14
C ALA A 21 -1.93 2.04 15.85
N GLU A 22 -1.99 1.98 17.14
CA GLU A 22 -1.37 2.96 17.96
C GLU A 22 0.10 2.59 18.05
N GLY A 23 0.93 3.44 17.53
CA GLY A 23 2.33 3.19 17.52
C GLY A 23 2.79 2.68 16.18
N PRO A 24 2.99 3.58 15.22
CA PRO A 24 3.50 3.23 13.90
C PRO A 24 5.04 3.28 13.92
N ARG A 25 5.63 3.49 12.76
CA ARG A 25 7.08 3.65 12.67
C ARG A 25 7.51 4.92 13.42
N GLN A 26 8.81 5.16 13.48
CA GLN A 26 9.32 6.37 14.08
C GLN A 26 8.86 7.55 13.24
N SER A 27 7.91 8.29 13.77
CA SER A 27 7.26 9.32 13.02
C SER A 27 7.48 10.71 13.65
N PRO A 28 7.72 11.73 12.81
CA PRO A 28 7.91 13.11 13.26
C PRO A 28 6.57 13.78 13.65
N GLU A 29 5.46 13.15 13.30
CA GLU A 29 4.16 13.70 13.62
C GLU A 29 3.29 12.70 14.40
N LYS A 30 3.44 11.39 14.09
CA LYS A 30 2.68 10.28 14.72
C LYS A 30 1.30 10.11 14.12
N SER A 31 1.10 9.02 13.43
CA SER A 31 -0.18 8.72 12.85
C SER A 31 -0.55 7.27 13.13
N HIS A 32 -1.53 7.09 14.01
CA HIS A 32 -2.03 5.76 14.37
C HIS A 32 -3.10 5.29 13.39
N MET A 33 -3.37 6.11 12.42
CA MET A 33 -4.32 5.81 11.41
C MET A 33 -3.60 5.19 10.24
N VAL A 34 -3.99 3.98 9.95
CA VAL A 34 -3.27 3.15 9.06
C VAL A 34 -4.21 2.43 8.10
N PHE A 35 -3.76 2.28 6.86
CA PHE A 35 -4.51 1.53 5.90
C PHE A 35 -3.85 0.21 5.65
N ARG A 36 -4.64 -0.76 5.32
CA ARG A 36 -4.16 -2.09 5.10
C ARG A 36 -4.25 -2.36 3.61
N VAL A 37 -3.15 -2.50 2.93
CA VAL A 37 -3.17 -2.79 1.51
C VAL A 37 -3.11 -4.30 1.26
N GLU A 38 -4.05 -4.82 0.50
CA GLU A 38 -4.01 -6.20 0.14
C GLU A 38 -3.27 -6.34 -1.15
N VAL A 39 -2.09 -6.88 -1.07
CA VAL A 39 -1.27 -7.16 -2.21
C VAL A 39 -1.51 -8.60 -2.62
N LEU A 40 -2.25 -8.80 -3.68
CA LEU A 40 -2.57 -10.10 -4.20
C LEU A 40 -1.66 -10.31 -5.40
N CYS A 41 -0.82 -11.30 -5.32
CA CYS A 41 0.08 -11.59 -6.39
C CYS A 41 0.06 -13.09 -6.68
N SER A 42 -0.44 -13.44 -7.87
CA SER A 42 -0.53 -14.84 -8.35
C SER A 42 -1.62 -15.67 -7.63
N GLY A 43 -2.25 -15.09 -6.65
CA GLY A 43 -3.30 -15.79 -5.95
C GLY A 43 -3.39 -15.40 -4.52
N ARG A 44 -2.28 -15.45 -3.82
CA ARG A 44 -2.27 -15.11 -2.41
C ARG A 44 -2.08 -13.63 -2.19
N ARG A 45 -2.53 -13.16 -1.05
CA ARG A 45 -2.50 -11.75 -0.71
C ARG A 45 -1.93 -11.53 0.67
N HIS A 46 -1.69 -10.29 1.01
CA HIS A 46 -1.27 -9.93 2.37
C HIS A 46 -2.02 -8.71 2.75
N THR A 47 -2.22 -8.53 4.02
CA THR A 47 -2.77 -7.31 4.51
C THR A 47 -1.63 -6.50 5.07
N VAL A 48 -1.14 -5.58 4.28
CA VAL A 48 0.03 -4.83 4.63
C VAL A 48 -0.35 -3.45 5.21
N PRO A 49 -0.07 -3.23 6.50
CA PRO A 49 -0.32 -1.96 7.17
C PRO A 49 0.65 -0.88 6.69
N ARG A 50 0.13 0.20 6.23
CA ARG A 50 0.93 1.28 5.73
C ARG A 50 0.27 2.60 6.13
N ARG A 51 0.98 3.48 6.80
CA ARG A 51 0.41 4.79 7.04
C ARG A 51 0.68 5.66 5.81
N TYR A 52 0.03 6.82 5.76
CA TYR A 52 0.06 7.65 4.56
C TYR A 52 1.50 8.10 4.22
N SER A 53 2.23 8.58 5.21
CA SER A 53 3.59 9.06 5.00
C SER A 53 4.54 7.93 4.58
N GLU A 54 4.29 6.71 5.04
CA GLU A 54 5.12 5.58 4.63
C GLU A 54 4.93 5.30 3.17
N PHE A 55 3.67 5.30 2.72
CA PHE A 55 3.33 5.17 1.33
C PHE A 55 3.99 6.30 0.54
N HIS A 56 3.98 7.49 1.12
CA HIS A 56 4.52 8.66 0.49
C HIS A 56 6.03 8.47 0.27
N ALA A 57 6.70 7.91 1.29
CA ALA A 57 8.12 7.58 1.24
C ALA A 57 8.37 6.45 0.25
N LEU A 58 7.52 5.45 0.31
CA LEU A 58 7.52 4.28 -0.58
C LEU A 58 7.45 4.74 -2.02
N HIS A 59 6.52 5.62 -2.29
CA HIS A 59 6.29 6.13 -3.60
C HIS A 59 7.52 6.89 -4.11
N LYS A 60 8.11 7.74 -3.27
CA LYS A 60 9.27 8.50 -3.72
C LYS A 60 10.50 7.61 -3.88
N ARG A 61 10.65 6.62 -2.98
CA ARG A 61 11.77 5.68 -3.02
C ARG A 61 11.82 4.99 -4.35
N ILE A 62 10.71 4.45 -4.75
CA ILE A 62 10.65 3.72 -5.98
C ILE A 62 10.52 4.58 -7.22
N LYS A 63 10.11 5.85 -7.10
CA LYS A 63 10.04 6.70 -8.30
C LYS A 63 11.44 6.97 -8.80
N LYS A 64 12.38 6.89 -7.88
CA LYS A 64 13.77 6.99 -8.16
C LYS A 64 14.26 5.70 -8.89
N LEU A 65 13.58 4.58 -8.66
CA LEU A 65 13.98 3.29 -9.23
C LEU A 65 13.19 2.86 -10.47
N TYR A 66 11.86 2.75 -10.38
CA TYR A 66 11.11 2.15 -11.47
C TYR A 66 9.88 2.98 -11.88
N LYS A 67 9.08 2.43 -12.81
CA LYS A 67 7.82 3.04 -13.30
C LYS A 67 6.90 3.37 -12.14
N VAL A 68 6.71 4.66 -11.92
CA VAL A 68 5.93 5.16 -10.80
C VAL A 68 5.23 6.47 -11.20
N PRO A 69 3.91 6.61 -10.91
CA PRO A 69 3.17 7.86 -11.18
C PRO A 69 3.62 9.02 -10.27
N ASP A 70 2.91 10.12 -10.30
CA ASP A 70 3.22 11.29 -9.45
C ASP A 70 2.55 11.09 -8.07
N PHE A 71 3.01 11.77 -7.03
CA PHE A 71 2.43 11.54 -5.71
C PHE A 71 1.51 12.63 -5.20
N PRO A 72 0.46 12.24 -4.44
CA PRO A 72 -0.40 13.16 -3.72
C PRO A 72 0.41 13.89 -2.63
N SER A 73 -0.11 15.00 -2.17
CA SER A 73 0.56 15.80 -1.17
C SER A 73 0.82 15.03 0.14
N LYS A 74 1.72 15.55 0.97
CA LYS A 74 2.07 14.91 2.24
C LYS A 74 0.92 15.01 3.21
N ARG A 75 0.33 16.17 3.28
CA ARG A 75 -0.71 16.44 4.22
C ARG A 75 -2.02 16.70 3.51
N LEU A 76 -3.05 16.04 3.98
CA LEU A 76 -4.40 16.23 3.51
C LEU A 76 -5.29 16.32 4.73
N PRO A 77 -6.54 16.80 4.59
CA PRO A 77 -7.51 16.77 5.70
C PRO A 77 -7.68 15.34 6.24
N ASN A 78 -8.23 15.23 7.43
CA ASN A 78 -8.40 13.94 8.12
C ASN A 78 -9.60 13.13 7.52
N TRP A 79 -10.11 13.61 6.38
CA TRP A 79 -11.21 12.99 5.62
C TRP A 79 -12.51 12.93 6.42
N ARG A 80 -12.57 13.71 7.48
CA ARG A 80 -13.71 13.73 8.39
C ARG A 80 -14.98 14.21 7.68
N THR A 81 -14.80 15.05 6.69
CA THR A 81 -15.90 15.62 5.95
C THR A 81 -16.35 14.73 4.78
N ARG A 82 -15.70 13.58 4.62
CA ARG A 82 -16.00 12.68 3.51
C ARG A 82 -16.08 11.23 3.94
N GLY A 83 -15.00 10.74 4.47
CA GLY A 83 -14.92 9.37 4.84
C GLY A 83 -13.65 8.77 4.29
N LEU A 84 -13.42 7.51 4.58
CA LEU A 84 -12.22 6.81 4.14
C LEU A 84 -12.16 6.54 2.67
N GLU A 85 -13.28 6.66 1.99
CA GLU A 85 -13.39 6.38 0.55
C GLU A 85 -12.33 7.15 -0.25
N GLN A 86 -12.11 8.39 0.11
CA GLN A 86 -11.17 9.22 -0.62
C GLN A 86 -9.74 8.77 -0.30
N ARG A 87 -9.45 8.55 1.00
CA ARG A 87 -8.10 8.13 1.40
C ARG A 87 -7.72 6.81 0.72
N ARG A 88 -8.52 5.78 0.92
CA ARG A 88 -8.24 4.47 0.32
C ARG A 88 -8.08 4.54 -1.19
N GLN A 89 -9.03 5.18 -1.86
CA GLN A 89 -9.06 5.28 -3.33
C GLN A 89 -7.76 5.83 -3.87
N GLY A 90 -7.22 6.84 -3.20
CA GLY A 90 -6.01 7.43 -3.67
C GLY A 90 -4.84 6.49 -3.56
N LEU A 91 -4.64 5.93 -2.39
CA LEU A 91 -3.49 5.09 -2.18
C LEU A 91 -3.59 3.75 -2.91
N GLU A 92 -4.77 3.15 -2.94
CA GLU A 92 -4.93 1.85 -3.58
C GLU A 92 -4.66 1.95 -5.08
N ALA A 93 -5.16 3.01 -5.71
CA ALA A 93 -4.96 3.20 -7.14
C ALA A 93 -3.50 3.37 -7.49
N TYR A 94 -2.78 4.17 -6.71
CA TYR A 94 -1.37 4.39 -6.99
C TYR A 94 -0.48 3.18 -6.70
N ILE A 95 -0.65 2.54 -5.54
CA ILE A 95 0.21 1.40 -5.19
C ILE A 95 -0.12 0.17 -6.05
N GLN A 96 -1.38 0.02 -6.46
CA GLN A 96 -1.73 -1.06 -7.37
C GLN A 96 -1.11 -0.78 -8.72
N GLY A 97 -1.14 0.50 -9.11
CA GLY A 97 -0.60 0.92 -10.38
C GLY A 97 0.84 0.50 -10.54
N ILE A 98 1.69 0.94 -9.63
CA ILE A 98 3.13 0.60 -9.66
C ILE A 98 3.40 -0.89 -9.64
N LEU A 99 2.65 -1.58 -8.86
CA LEU A 99 2.82 -2.98 -8.75
C LEU A 99 2.36 -3.67 -10.06
N TYR A 100 1.29 -3.19 -10.62
CA TYR A 100 0.76 -3.69 -11.88
C TYR A 100 1.72 -3.33 -13.03
N LEU A 101 2.37 -2.18 -12.91
CA LEU A 101 3.31 -1.67 -13.90
C LEU A 101 4.50 -2.58 -14.12
N ASN A 102 5.24 -2.88 -13.07
CA ASN A 102 6.48 -3.61 -13.26
C ASN A 102 6.81 -4.54 -12.10
N GLN A 103 6.90 -4.00 -10.89
CA GLN A 103 7.37 -4.80 -9.73
C GLN A 103 6.52 -5.99 -9.35
N GLU A 104 5.23 -5.94 -9.63
CA GLU A 104 4.22 -7.03 -9.25
C GLU A 104 4.14 -7.40 -7.73
N VAL A 105 5.11 -6.94 -6.95
CA VAL A 105 5.14 -6.96 -5.49
C VAL A 105 6.48 -6.37 -5.00
N PRO A 106 6.48 -5.06 -4.68
CA PRO A 106 7.67 -4.33 -4.27
C PRO A 106 8.39 -4.90 -3.05
N LYS A 107 9.69 -5.10 -3.23
CA LYS A 107 10.60 -5.54 -2.20
C LYS A 107 10.65 -4.50 -1.06
N GLU A 108 10.28 -3.26 -1.39
CA GLU A 108 10.27 -2.15 -0.42
C GLU A 108 9.49 -2.56 0.83
N LEU A 109 8.19 -2.89 0.65
CA LEU A 109 7.34 -3.30 1.77
C LEU A 109 7.89 -4.54 2.42
N LEU A 110 8.38 -5.44 1.57
CA LEU A 110 8.92 -6.72 1.98
C LEU A 110 10.03 -6.47 3.01
N GLU A 111 10.96 -5.63 2.66
CA GLU A 111 12.08 -5.31 3.51
C GLU A 111 11.70 -4.35 4.64
N PHE A 112 10.65 -3.54 4.43
CA PHE A 112 10.31 -2.50 5.39
C PHE A 112 9.79 -3.13 6.65
N LEU A 113 8.90 -4.04 6.46
CA LEU A 113 8.20 -4.67 7.56
C LEU A 113 8.68 -6.08 7.76
N ARG A 114 9.61 -6.51 6.89
CA ARG A 114 10.11 -7.88 6.88
C ARG A 114 8.93 -8.84 6.62
N LEU A 115 8.21 -8.55 5.52
CA LEU A 115 6.97 -9.25 5.14
C LEU A 115 7.22 -10.62 4.53
N ARG A 116 8.42 -11.12 4.63
CA ARG A 116 8.70 -12.40 4.06
C ARG A 116 8.01 -13.51 4.83
N HIS A 117 7.29 -14.34 4.10
CA HIS A 117 6.59 -15.52 4.62
C HIS A 117 5.28 -15.14 5.36
N PHE A 118 4.86 -13.88 5.24
CA PHE A 118 3.58 -13.46 5.81
C PHE A 118 2.40 -14.18 5.15
N PRO A 119 1.41 -14.58 5.95
CA PRO A 119 0.26 -15.36 5.48
C PRO A 119 -0.66 -14.59 4.53
N THR A 120 -1.63 -15.28 4.01
CA THR A 120 -2.58 -14.72 3.10
C THR A 120 -3.98 -14.69 3.70
N ASP A 121 -4.04 -14.88 5.02
CA ASP A 121 -5.32 -14.89 5.71
C ASP A 121 -5.63 -13.52 6.25
N PRO A 122 -6.59 -12.82 5.66
CA PRO A 122 -6.96 -11.49 6.07
C PRO A 122 -8.27 -11.50 6.87
N LYS A 123 -8.81 -10.34 7.08
CA LYS A 123 -10.11 -10.17 7.67
C LYS A 123 -10.97 -9.48 6.64
N ALA A 124 -12.15 -9.98 6.41
CA ALA A 124 -13.04 -9.35 5.48
C ALA A 124 -13.90 -8.31 6.17
N SER A 125 -13.43 -7.09 6.18
CA SER A 125 -14.15 -6.02 6.80
C SER A 125 -14.97 -5.26 5.78
N ASN A 126 -16.22 -5.59 5.71
CA ASN A 126 -17.16 -4.96 4.82
C ASN A 126 -18.54 -4.97 5.43
N TRP A 127 -18.91 -3.84 5.97
CA TRP A 127 -20.19 -3.68 6.62
C TRP A 127 -20.42 -2.20 6.86
N GLY A 128 -21.66 -1.80 6.85
CA GLY A 128 -22.01 -0.44 7.09
C GLY A 128 -23.27 -0.39 7.87
N GLY A 1 15.22 -22.70 -22.05
CA GLY A 1 14.34 -22.73 -20.89
C GLY A 1 13.68 -21.40 -20.66
N HIS A 2 12.53 -21.21 -21.28
CA HIS A 2 11.82 -19.96 -21.17
C HIS A 2 11.03 -19.87 -19.86
N HIS A 3 11.49 -19.04 -18.95
CA HIS A 3 10.79 -18.86 -17.69
C HIS A 3 10.84 -17.42 -17.23
N HIS A 4 11.02 -16.48 -18.16
CA HIS A 4 10.98 -15.06 -17.82
C HIS A 4 9.54 -14.61 -17.69
N HIS A 5 8.91 -15.04 -16.63
CA HIS A 5 7.57 -14.68 -16.33
C HIS A 5 7.39 -14.77 -14.82
N HIS A 6 6.60 -13.88 -14.29
CA HIS A 6 6.34 -13.84 -12.88
C HIS A 6 4.86 -13.74 -12.58
N HIS A 7 4.37 -14.72 -11.83
CA HIS A 7 2.97 -14.81 -11.35
C HIS A 7 1.93 -14.89 -12.48
N LEU A 8 0.68 -15.02 -12.11
CA LEU A 8 -0.43 -15.06 -13.06
C LEU A 8 -1.56 -14.19 -12.58
N GLU A 9 -1.93 -14.41 -11.34
CA GLU A 9 -2.98 -13.68 -10.69
C GLU A 9 -2.48 -12.80 -9.55
N LEU A 10 -2.72 -11.50 -9.71
CA LEU A 10 -2.29 -10.49 -8.76
C LEU A 10 -3.45 -9.56 -8.53
N GLU A 11 -3.71 -9.21 -7.29
CA GLU A 11 -4.80 -8.29 -6.95
C GLU A 11 -4.38 -7.32 -5.88
N VAL A 12 -4.99 -6.16 -5.89
CA VAL A 12 -4.77 -5.15 -4.87
C VAL A 12 -6.01 -4.39 -4.56
N HIS A 13 -6.19 -4.16 -3.29
CA HIS A 13 -7.28 -3.35 -2.79
C HIS A 13 -7.01 -3.08 -1.34
N ILE A 14 -7.35 -1.92 -0.91
CA ILE A 14 -7.22 -1.55 0.49
C ILE A 14 -8.58 -1.82 1.17
N PRO A 15 -8.70 -2.94 1.93
CA PRO A 15 -9.97 -3.31 2.58
C PRO A 15 -10.41 -2.36 3.69
N SER A 16 -9.48 -1.76 4.38
CA SER A 16 -9.83 -0.91 5.49
C SER A 16 -8.72 0.04 5.88
N VAL A 17 -9.13 1.17 6.44
CA VAL A 17 -8.23 2.12 7.02
C VAL A 17 -8.72 2.33 8.41
N GLY A 18 -7.87 2.26 9.36
CA GLY A 18 -8.30 2.43 10.68
C GLY A 18 -7.24 2.99 11.51
N PRO A 19 -7.58 3.55 12.63
CA PRO A 19 -6.64 4.16 13.52
C PRO A 19 -5.98 3.10 14.43
N GLU A 20 -5.53 2.02 13.78
CA GLU A 20 -4.99 0.82 14.43
C GLU A 20 -3.63 1.12 15.08
N ALA A 21 -2.89 2.00 14.45
CA ALA A 21 -1.54 2.30 14.89
C ALA A 21 -1.56 3.20 16.10
N GLU A 22 -0.45 3.23 16.80
CA GLU A 22 -0.30 4.11 17.94
C GLU A 22 1.01 4.87 17.86
N GLY A 23 0.93 6.20 17.92
CA GLY A 23 2.12 7.07 17.93
C GLY A 23 3.02 6.93 16.70
N PRO A 24 2.78 7.70 15.63
CA PRO A 24 3.60 7.64 14.42
C PRO A 24 4.89 8.46 14.58
N ARG A 25 5.62 8.59 13.48
CA ARG A 25 6.88 9.34 13.45
C ARG A 25 6.56 10.88 13.45
N GLN A 26 7.57 11.76 13.38
CA GLN A 26 7.36 13.23 13.33
C GLN A 26 6.40 13.57 12.19
N SER A 27 5.18 13.80 12.55
CA SER A 27 4.15 14.04 11.59
C SER A 27 3.49 15.40 11.79
N PRO A 28 3.33 16.19 10.71
CA PRO A 28 2.57 17.44 10.76
C PRO A 28 1.06 17.14 10.60
N GLU A 29 0.77 15.87 10.48
CA GLU A 29 -0.57 15.33 10.37
C GLU A 29 -0.91 14.56 11.63
N LYS A 30 -0.10 13.52 11.90
CA LYS A 30 -0.25 12.61 13.03
C LYS A 30 -1.41 11.69 12.82
N SER A 31 -1.20 10.72 12.00
CA SER A 31 -2.20 9.76 11.75
C SER A 31 -1.85 8.43 12.33
N HIS A 32 -2.65 8.00 13.26
CA HIS A 32 -2.54 6.65 13.75
C HIS A 32 -3.44 5.78 12.89
N MET A 33 -4.06 6.44 11.93
CA MET A 33 -4.80 5.81 10.88
C MET A 33 -3.88 5.20 9.91
N VAL A 34 -4.02 3.97 9.80
CA VAL A 34 -3.22 3.18 8.99
C VAL A 34 -4.10 2.40 8.04
N PHE A 35 -3.74 2.42 6.78
CA PHE A 35 -4.47 1.69 5.80
C PHE A 35 -3.76 0.41 5.45
N ARG A 36 -4.52 -0.61 5.31
CA ARG A 36 -3.99 -1.89 4.99
C ARG A 36 -4.12 -2.16 3.57
N VAL A 37 -3.02 -2.21 2.93
CA VAL A 37 -2.97 -2.43 1.53
C VAL A 37 -2.89 -3.95 1.28
N GLU A 38 -3.96 -4.52 0.78
CA GLU A 38 -3.98 -5.95 0.57
C GLU A 38 -3.46 -6.26 -0.81
N VAL A 39 -2.30 -6.85 -0.84
CA VAL A 39 -1.68 -7.26 -2.06
C VAL A 39 -1.78 -8.77 -2.17
N LEU A 40 -2.35 -9.23 -3.25
CA LEU A 40 -2.48 -10.62 -3.50
C LEU A 40 -1.52 -11.00 -4.60
N CYS A 41 -0.65 -11.91 -4.32
CA CYS A 41 0.26 -12.37 -5.30
C CYS A 41 0.29 -13.89 -5.31
N SER A 42 -0.40 -14.46 -6.28
CA SER A 42 -0.55 -15.89 -6.42
C SER A 42 -1.12 -16.58 -5.17
N GLY A 43 -2.45 -16.60 -5.12
CA GLY A 43 -3.20 -17.21 -4.02
C GLY A 43 -3.15 -16.40 -2.71
N ARG A 44 -1.97 -16.07 -2.30
CA ARG A 44 -1.69 -15.40 -1.05
C ARG A 44 -2.06 -13.93 -1.09
N ARG A 45 -2.81 -13.51 -0.11
CA ARG A 45 -3.19 -12.11 0.05
C ARG A 45 -2.72 -11.60 1.39
N HIS A 46 -2.09 -10.45 1.38
CA HIS A 46 -1.54 -9.89 2.59
C HIS A 46 -1.82 -8.42 2.72
N THR A 47 -2.39 -8.05 3.84
CA THR A 47 -2.64 -6.69 4.18
C THR A 47 -1.44 -6.07 4.82
N VAL A 48 -0.84 -5.18 4.10
CA VAL A 48 0.30 -4.47 4.59
C VAL A 48 -0.18 -3.11 5.12
N PRO A 49 -0.21 -2.93 6.44
CA PRO A 49 -0.70 -1.71 7.05
C PRO A 49 0.35 -0.62 7.14
N ARG A 50 0.15 0.48 6.41
CA ARG A 50 1.03 1.65 6.50
C ARG A 50 0.16 2.92 6.58
N ARG A 51 0.65 3.99 7.22
CA ARG A 51 -0.10 5.24 7.15
C ARG A 51 0.30 6.00 5.90
N TYR A 52 -0.30 7.13 5.71
CA TYR A 52 -0.13 7.93 4.51
C TYR A 52 1.35 8.29 4.27
N SER A 53 2.08 8.54 5.35
CA SER A 53 3.46 8.97 5.25
C SER A 53 4.38 7.86 4.78
N GLU A 54 4.21 6.62 5.29
CA GLU A 54 5.08 5.53 4.88
C GLU A 54 4.98 5.25 3.42
N PHE A 55 3.76 5.21 2.87
CA PHE A 55 3.61 4.98 1.46
C PHE A 55 4.27 6.10 0.66
N HIS A 56 4.17 7.31 1.17
CA HIS A 56 4.80 8.45 0.54
C HIS A 56 6.33 8.26 0.55
N ALA A 57 6.84 7.73 1.64
CA ALA A 57 8.26 7.53 1.83
C ALA A 57 8.84 6.46 0.89
N LEU A 58 8.26 5.25 0.83
CA LEU A 58 8.86 4.26 -0.09
C LEU A 58 8.68 4.71 -1.50
N HIS A 59 7.51 5.29 -1.80
CA HIS A 59 7.18 5.72 -3.14
C HIS A 59 8.19 6.76 -3.62
N LYS A 60 8.60 7.66 -2.73
CA LYS A 60 9.57 8.66 -3.14
C LYS A 60 10.96 8.06 -3.32
N ARG A 61 11.23 6.97 -2.64
CA ARG A 61 12.51 6.32 -2.79
C ARG A 61 12.53 5.57 -4.11
N ILE A 62 11.43 4.91 -4.38
CA ILE A 62 11.27 4.16 -5.59
C ILE A 62 10.95 5.01 -6.81
N LYS A 63 10.67 6.30 -6.63
CA LYS A 63 10.52 7.17 -7.80
C LYS A 63 11.89 7.42 -8.37
N LYS A 64 12.88 7.32 -7.50
CA LYS A 64 14.27 7.37 -7.89
C LYS A 64 14.73 5.95 -8.35
N LEU A 65 13.92 4.94 -8.06
CA LEU A 65 14.29 3.56 -8.31
C LEU A 65 13.64 3.03 -9.62
N TYR A 66 12.33 2.89 -9.65
CA TYR A 66 11.66 2.24 -10.77
C TYR A 66 10.58 3.14 -11.40
N LYS A 67 9.83 2.58 -12.36
CA LYS A 67 8.73 3.29 -13.00
C LYS A 67 7.52 3.27 -12.12
N VAL A 68 7.18 4.39 -11.58
CA VAL A 68 6.15 4.50 -10.57
C VAL A 68 5.31 5.75 -10.90
N PRO A 69 3.97 5.74 -10.60
CA PRO A 69 3.10 6.92 -10.81
C PRO A 69 3.46 8.10 -9.88
N ASP A 70 2.60 9.14 -9.86
CA ASP A 70 2.81 10.35 -9.02
C ASP A 70 2.90 10.00 -7.56
N PHE A 71 3.37 10.90 -6.76
CA PHE A 71 3.46 10.63 -5.35
C PHE A 71 2.33 11.30 -4.58
N PRO A 72 1.88 10.69 -3.47
CA PRO A 72 0.82 11.26 -2.61
C PRO A 72 1.13 12.70 -2.22
N SER A 73 0.11 13.52 -2.19
CA SER A 73 0.29 14.92 -1.91
C SER A 73 0.17 15.14 -0.42
N LYS A 74 1.11 15.89 0.13
CA LYS A 74 1.13 16.18 1.56
C LYS A 74 0.01 17.17 1.89
N ARG A 75 -0.40 17.93 0.90
CA ARG A 75 -1.40 18.92 1.13
C ARG A 75 -2.78 18.39 0.87
N LEU A 76 -3.47 18.23 1.94
CA LEU A 76 -4.82 17.76 2.00
C LEU A 76 -5.54 18.56 3.08
N PRO A 77 -6.87 18.48 3.13
CA PRO A 77 -7.66 19.05 4.23
C PRO A 77 -7.34 18.31 5.53
N ASN A 78 -7.71 18.89 6.67
CA ASN A 78 -7.51 18.28 8.04
C ASN A 78 -8.29 16.89 8.19
N TRP A 79 -8.63 16.31 7.06
CA TRP A 79 -9.31 15.03 6.91
C TRP A 79 -10.79 15.06 7.28
N ARG A 80 -11.12 15.74 8.37
CA ARG A 80 -12.48 15.83 8.96
C ARG A 80 -13.58 16.08 7.91
N THR A 81 -13.25 16.88 6.90
CA THR A 81 -14.17 17.29 5.86
C THR A 81 -14.61 16.10 4.93
N ARG A 82 -13.78 15.08 4.81
CA ARG A 82 -14.12 13.94 3.93
C ARG A 82 -14.11 12.62 4.67
N GLY A 83 -14.48 11.57 3.97
CA GLY A 83 -14.50 10.25 4.53
C GLY A 83 -13.56 9.34 3.79
N LEU A 84 -13.34 8.13 4.31
CA LEU A 84 -12.34 7.19 3.77
C LEU A 84 -12.51 6.78 2.34
N GLU A 85 -13.69 7.01 1.76
CA GLU A 85 -13.93 6.67 0.35
C GLU A 85 -12.86 7.30 -0.54
N GLN A 86 -12.61 8.59 -0.32
CA GLN A 86 -11.64 9.34 -1.10
C GLN A 86 -10.21 8.88 -0.81
N ARG A 87 -9.89 8.74 0.48
CA ARG A 87 -8.52 8.43 0.88
C ARG A 87 -8.11 7.04 0.42
N ARG A 88 -8.89 6.05 0.80
CA ARG A 88 -8.66 4.67 0.39
C ARG A 88 -8.55 4.55 -1.12
N GLN A 89 -9.43 5.21 -1.85
CA GLN A 89 -9.46 5.09 -3.29
C GLN A 89 -8.23 5.76 -3.92
N GLY A 90 -7.80 6.88 -3.36
CA GLY A 90 -6.65 7.55 -3.89
C GLY A 90 -5.39 6.72 -3.75
N LEU A 91 -5.13 6.25 -2.53
CA LEU A 91 -3.93 5.47 -2.29
C LEU A 91 -3.98 4.13 -2.98
N GLU A 92 -5.17 3.56 -3.08
CA GLU A 92 -5.33 2.28 -3.74
C GLU A 92 -4.97 2.41 -5.22
N ALA A 93 -5.27 3.56 -5.82
CA ALA A 93 -4.92 3.82 -7.20
C ALA A 93 -3.40 3.84 -7.37
N TYR A 94 -2.70 4.42 -6.40
CA TYR A 94 -1.24 4.43 -6.45
C TYR A 94 -0.66 3.01 -6.25
N ILE A 95 -1.24 2.24 -5.32
CA ILE A 95 -0.78 0.86 -5.06
C ILE A 95 -1.07 0.00 -6.31
N GLN A 96 -2.26 0.16 -6.85
CA GLN A 96 -2.68 -0.56 -8.04
C GLN A 96 -1.76 -0.25 -9.20
N GLY A 97 -1.43 1.03 -9.34
CA GLY A 97 -0.59 1.47 -10.42
C GLY A 97 0.73 0.75 -10.45
N ILE A 98 1.39 0.66 -9.31
CA ILE A 98 2.71 0.02 -9.27
C ILE A 98 2.66 -1.48 -9.51
N LEU A 99 1.57 -2.11 -9.11
CA LEU A 99 1.40 -3.53 -9.34
C LEU A 99 1.04 -3.77 -10.81
N TYR A 100 0.31 -2.83 -11.37
CA TYR A 100 -0.08 -2.86 -12.77
C TYR A 100 1.11 -2.60 -13.70
N LEU A 101 1.97 -1.66 -13.32
CA LEU A 101 3.12 -1.25 -14.12
C LEU A 101 4.16 -2.36 -14.34
N ASN A 102 4.71 -2.92 -13.26
CA ASN A 102 5.78 -3.92 -13.44
C ASN A 102 6.13 -4.66 -12.17
N GLN A 103 6.44 -3.91 -11.12
CA GLN A 103 6.98 -4.48 -9.87
C GLN A 103 6.05 -5.46 -9.16
N GLU A 104 4.75 -5.37 -9.42
CA GLU A 104 3.73 -6.22 -8.76
C GLU A 104 3.67 -5.87 -7.28
N VAL A 105 4.54 -6.46 -6.54
CA VAL A 105 4.65 -6.22 -5.16
C VAL A 105 6.09 -5.82 -4.83
N PRO A 106 6.33 -4.52 -4.57
CA PRO A 106 7.66 -4.00 -4.29
C PRO A 106 8.34 -4.68 -3.10
N LYS A 107 9.57 -5.11 -3.33
CA LYS A 107 10.40 -5.78 -2.33
C LYS A 107 10.67 -4.84 -1.15
N GLU A 108 10.54 -3.56 -1.40
CA GLU A 108 10.82 -2.59 -0.39
C GLU A 108 9.84 -2.66 0.78
N LEU A 109 8.60 -3.18 0.57
CA LEU A 109 7.69 -3.36 1.71
C LEU A 109 8.26 -4.39 2.65
N LEU A 110 8.89 -5.38 2.08
CA LEU A 110 9.50 -6.46 2.84
C LEU A 110 10.69 -5.94 3.60
N GLU A 111 11.38 -5.04 2.99
CA GLU A 111 12.52 -4.40 3.59
C GLU A 111 12.06 -3.34 4.63
N PHE A 112 10.81 -2.91 4.51
CA PHE A 112 10.34 -1.79 5.28
C PHE A 112 9.74 -2.24 6.60
N LEU A 113 8.80 -3.16 6.56
CA LEU A 113 8.16 -3.62 7.80
C LEU A 113 8.87 -4.87 8.27
N ARG A 114 9.81 -5.31 7.45
CA ARG A 114 10.49 -6.58 7.63
C ARG A 114 9.52 -7.71 7.46
N LEU A 115 8.99 -7.78 6.27
CA LEU A 115 8.04 -8.78 5.87
C LEU A 115 8.85 -9.87 5.23
N ARG A 116 8.69 -11.07 5.64
CA ARG A 116 9.42 -12.13 5.03
C ARG A 116 8.60 -12.77 3.93
N HIS A 117 9.25 -13.54 3.08
CA HIS A 117 8.56 -14.17 1.97
C HIS A 117 7.57 -15.20 2.45
N PHE A 118 6.31 -14.82 2.39
CA PHE A 118 5.19 -15.61 2.84
C PHE A 118 5.06 -16.88 1.99
N PRO A 119 5.31 -18.06 2.56
CA PRO A 119 5.12 -19.32 1.84
C PRO A 119 3.67 -19.77 1.92
N THR A 120 2.96 -19.20 2.85
CA THR A 120 1.59 -19.49 3.11
C THR A 120 0.77 -18.21 2.96
N ASP A 121 -0.54 -18.37 2.92
CA ASP A 121 -1.44 -17.23 2.87
C ASP A 121 -1.71 -16.74 4.29
N PRO A 122 -1.38 -15.49 4.60
CA PRO A 122 -1.55 -14.94 5.94
C PRO A 122 -2.91 -14.29 6.23
N LYS A 123 -3.75 -14.14 5.20
CA LYS A 123 -5.02 -13.47 5.43
C LYS A 123 -6.18 -14.14 4.71
N ALA A 124 -7.02 -14.78 5.49
CA ALA A 124 -8.18 -15.43 4.99
C ALA A 124 -9.40 -14.84 5.64
N SER A 125 -10.14 -14.05 4.90
CA SER A 125 -11.33 -13.41 5.37
C SER A 125 -12.20 -13.03 4.18
N ASN A 126 -13.49 -13.08 4.34
CA ASN A 126 -14.40 -12.73 3.26
C ASN A 126 -15.38 -11.70 3.78
N TRP A 127 -15.50 -10.59 3.10
CA TRP A 127 -16.40 -9.56 3.49
C TRP A 127 -17.73 -9.75 2.75
N GLY A 128 -18.67 -10.36 3.41
CA GLY A 128 -19.95 -10.61 2.85
C GLY A 128 -20.55 -11.86 3.42
N GLY A 1 6.51 -17.81 -28.70
CA GLY A 1 5.97 -17.29 -27.44
C GLY A 1 6.83 -16.18 -26.91
N HIS A 2 7.44 -16.42 -25.75
CA HIS A 2 8.31 -15.47 -25.05
C HIS A 2 7.54 -14.27 -24.52
N HIS A 3 7.20 -14.34 -23.27
CA HIS A 3 6.49 -13.28 -22.59
C HIS A 3 6.69 -13.43 -21.10
N HIS A 4 7.62 -12.69 -20.56
CA HIS A 4 7.95 -12.83 -19.16
C HIS A 4 7.30 -11.74 -18.34
N HIS A 5 6.08 -11.99 -17.97
CA HIS A 5 5.29 -11.12 -17.09
C HIS A 5 4.15 -11.94 -16.54
N HIS A 6 4.45 -13.22 -16.40
CA HIS A 6 3.50 -14.22 -15.97
C HIS A 6 3.08 -14.02 -14.53
N HIS A 7 1.86 -13.60 -14.38
CA HIS A 7 1.23 -13.38 -13.11
C HIS A 7 -0.26 -13.59 -13.24
N LEU A 8 -0.75 -14.71 -12.71
CA LEU A 8 -2.15 -15.05 -12.86
C LEU A 8 -3.08 -14.22 -11.97
N GLU A 9 -2.98 -14.40 -10.67
CA GLU A 9 -3.88 -13.75 -9.75
C GLU A 9 -3.20 -12.55 -9.10
N LEU A 10 -3.73 -11.38 -9.36
CA LEU A 10 -3.25 -10.14 -8.79
C LEU A 10 -4.43 -9.31 -8.35
N GLU A 11 -4.56 -9.10 -7.07
CA GLU A 11 -5.63 -8.26 -6.55
C GLU A 11 -5.07 -7.28 -5.56
N VAL A 12 -5.12 -6.02 -5.87
CA VAL A 12 -4.62 -5.04 -4.96
C VAL A 12 -5.76 -4.14 -4.59
N HIS A 13 -6.05 -4.07 -3.33
CA HIS A 13 -7.18 -3.31 -2.87
C HIS A 13 -6.97 -2.93 -1.43
N ILE A 14 -7.53 -1.83 -1.03
CA ILE A 14 -7.49 -1.43 0.36
C ILE A 14 -8.84 -1.77 0.97
N PRO A 15 -8.95 -2.94 1.65
CA PRO A 15 -10.22 -3.43 2.16
C PRO A 15 -10.79 -2.58 3.28
N SER A 16 -9.94 -1.98 4.09
CA SER A 16 -10.39 -1.16 5.19
C SER A 16 -9.29 -0.23 5.68
N VAL A 17 -9.71 0.81 6.35
CA VAL A 17 -8.83 1.77 6.96
C VAL A 17 -9.30 1.93 8.38
N GLY A 18 -8.46 1.70 9.35
CA GLY A 18 -8.92 1.82 10.70
C GLY A 18 -7.89 2.30 11.66
N PRO A 19 -8.32 2.79 12.82
CA PRO A 19 -7.45 3.33 13.81
C PRO A 19 -6.82 2.25 14.65
N GLU A 20 -5.70 1.79 14.17
CA GLU A 20 -4.97 0.73 14.84
C GLU A 20 -3.50 1.06 14.90
N ALA A 21 -3.16 2.24 14.48
CA ALA A 21 -1.81 2.65 14.42
C ALA A 21 -1.47 3.48 15.63
N GLU A 22 -0.35 3.18 16.23
CA GLU A 22 0.10 3.94 17.37
C GLU A 22 0.90 5.12 16.85
N GLY A 23 1.26 6.01 17.72
CA GLY A 23 2.09 7.12 17.33
C GLY A 23 3.52 6.77 17.60
N PRO A 24 4.29 6.35 16.58
CA PRO A 24 5.66 5.89 16.77
C PRO A 24 6.62 7.05 17.08
N ARG A 25 6.68 7.99 16.17
CA ARG A 25 7.48 9.17 16.30
C ARG A 25 6.65 10.28 15.74
N GLN A 26 7.10 11.51 15.83
CA GLN A 26 6.30 12.57 15.30
C GLN A 26 6.47 12.68 13.81
N SER A 27 5.54 12.11 13.10
CA SER A 27 5.49 12.18 11.69
C SER A 27 4.68 13.42 11.33
N PRO A 28 5.13 14.21 10.33
CA PRO A 28 4.49 15.48 9.93
C PRO A 28 2.97 15.39 9.73
N GLU A 29 2.49 14.25 9.29
CA GLU A 29 1.06 14.06 9.01
C GLU A 29 0.31 13.53 10.23
N LYS A 30 1.04 12.85 11.13
CA LYS A 30 0.47 12.10 12.26
C LYS A 30 -0.70 11.22 11.89
N SER A 31 -0.40 10.03 11.48
CA SER A 31 -1.42 9.10 11.12
C SER A 31 -1.57 8.07 12.22
N HIS A 32 -2.56 8.25 13.07
CA HIS A 32 -2.82 7.31 14.15
C HIS A 32 -3.88 6.32 13.65
N MET A 33 -4.29 6.54 12.44
CA MET A 33 -5.23 5.69 11.80
C MET A 33 -4.61 5.30 10.49
N VAL A 34 -4.72 4.06 10.14
CA VAL A 34 -3.92 3.55 9.06
C VAL A 34 -4.76 2.84 8.01
N PHE A 35 -4.35 2.93 6.76
CA PHE A 35 -5.02 2.25 5.68
C PHE A 35 -4.26 1.00 5.34
N ARG A 36 -4.95 -0.07 5.16
CA ARG A 36 -4.31 -1.32 4.97
C ARG A 36 -4.38 -1.72 3.52
N VAL A 37 -3.26 -1.61 2.86
CA VAL A 37 -3.18 -1.88 1.45
C VAL A 37 -2.94 -3.36 1.23
N GLU A 38 -3.87 -4.02 0.63
CA GLU A 38 -3.73 -5.41 0.45
C GLU A 38 -3.35 -5.74 -0.99
N VAL A 39 -2.13 -6.18 -1.13
CA VAL A 39 -1.56 -6.51 -2.42
C VAL A 39 -1.47 -8.03 -2.56
N LEU A 40 -2.33 -8.61 -3.37
CA LEU A 40 -2.31 -10.05 -3.61
C LEU A 40 -1.52 -10.30 -4.87
N CYS A 41 -0.59 -11.22 -4.80
CA CYS A 41 0.25 -11.56 -5.92
C CYS A 41 0.48 -13.06 -5.97
N SER A 42 0.10 -13.66 -7.09
CA SER A 42 0.23 -15.10 -7.35
C SER A 42 -0.79 -15.93 -6.57
N GLY A 43 -0.86 -15.72 -5.28
CA GLY A 43 -1.77 -16.42 -4.44
C GLY A 43 -1.80 -15.83 -3.07
N ARG A 44 -0.65 -15.51 -2.55
CA ARG A 44 -0.55 -14.90 -1.25
C ARG A 44 -0.78 -13.42 -1.33
N ARG A 45 -1.35 -12.89 -0.31
CA ARG A 45 -1.63 -11.49 -0.23
C ARG A 45 -0.98 -10.87 0.95
N HIS A 46 -0.76 -9.60 0.86
CA HIS A 46 -0.21 -8.85 1.94
C HIS A 46 -1.13 -7.74 2.30
N THR A 47 -1.66 -7.79 3.49
CA THR A 47 -2.43 -6.71 4.01
C THR A 47 -1.43 -5.81 4.70
N VAL A 48 -0.97 -4.81 4.00
CA VAL A 48 0.08 -3.95 4.48
C VAL A 48 -0.51 -2.67 5.06
N PRO A 49 -0.57 -2.55 6.39
CA PRO A 49 -1.07 -1.36 7.02
C PRO A 49 -0.06 -0.23 6.93
N ARG A 50 -0.36 0.76 6.13
CA ARG A 50 0.49 1.90 5.99
C ARG A 50 -0.20 3.22 6.10
N ARG A 51 0.50 4.12 6.70
CA ARG A 51 0.03 5.45 6.92
C ARG A 51 0.56 6.35 5.83
N TYR A 52 -0.02 7.55 5.69
CA TYR A 52 0.41 8.51 4.65
C TYR A 52 1.89 8.81 4.72
N SER A 53 2.42 8.91 5.92
CA SER A 53 3.82 9.20 6.09
C SER A 53 4.70 8.02 5.59
N GLU A 54 4.21 6.79 5.74
CA GLU A 54 4.90 5.61 5.25
C GLU A 54 4.82 5.54 3.74
N PHE A 55 3.62 5.82 3.22
CA PHE A 55 3.42 5.88 1.78
C PHE A 55 4.35 6.91 1.17
N HIS A 56 4.51 8.06 1.83
CA HIS A 56 5.41 9.11 1.32
C HIS A 56 6.82 8.58 1.15
N ALA A 57 7.36 8.00 2.21
CA ALA A 57 8.72 7.45 2.17
C ALA A 57 8.83 6.30 1.17
N LEU A 58 7.85 5.41 1.19
CA LEU A 58 7.79 4.27 0.27
C LEU A 58 7.79 4.74 -1.16
N HIS A 59 6.91 5.67 -1.44
CA HIS A 59 6.71 6.16 -2.77
C HIS A 59 7.92 6.91 -3.27
N LYS A 60 8.48 7.80 -2.44
CA LYS A 60 9.62 8.60 -2.87
C LYS A 60 10.85 7.76 -3.14
N ARG A 61 11.07 6.73 -2.32
CA ARG A 61 12.23 5.91 -2.47
C ARG A 61 12.15 5.10 -3.74
N ILE A 62 10.97 4.64 -4.07
CA ILE A 62 10.82 3.86 -5.26
C ILE A 62 10.65 4.70 -6.51
N LYS A 63 10.09 5.90 -6.41
CA LYS A 63 9.92 6.74 -7.61
C LYS A 63 11.26 7.22 -8.13
N LYS A 64 12.24 7.33 -7.23
CA LYS A 64 13.57 7.66 -7.66
C LYS A 64 14.16 6.52 -8.51
N LEU A 65 13.80 5.29 -8.18
CA LEU A 65 14.37 4.14 -8.85
C LEU A 65 13.50 3.53 -9.97
N TYR A 66 12.24 3.20 -9.69
CA TYR A 66 11.48 2.46 -10.68
C TYR A 66 10.22 3.22 -11.13
N LYS A 67 9.43 2.59 -12.00
CA LYS A 67 8.22 3.17 -12.58
C LYS A 67 7.16 3.39 -11.52
N VAL A 68 6.97 4.63 -11.14
CA VAL A 68 6.05 5.00 -10.08
C VAL A 68 5.31 6.30 -10.48
N PRO A 69 3.96 6.34 -10.32
CA PRO A 69 3.15 7.52 -10.66
C PRO A 69 3.21 8.62 -9.58
N ASP A 70 2.22 9.51 -9.57
CA ASP A 70 2.18 10.65 -8.63
C ASP A 70 1.76 10.20 -7.20
N PHE A 71 1.99 11.07 -6.21
CA PHE A 71 1.66 10.74 -4.83
C PHE A 71 0.88 11.87 -4.17
N PRO A 72 -0.10 11.56 -3.30
CA PRO A 72 -0.79 12.58 -2.51
C PRO A 72 0.18 13.20 -1.50
N SER A 73 0.18 14.50 -1.43
CA SER A 73 1.07 15.22 -0.54
C SER A 73 0.32 15.51 0.79
N LYS A 74 0.77 16.49 1.55
CA LYS A 74 0.12 16.83 2.80
C LYS A 74 -1.26 17.44 2.55
N ARG A 75 -1.41 18.10 1.41
CA ARG A 75 -2.68 18.64 1.05
C ARG A 75 -3.53 17.53 0.47
N LEU A 76 -4.51 17.12 1.19
CA LEU A 76 -5.40 16.07 0.73
C LEU A 76 -6.74 16.68 0.36
N PRO A 77 -7.54 15.98 -0.46
CA PRO A 77 -8.91 16.41 -0.77
C PRO A 77 -9.75 16.50 0.51
N ASN A 78 -10.85 17.19 0.45
CA ASN A 78 -11.75 17.41 1.61
C ASN A 78 -12.50 16.14 2.04
N TRP A 79 -11.98 14.97 1.65
CA TRP A 79 -12.60 13.69 1.95
C TRP A 79 -12.76 13.43 3.44
N ARG A 80 -12.03 14.20 4.26
CA ARG A 80 -12.04 14.02 5.71
C ARG A 80 -13.45 14.18 6.29
N THR A 81 -14.28 14.98 5.65
CA THR A 81 -15.64 15.18 6.09
C THR A 81 -16.59 14.16 5.44
N ARG A 82 -16.09 13.47 4.44
CA ARG A 82 -16.85 12.46 3.73
C ARG A 82 -16.65 11.11 4.40
N GLY A 83 -15.43 10.62 4.36
CA GLY A 83 -15.11 9.35 4.91
C GLY A 83 -13.85 8.80 4.30
N LEU A 84 -13.52 7.59 4.70
CA LEU A 84 -12.30 6.90 4.28
C LEU A 84 -12.27 6.46 2.83
N GLU A 85 -13.42 6.52 2.18
CA GLU A 85 -13.60 6.05 0.80
C GLU A 85 -12.51 6.64 -0.13
N GLN A 86 -12.27 7.92 -0.01
CA GLN A 86 -11.31 8.58 -0.88
C GLN A 86 -9.88 8.29 -0.48
N ARG A 87 -9.64 8.08 0.81
CA ARG A 87 -8.31 7.72 1.27
C ARG A 87 -7.93 6.38 0.69
N ARG A 88 -8.78 5.39 0.90
CA ARG A 88 -8.52 4.06 0.40
C ARG A 88 -8.38 4.06 -1.14
N GLN A 89 -9.25 4.80 -1.83
CA GLN A 89 -9.27 4.80 -3.29
C GLN A 89 -8.03 5.46 -3.89
N GLY A 90 -7.64 6.61 -3.36
CA GLY A 90 -6.49 7.33 -3.89
C GLY A 90 -5.22 6.52 -3.77
N LEU A 91 -4.97 6.03 -2.58
CA LEU A 91 -3.77 5.27 -2.32
C LEU A 91 -3.79 3.92 -3.01
N GLU A 92 -4.98 3.31 -3.10
CA GLU A 92 -5.14 2.03 -3.77
C GLU A 92 -4.74 2.17 -5.22
N ALA A 93 -5.20 3.26 -5.84
CA ALA A 93 -4.92 3.55 -7.23
C ALA A 93 -3.43 3.63 -7.50
N TYR A 94 -2.70 4.23 -6.58
CA TYR A 94 -1.27 4.33 -6.74
C TYR A 94 -0.52 3.04 -6.42
N ILE A 95 -0.99 2.30 -5.41
CA ILE A 95 -0.35 1.03 -5.04
C ILE A 95 -0.60 -0.04 -6.13
N GLN A 96 -1.85 -0.13 -6.60
CA GLN A 96 -2.16 -1.09 -7.64
C GLN A 96 -1.52 -0.67 -8.95
N GLY A 97 -1.37 0.66 -9.11
CA GLY A 97 -0.73 1.22 -10.27
C GLY A 97 0.68 0.71 -10.42
N ILE A 98 1.51 0.90 -9.39
CA ILE A 98 2.91 0.43 -9.43
C ILE A 98 3.02 -1.06 -9.65
N LEU A 99 2.05 -1.79 -9.14
CA LEU A 99 2.02 -3.21 -9.37
C LEU A 99 1.83 -3.53 -10.86
N TYR A 100 0.93 -2.83 -11.49
CA TYR A 100 0.65 -3.02 -12.90
C TYR A 100 1.80 -2.45 -13.76
N LEU A 101 2.43 -1.40 -13.26
CA LEU A 101 3.48 -0.69 -13.97
C LEU A 101 4.75 -1.46 -14.22
N ASN A 102 5.38 -1.98 -13.19
CA ASN A 102 6.72 -2.54 -13.41
C ASN A 102 6.99 -3.83 -12.68
N GLN A 103 7.12 -3.76 -11.38
CA GLN A 103 7.57 -4.96 -10.66
C GLN A 103 6.51 -5.61 -9.78
N GLU A 104 5.26 -5.28 -10.03
CA GLU A 104 4.12 -5.84 -9.27
C GLU A 104 4.22 -5.62 -7.74
N VAL A 105 4.71 -6.58 -7.01
CA VAL A 105 4.87 -6.41 -5.59
C VAL A 105 6.35 -6.15 -5.27
N PRO A 106 6.70 -4.89 -4.94
CA PRO A 106 8.07 -4.50 -4.64
C PRO A 106 8.67 -5.28 -3.47
N LYS A 107 9.81 -5.92 -3.70
CA LYS A 107 10.52 -6.67 -2.68
C LYS A 107 10.96 -5.69 -1.59
N GLU A 108 11.13 -4.45 -1.97
CA GLU A 108 11.57 -3.43 -1.07
C GLU A 108 10.50 -3.11 -0.02
N LEU A 109 9.22 -3.48 -0.27
CA LEU A 109 8.19 -3.31 0.73
C LEU A 109 8.45 -4.33 1.84
N LEU A 110 8.99 -5.47 1.41
CA LEU A 110 9.43 -6.52 2.30
C LEU A 110 10.67 -6.06 3.04
N GLU A 111 11.41 -5.16 2.44
CA GLU A 111 12.52 -4.55 3.13
C GLU A 111 12.06 -3.46 4.10
N PHE A 112 10.84 -2.92 3.91
CA PHE A 112 10.35 -1.86 4.79
C PHE A 112 9.70 -2.41 6.02
N LEU A 113 8.67 -3.20 5.85
CA LEU A 113 7.95 -3.71 7.00
C LEU A 113 8.44 -5.09 7.32
N ARG A 114 9.51 -5.49 6.61
CA ARG A 114 10.14 -6.81 6.79
C ARG A 114 9.21 -7.92 6.36
N LEU A 115 8.30 -7.57 5.40
CA LEU A 115 7.19 -8.42 4.89
C LEU A 115 7.59 -9.80 4.36
N ARG A 116 8.87 -10.07 4.25
CA ARG A 116 9.30 -11.37 3.80
C ARG A 116 8.90 -12.50 4.74
N HIS A 117 8.23 -13.50 4.18
CA HIS A 117 7.71 -14.67 4.89
C HIS A 117 6.42 -14.31 5.68
N PHE A 118 5.93 -13.10 5.49
CA PHE A 118 4.68 -12.66 6.09
C PHE A 118 3.54 -12.80 5.11
N PRO A 119 2.60 -13.69 5.36
CA PRO A 119 1.37 -13.77 4.62
C PRO A 119 0.26 -13.08 5.43
N THR A 120 -0.95 -13.23 5.00
CA THR A 120 -2.05 -12.71 5.74
C THR A 120 -2.49 -13.69 6.81
N ASP A 121 -2.87 -13.17 7.95
CA ASP A 121 -3.36 -14.02 9.03
C ASP A 121 -4.81 -14.34 8.72
N PRO A 122 -5.13 -15.63 8.43
CA PRO A 122 -6.48 -16.06 8.04
C PRO A 122 -7.54 -15.64 9.04
N LYS A 123 -8.37 -14.71 8.64
CA LYS A 123 -9.40 -14.19 9.50
C LYS A 123 -10.69 -14.09 8.72
N ALA A 124 -11.72 -14.71 9.23
CA ALA A 124 -13.01 -14.68 8.61
C ALA A 124 -13.78 -13.49 9.12
N SER A 125 -13.81 -12.44 8.35
CA SER A 125 -14.49 -11.25 8.76
C SER A 125 -15.33 -10.71 7.62
N ASN A 126 -16.58 -10.48 7.89
CA ASN A 126 -17.54 -9.96 6.94
C ASN A 126 -18.69 -9.41 7.74
N TRP A 127 -19.55 -8.64 7.13
CA TRP A 127 -20.65 -8.08 7.87
C TRP A 127 -21.77 -7.69 6.92
N GLY A 128 -22.92 -8.27 7.15
CA GLY A 128 -24.06 -8.02 6.34
C GLY A 128 -25.22 -8.73 6.93
N GLY A 1 8.83 -11.50 -26.19
CA GLY A 1 7.81 -10.95 -25.30
C GLY A 1 8.14 -11.24 -23.87
N HIS A 2 7.18 -11.74 -23.11
CA HIS A 2 7.40 -12.08 -21.72
C HIS A 2 6.70 -13.38 -21.37
N HIS A 3 7.46 -14.44 -21.35
CA HIS A 3 6.93 -15.73 -20.97
C HIS A 3 7.56 -16.15 -19.63
N HIS A 4 8.47 -15.31 -19.17
CA HIS A 4 9.09 -15.48 -17.90
C HIS A 4 8.11 -15.05 -16.84
N HIS A 5 7.69 -15.97 -16.05
CA HIS A 5 6.75 -15.71 -15.02
C HIS A 5 7.36 -15.86 -13.65
N HIS A 6 7.81 -14.75 -13.12
CA HIS A 6 8.35 -14.73 -11.78
C HIS A 6 7.29 -14.17 -10.85
N HIS A 7 6.21 -13.73 -11.47
CA HIS A 7 5.05 -13.26 -10.79
C HIS A 7 3.85 -13.96 -11.36
N LEU A 8 3.07 -14.54 -10.51
CA LEU A 8 1.83 -15.19 -10.92
C LEU A 8 0.70 -14.20 -10.65
N GLU A 9 -0.52 -14.69 -10.33
CA GLU A 9 -1.69 -13.82 -10.07
C GLU A 9 -1.36 -12.65 -9.15
N LEU A 10 -1.97 -11.54 -9.43
CA LEU A 10 -1.69 -10.33 -8.74
C LEU A 10 -2.99 -9.56 -8.58
N GLU A 11 -3.29 -9.20 -7.36
CA GLU A 11 -4.47 -8.44 -7.04
C GLU A 11 -4.26 -7.82 -5.71
N VAL A 12 -4.19 -6.55 -5.69
CA VAL A 12 -3.89 -5.83 -4.52
C VAL A 12 -4.96 -4.78 -4.34
N HIS A 13 -5.31 -4.52 -3.11
CA HIS A 13 -6.40 -3.61 -2.80
C HIS A 13 -6.33 -3.25 -1.34
N ILE A 14 -7.04 -2.23 -0.95
CA ILE A 14 -7.08 -1.82 0.43
C ILE A 14 -8.46 -2.14 1.00
N PRO A 15 -8.63 -3.33 1.61
CA PRO A 15 -9.93 -3.78 2.13
C PRO A 15 -10.45 -2.91 3.26
N SER A 16 -9.55 -2.36 4.06
CA SER A 16 -9.95 -1.58 5.20
C SER A 16 -8.95 -0.48 5.51
N VAL A 17 -9.46 0.62 6.00
CA VAL A 17 -8.65 1.72 6.49
C VAL A 17 -9.21 2.07 7.85
N GLY A 18 -8.43 2.66 8.68
CA GLY A 18 -8.88 3.01 9.97
C GLY A 18 -8.07 4.11 10.54
N PRO A 19 -8.57 4.79 11.55
CA PRO A 19 -7.81 5.82 12.21
C PRO A 19 -6.63 5.22 12.87
N GLU A 20 -5.55 5.85 12.75
CA GLU A 20 -4.37 5.42 13.38
C GLU A 20 -4.32 6.19 14.69
N ALA A 21 -3.31 5.97 15.45
CA ALA A 21 -3.08 6.76 16.63
C ALA A 21 -2.72 8.16 16.17
N GLU A 22 -3.59 9.09 16.47
CA GLU A 22 -3.42 10.46 16.03
C GLU A 22 -2.26 11.13 16.73
N GLY A 23 -1.23 11.35 15.97
CA GLY A 23 -0.02 11.95 16.45
C GLY A 23 0.68 11.05 17.46
N PRO A 24 1.40 10.01 16.98
CA PRO A 24 2.20 9.15 17.84
C PRO A 24 3.51 9.83 18.22
N ARG A 25 3.88 10.79 17.39
CA ARG A 25 5.06 11.59 17.55
C ARG A 25 4.81 12.85 16.73
N GLN A 26 5.56 13.90 16.96
CA GLN A 26 5.42 15.12 16.18
C GLN A 26 6.09 14.86 14.82
N SER A 27 5.29 14.78 13.78
CA SER A 27 5.79 14.49 12.46
C SER A 27 5.47 15.65 11.50
N PRO A 28 6.32 15.89 10.46
CA PRO A 28 6.07 16.93 9.44
C PRO A 28 4.75 16.65 8.71
N GLU A 29 4.61 15.42 8.25
CA GLU A 29 3.38 14.96 7.67
C GLU A 29 2.57 14.34 8.81
N LYS A 30 1.36 13.92 8.60
CA LYS A 30 0.55 13.62 9.77
C LYS A 30 0.21 12.16 9.89
N SER A 31 0.66 11.59 10.96
CA SER A 31 0.41 10.23 11.26
C SER A 31 -0.87 10.11 12.08
N HIS A 32 -1.92 9.70 11.41
CA HIS A 32 -3.21 9.46 12.04
C HIS A 32 -4.08 8.65 11.08
N MET A 33 -3.43 7.97 10.16
CA MET A 33 -4.13 7.26 9.12
C MET A 33 -3.46 5.94 8.85
N VAL A 34 -4.16 4.87 9.05
CA VAL A 34 -3.60 3.59 8.78
C VAL A 34 -4.50 2.76 7.85
N PHE A 35 -3.98 2.41 6.71
CA PHE A 35 -4.72 1.61 5.77
C PHE A 35 -4.12 0.24 5.61
N ARG A 36 -4.97 -0.73 5.44
CA ARG A 36 -4.52 -2.09 5.31
C ARG A 36 -4.43 -2.46 3.85
N VAL A 37 -3.23 -2.54 3.33
CA VAL A 37 -3.02 -2.91 1.96
C VAL A 37 -2.90 -4.44 1.86
N GLU A 38 -3.77 -5.04 1.14
CA GLU A 38 -3.71 -6.45 0.97
C GLU A 38 -3.10 -6.76 -0.37
N VAL A 39 -1.91 -7.27 -0.34
CA VAL A 39 -1.17 -7.58 -1.53
C VAL A 39 -1.23 -9.07 -1.79
N LEU A 40 -1.80 -9.44 -2.91
CA LEU A 40 -1.74 -10.81 -3.36
C LEU A 40 -0.72 -10.82 -4.45
N CYS A 41 0.35 -11.47 -4.21
CA CYS A 41 1.39 -11.57 -5.16
C CYS A 41 1.79 -13.01 -5.35
N SER A 42 1.57 -13.51 -6.54
CA SER A 42 2.01 -14.83 -6.96
C SER A 42 1.35 -15.96 -6.13
N GLY A 43 0.16 -15.69 -5.62
CA GLY A 43 -0.55 -16.68 -4.85
C GLY A 43 -0.38 -16.49 -3.36
N ARG A 44 0.43 -15.52 -2.98
CA ARG A 44 0.64 -15.22 -1.58
C ARG A 44 0.06 -13.87 -1.26
N ARG A 45 -0.80 -13.81 -0.28
CA ARG A 45 -1.39 -12.56 0.14
C ARG A 45 -0.85 -12.16 1.47
N HIS A 46 -1.22 -10.96 1.89
CA HIS A 46 -1.06 -10.52 3.26
C HIS A 46 -1.63 -9.13 3.42
N THR A 47 -2.40 -8.93 4.45
CA THR A 47 -2.98 -7.65 4.74
C THR A 47 -1.98 -6.86 5.58
N VAL A 48 -1.37 -5.86 4.99
CA VAL A 48 -0.35 -5.07 5.64
C VAL A 48 -0.90 -3.70 6.04
N PRO A 49 -1.09 -3.44 7.34
CA PRO A 49 -1.53 -2.13 7.82
C PRO A 49 -0.37 -1.14 7.72
N ARG A 50 -0.52 -0.16 6.89
CA ARG A 50 0.52 0.77 6.66
C ARG A 50 -0.03 2.20 6.80
N ARG A 51 0.73 3.05 7.45
CA ARG A 51 0.36 4.45 7.64
C ARG A 51 0.36 5.14 6.30
N TYR A 52 -0.38 6.22 6.18
CA TYR A 52 -0.33 7.04 5.00
C TYR A 52 1.11 7.51 4.76
N SER A 53 1.71 8.04 5.81
CA SER A 53 3.06 8.60 5.76
C SER A 53 4.09 7.54 5.40
N GLU A 54 3.84 6.31 5.81
CA GLU A 54 4.75 5.22 5.54
C GLU A 54 4.70 4.84 4.08
N PHE A 55 3.49 4.76 3.50
CA PHE A 55 3.41 4.46 2.08
C PHE A 55 3.97 5.60 1.27
N HIS A 56 3.67 6.78 1.73
CA HIS A 56 4.11 8.01 1.11
C HIS A 56 5.65 7.99 0.99
N ALA A 57 6.30 7.40 2.00
CA ALA A 57 7.73 7.28 2.05
C ALA A 57 8.28 6.28 1.01
N LEU A 58 7.75 5.04 0.96
CA LEU A 58 8.31 4.08 0.00
C LEU A 58 8.02 4.48 -1.41
N HIS A 59 6.81 4.99 -1.67
CA HIS A 59 6.42 5.41 -3.03
C HIS A 59 7.41 6.49 -3.51
N LYS A 60 7.79 7.41 -2.61
CA LYS A 60 8.74 8.44 -2.98
C LYS A 60 10.16 7.91 -3.18
N ARG A 61 10.46 6.78 -2.55
CA ARG A 61 11.78 6.19 -2.72
C ARG A 61 11.80 5.39 -4.02
N ILE A 62 10.79 4.56 -4.19
CA ILE A 62 10.68 3.71 -5.38
C ILE A 62 10.47 4.47 -6.65
N LYS A 63 10.08 5.73 -6.58
CA LYS A 63 9.96 6.50 -7.80
C LYS A 63 11.34 6.78 -8.42
N LYS A 64 12.38 6.51 -7.65
CA LYS A 64 13.74 6.55 -8.12
C LYS A 64 14.24 5.11 -8.37
N LEU A 65 13.43 4.15 -7.96
CA LEU A 65 13.80 2.74 -8.01
C LEU A 65 13.19 2.06 -9.25
N TYR A 66 11.87 2.15 -9.40
CA TYR A 66 11.20 1.48 -10.50
C TYR A 66 10.14 2.39 -11.15
N LYS A 67 9.41 1.84 -12.12
CA LYS A 67 8.35 2.57 -12.85
C LYS A 67 7.21 2.93 -11.90
N VAL A 68 7.12 4.21 -11.58
CA VAL A 68 6.21 4.71 -10.57
C VAL A 68 5.64 6.08 -10.99
N PRO A 69 4.33 6.31 -10.82
CA PRO A 69 3.69 7.60 -11.10
C PRO A 69 3.90 8.60 -9.94
N ASP A 70 3.23 9.73 -10.02
CA ASP A 70 3.34 10.81 -9.02
C ASP A 70 2.77 10.34 -7.66
N PHE A 71 3.01 11.10 -6.61
CA PHE A 71 2.50 10.76 -5.30
C PHE A 71 1.83 11.95 -4.65
N PRO A 72 0.71 11.72 -3.93
CA PRO A 72 -0.01 12.78 -3.22
C PRO A 72 0.89 13.52 -2.23
N SER A 73 0.57 14.75 -1.98
CA SER A 73 1.35 15.56 -1.10
C SER A 73 0.80 15.48 0.31
N LYS A 74 1.54 16.06 1.24
CA LYS A 74 1.11 16.12 2.61
C LYS A 74 -0.11 17.05 2.80
N ARG A 75 -0.40 17.85 1.78
CA ARG A 75 -1.57 18.73 1.78
C ARG A 75 -2.78 17.89 1.48
N LEU A 76 -3.65 17.75 2.46
CA LEU A 76 -4.80 16.86 2.35
C LEU A 76 -6.06 17.56 2.87
N PRO A 77 -7.26 17.15 2.36
CA PRO A 77 -8.56 17.70 2.78
C PRO A 77 -8.83 17.55 4.29
N ASN A 78 -9.79 18.32 4.79
CA ASN A 78 -10.18 18.33 6.21
C ASN A 78 -10.85 17.00 6.65
N TRP A 79 -11.27 16.21 5.66
CA TRP A 79 -11.89 14.87 5.83
C TRP A 79 -13.34 14.92 6.33
N ARG A 80 -13.73 16.02 6.94
CA ARG A 80 -15.14 16.20 7.28
C ARG A 80 -15.89 16.61 6.02
N THR A 81 -15.24 17.41 5.22
CA THR A 81 -15.80 17.91 3.98
C THR A 81 -15.85 16.81 2.91
N ARG A 82 -14.76 16.08 2.79
CA ARG A 82 -14.65 14.99 1.84
C ARG A 82 -14.26 13.76 2.60
N GLY A 83 -15.03 12.70 2.41
CA GLY A 83 -14.86 11.47 3.16
C GLY A 83 -13.50 10.84 3.03
N LEU A 84 -13.17 9.99 3.98
CA LEU A 84 -11.86 9.34 4.04
C LEU A 84 -11.75 8.32 2.89
N GLU A 85 -12.90 7.92 2.38
CA GLU A 85 -12.98 7.01 1.25
C GLU A 85 -12.21 7.58 0.04
N GLN A 86 -12.19 8.92 -0.05
CA GLN A 86 -11.49 9.63 -1.11
C GLN A 86 -9.99 9.33 -0.98
N ARG A 87 -9.49 9.27 0.27
CA ARG A 87 -8.08 8.99 0.49
C ARG A 87 -7.77 7.59 0.00
N ARG A 88 -8.57 6.62 0.47
CA ARG A 88 -8.42 5.21 0.09
C ARG A 88 -8.38 5.09 -1.42
N GLN A 89 -9.36 5.72 -2.08
CA GLN A 89 -9.48 5.71 -3.52
C GLN A 89 -8.21 6.20 -4.20
N GLY A 90 -7.70 7.31 -3.72
CA GLY A 90 -6.47 7.85 -4.26
C GLY A 90 -5.32 6.90 -4.09
N LEU A 91 -5.14 6.42 -2.87
CA LEU A 91 -4.04 5.51 -2.57
C LEU A 91 -4.16 4.19 -3.31
N GLU A 92 -5.35 3.61 -3.37
CA GLU A 92 -5.51 2.34 -4.07
C GLU A 92 -5.21 2.53 -5.55
N ALA A 93 -5.59 3.68 -6.11
CA ALA A 93 -5.31 3.99 -7.50
C ALA A 93 -3.80 4.10 -7.75
N TYR A 94 -3.11 4.85 -6.91
CA TYR A 94 -1.65 5.01 -7.05
C TYR A 94 -0.89 3.72 -6.76
N ILE A 95 -1.35 2.97 -5.76
CA ILE A 95 -0.69 1.72 -5.47
C ILE A 95 -0.96 0.73 -6.59
N GLN A 96 -2.21 0.67 -7.06
CA GLN A 96 -2.58 -0.21 -8.19
C GLN A 96 -1.74 0.14 -9.42
N GLY A 97 -1.37 1.40 -9.53
CA GLY A 97 -0.52 1.84 -10.59
C GLY A 97 0.80 1.14 -10.59
N ILE A 98 1.53 1.26 -9.50
CA ILE A 98 2.87 0.66 -9.39
C ILE A 98 2.83 -0.87 -9.45
N LEU A 99 1.72 -1.43 -9.06
CA LEU A 99 1.50 -2.86 -9.07
C LEU A 99 1.21 -3.34 -10.50
N TYR A 100 0.55 -2.52 -11.27
CA TYR A 100 0.20 -2.89 -12.62
C TYR A 100 1.30 -2.48 -13.61
N LEU A 101 2.03 -1.43 -13.27
CA LEU A 101 3.09 -0.88 -14.13
C LEU A 101 4.26 -1.80 -14.39
N ASN A 102 4.91 -2.27 -13.34
CA ASN A 102 6.16 -3.00 -13.55
C ASN A 102 6.49 -3.97 -12.46
N GLN A 103 6.64 -3.46 -11.26
CA GLN A 103 7.14 -4.25 -10.17
C GLN A 103 6.15 -5.32 -9.73
N GLU A 104 4.86 -4.99 -9.81
CA GLU A 104 3.74 -5.90 -9.43
C GLU A 104 3.60 -6.06 -7.92
N VAL A 105 4.70 -6.17 -7.26
CA VAL A 105 4.77 -6.18 -5.83
C VAL A 105 6.11 -5.57 -5.39
N PRO A 106 6.07 -4.35 -4.82
CA PRO A 106 7.27 -3.63 -4.42
C PRO A 106 8.12 -4.40 -3.44
N LYS A 107 9.30 -4.79 -3.88
CA LYS A 107 10.26 -5.55 -3.06
C LYS A 107 10.65 -4.66 -1.88
N GLU A 108 10.56 -3.37 -2.10
CA GLU A 108 10.84 -2.38 -1.09
C GLU A 108 9.87 -2.44 0.05
N LEU A 109 8.66 -2.94 -0.19
CA LEU A 109 7.69 -3.05 0.88
C LEU A 109 8.14 -4.24 1.74
N LEU A 110 8.72 -5.21 1.06
CA LEU A 110 9.29 -6.39 1.70
C LEU A 110 10.50 -6.02 2.51
N GLU A 111 11.29 -5.12 2.01
CA GLU A 111 12.43 -4.65 2.75
C GLU A 111 11.98 -3.66 3.84
N PHE A 112 10.93 -2.93 3.55
CA PHE A 112 10.46 -1.85 4.41
C PHE A 112 9.88 -2.36 5.74
N LEU A 113 8.98 -3.35 5.69
CA LEU A 113 8.39 -3.87 6.94
C LEU A 113 8.85 -5.30 7.19
N ARG A 114 9.81 -5.75 6.42
CA ARG A 114 10.29 -7.14 6.43
C ARG A 114 9.13 -8.07 5.99
N LEU A 115 8.68 -7.87 4.78
CA LEU A 115 7.60 -8.68 4.23
C LEU A 115 8.20 -9.75 3.35
N ARG A 116 9.53 -9.83 3.38
CA ARG A 116 10.32 -10.79 2.60
C ARG A 116 9.80 -12.21 2.82
N HIS A 117 9.50 -12.88 1.72
CA HIS A 117 8.92 -14.21 1.72
C HIS A 117 7.53 -14.23 2.33
N PHE A 118 6.55 -14.03 1.52
CA PHE A 118 5.18 -14.17 1.98
C PHE A 118 4.84 -15.64 2.01
N PRO A 119 4.30 -16.13 3.11
CA PRO A 119 3.88 -17.50 3.21
C PRO A 119 2.53 -17.69 2.53
N THR A 120 2.00 -18.89 2.54
CA THR A 120 0.70 -19.08 1.97
C THR A 120 -0.37 -18.62 2.98
N ASP A 121 -0.60 -17.32 2.94
CA ASP A 121 -1.53 -16.64 3.82
C ASP A 121 -2.93 -17.10 3.42
N PRO A 122 -3.74 -17.57 4.39
CA PRO A 122 -5.09 -18.09 4.11
C PRO A 122 -5.97 -17.09 3.38
N LYS A 123 -6.54 -17.49 2.27
CA LYS A 123 -7.37 -16.59 1.49
C LYS A 123 -8.70 -16.37 2.18
N ALA A 124 -8.76 -15.30 2.92
CA ALA A 124 -9.97 -14.89 3.56
C ALA A 124 -10.13 -13.41 3.31
N SER A 125 -10.74 -13.11 2.20
CA SER A 125 -10.91 -11.75 1.78
C SER A 125 -11.96 -11.72 0.67
N ASN A 126 -13.20 -11.62 1.06
CA ASN A 126 -14.29 -11.64 0.14
C ASN A 126 -15.17 -10.44 0.37
N TRP A 127 -14.88 -9.38 -0.33
CA TRP A 127 -15.63 -8.18 -0.18
C TRP A 127 -16.72 -8.16 -1.20
N GLY A 128 -17.90 -8.18 -0.71
CA GLY A 128 -19.06 -8.20 -1.52
C GLY A 128 -20.14 -8.88 -0.77
N GLY A 1 11.30 -7.18 -18.35
CA GLY A 1 11.43 -7.92 -19.61
C GLY A 1 10.08 -8.34 -20.14
N HIS A 2 10.07 -8.92 -21.33
CA HIS A 2 8.83 -9.38 -21.94
C HIS A 2 8.71 -10.88 -21.77
N HIS A 3 7.50 -11.40 -22.01
CA HIS A 3 7.16 -12.83 -21.90
C HIS A 3 7.17 -13.29 -20.43
N HIS A 4 8.33 -13.22 -19.81
CA HIS A 4 8.50 -13.67 -18.44
C HIS A 4 8.00 -12.65 -17.43
N HIS A 5 6.73 -12.72 -17.16
CA HIS A 5 6.02 -11.95 -16.15
C HIS A 5 4.56 -12.38 -16.23
N HIS A 6 4.21 -13.34 -15.43
CA HIS A 6 2.91 -13.93 -15.54
C HIS A 6 2.31 -14.24 -14.19
N HIS A 7 1.56 -13.29 -13.66
CA HIS A 7 0.81 -13.46 -12.42
C HIS A 7 -0.52 -12.73 -12.55
N LEU A 8 -1.53 -13.41 -13.06
CA LEU A 8 -2.84 -12.80 -13.27
C LEU A 8 -3.78 -13.03 -12.11
N GLU A 9 -3.37 -13.84 -11.17
CA GLU A 9 -4.11 -13.99 -9.95
C GLU A 9 -3.54 -12.96 -9.01
N LEU A 10 -4.00 -11.74 -9.18
CA LEU A 10 -3.42 -10.62 -8.51
C LEU A 10 -4.49 -9.52 -8.33
N GLU A 11 -4.61 -9.04 -7.10
CA GLU A 11 -5.57 -8.01 -6.72
C GLU A 11 -4.94 -7.11 -5.69
N VAL A 12 -5.02 -5.82 -5.88
CA VAL A 12 -4.44 -4.89 -4.92
C VAL A 12 -5.45 -3.80 -4.64
N HIS A 13 -5.82 -3.64 -3.40
CA HIS A 13 -6.84 -2.66 -3.01
C HIS A 13 -6.82 -2.46 -1.50
N ILE A 14 -7.47 -1.42 -1.01
CA ILE A 14 -7.49 -1.17 0.44
C ILE A 14 -8.85 -1.50 1.02
N PRO A 15 -8.97 -2.60 1.77
CA PRO A 15 -10.23 -3.01 2.37
C PRO A 15 -10.56 -2.29 3.68
N SER A 16 -9.53 -1.91 4.44
CA SER A 16 -9.73 -1.35 5.76
C SER A 16 -8.65 -0.35 6.12
N VAL A 17 -9.01 0.64 6.90
CA VAL A 17 -8.09 1.62 7.42
C VAL A 17 -8.36 1.74 8.90
N GLY A 18 -7.34 1.72 9.72
CA GLY A 18 -7.58 1.83 11.10
C GLY A 18 -6.59 2.69 11.79
N PRO A 19 -6.93 3.17 12.97
CA PRO A 19 -6.03 3.97 13.77
C PRO A 19 -5.10 3.04 14.58
N GLU A 20 -4.46 2.13 13.84
CA GLU A 20 -3.66 1.04 14.39
C GLU A 20 -2.22 1.52 14.58
N ALA A 21 -1.95 2.73 14.16
CA ALA A 21 -0.61 3.28 14.19
C ALA A 21 -0.39 4.06 15.44
N GLU A 22 0.87 4.24 15.76
CA GLU A 22 1.26 4.95 16.95
C GLU A 22 1.46 6.42 16.63
N GLY A 23 1.64 7.22 17.64
CA GLY A 23 1.93 8.59 17.45
C GLY A 23 3.35 8.85 17.85
N PRO A 24 4.28 8.86 16.90
CA PRO A 24 5.69 9.02 17.20
C PRO A 24 5.99 10.41 17.78
N ARG A 25 5.52 11.40 17.10
CA ARG A 25 5.71 12.78 17.46
C ARG A 25 4.62 13.54 16.77
N GLN A 26 4.52 14.81 17.01
CA GLN A 26 3.56 15.57 16.28
C GLN A 26 4.14 15.95 14.95
N SER A 27 3.79 15.18 13.98
CA SER A 27 4.21 15.35 12.63
C SER A 27 3.11 16.10 11.88
N PRO A 28 3.39 16.66 10.67
CA PRO A 28 2.37 17.36 9.84
C PRO A 28 1.26 16.40 9.43
N GLU A 29 1.57 15.13 9.52
CA GLU A 29 0.68 14.05 9.20
C GLU A 29 -0.43 13.96 10.23
N LYS A 30 -0.02 13.80 11.51
CA LYS A 30 -0.94 13.62 12.67
C LYS A 30 -1.75 12.34 12.47
N SER A 31 -1.23 11.47 11.66
CA SER A 31 -1.96 10.32 11.25
C SER A 31 -1.67 9.14 12.15
N HIS A 32 -2.64 8.76 12.95
CA HIS A 32 -2.57 7.56 13.75
C HIS A 32 -3.27 6.47 12.99
N MET A 33 -3.76 6.86 11.85
CA MET A 33 -4.44 5.98 10.96
C MET A 33 -3.56 5.42 9.94
N VAL A 34 -3.72 4.20 9.76
CA VAL A 34 -2.95 3.44 8.88
C VAL A 34 -3.87 2.56 8.04
N PHE A 35 -3.66 2.58 6.74
CA PHE A 35 -4.47 1.78 5.88
C PHE A 35 -3.81 0.47 5.64
N ARG A 36 -4.58 -0.53 5.53
CA ARG A 36 -4.05 -1.84 5.36
C ARG A 36 -4.32 -2.31 3.96
N VAL A 37 -3.28 -2.31 3.16
CA VAL A 37 -3.38 -2.60 1.73
C VAL A 37 -3.33 -4.10 1.43
N GLU A 38 -4.35 -4.62 0.75
CA GLU A 38 -4.33 -6.00 0.30
C GLU A 38 -3.57 -6.11 -0.96
N VAL A 39 -2.45 -6.70 -0.87
CA VAL A 39 -1.67 -6.98 -2.00
C VAL A 39 -1.70 -8.48 -2.24
N LEU A 40 -2.44 -8.89 -3.25
CA LEU A 40 -2.52 -10.28 -3.63
C LEU A 40 -1.65 -10.45 -4.85
N CYS A 41 -0.70 -11.31 -4.77
CA CYS A 41 0.12 -11.64 -5.89
C CYS A 41 0.37 -13.13 -5.88
N SER A 42 -0.36 -13.83 -6.74
CA SER A 42 -0.30 -15.27 -6.87
C SER A 42 -0.64 -15.95 -5.51
N GLY A 43 -1.93 -16.06 -5.25
CA GLY A 43 -2.40 -16.69 -4.05
C GLY A 43 -2.32 -15.80 -2.82
N ARG A 44 -1.11 -15.49 -2.40
CA ARG A 44 -0.88 -14.72 -1.18
C ARG A 44 -1.38 -13.29 -1.28
N ARG A 45 -2.14 -12.90 -0.28
CA ARG A 45 -2.66 -11.57 -0.14
C ARG A 45 -2.56 -11.21 1.30
N HIS A 46 -1.96 -10.11 1.58
CA HIS A 46 -1.84 -9.70 2.97
C HIS A 46 -2.11 -8.26 3.10
N THR A 47 -2.77 -7.90 4.16
CA THR A 47 -3.10 -6.53 4.41
C THR A 47 -1.90 -5.87 5.06
N VAL A 48 -1.21 -5.07 4.31
CA VAL A 48 -0.05 -4.43 4.83
C VAL A 48 -0.45 -3.10 5.42
N PRO A 49 -0.36 -2.93 6.73
CA PRO A 49 -0.67 -1.68 7.35
C PRO A 49 0.40 -0.65 7.06
N ARG A 50 0.05 0.37 6.31
CA ARG A 50 0.98 1.39 6.01
C ARG A 50 0.30 2.76 6.04
N ARG A 51 0.89 3.66 6.76
CA ARG A 51 0.43 5.01 6.91
C ARG A 51 0.82 5.80 5.63
N TYR A 52 0.02 6.79 5.24
CA TYR A 52 0.30 7.53 3.98
C TYR A 52 1.64 8.24 3.99
N SER A 53 2.10 8.60 5.16
CA SER A 53 3.41 9.17 5.35
C SER A 53 4.46 8.15 4.88
N GLU A 54 4.25 6.90 5.27
CA GLU A 54 5.14 5.83 4.93
C GLU A 54 5.06 5.55 3.44
N PHE A 55 3.85 5.66 2.87
CA PHE A 55 3.70 5.45 1.45
C PHE A 55 4.50 6.47 0.64
N HIS A 56 4.62 7.69 1.16
CA HIS A 56 5.42 8.70 0.47
C HIS A 56 6.90 8.35 0.52
N ALA A 57 7.30 7.70 1.60
CA ALA A 57 8.67 7.19 1.69
C ALA A 57 8.84 6.02 0.72
N LEU A 58 7.85 5.13 0.70
CA LEU A 58 7.81 3.98 -0.22
C LEU A 58 7.93 4.48 -1.65
N HIS A 59 7.11 5.47 -1.96
CA HIS A 59 7.09 6.13 -3.26
C HIS A 59 8.47 6.66 -3.66
N LYS A 60 9.17 7.37 -2.76
CA LYS A 60 10.45 7.95 -3.15
C LYS A 60 11.48 6.86 -3.41
N ARG A 61 11.41 5.79 -2.62
CA ARG A 61 12.29 4.65 -2.77
C ARG A 61 12.08 4.04 -4.13
N ILE A 62 10.84 3.69 -4.39
CA ILE A 62 10.49 3.00 -5.58
C ILE A 62 10.56 3.83 -6.85
N LYS A 63 10.47 5.14 -6.77
CA LYS A 63 10.56 5.92 -8.02
C LYS A 63 11.97 5.87 -8.57
N LYS A 64 12.93 5.65 -7.68
CA LYS A 64 14.31 5.47 -8.12
C LYS A 64 14.55 3.98 -8.45
N LEU A 65 13.59 3.14 -8.06
CA LEU A 65 13.71 1.69 -8.20
C LEU A 65 12.91 1.18 -9.44
N TYR A 66 11.58 1.26 -9.39
CA TYR A 66 10.72 0.69 -10.43
C TYR A 66 9.82 1.76 -11.05
N LYS A 67 8.97 1.38 -12.01
CA LYS A 67 8.04 2.34 -12.64
C LYS A 67 6.98 2.80 -11.69
N VAL A 68 6.82 4.10 -11.64
CA VAL A 68 5.91 4.74 -10.73
C VAL A 68 5.33 5.92 -11.49
N PRO A 69 4.00 6.03 -11.58
CA PRO A 69 3.39 7.12 -12.30
C PRO A 69 3.49 8.44 -11.56
N ASP A 70 2.73 8.57 -10.49
CA ASP A 70 2.71 9.76 -9.65
C ASP A 70 2.43 9.34 -8.24
N PHE A 71 2.20 10.29 -7.38
CA PHE A 71 1.94 10.03 -6.01
C PHE A 71 0.72 10.82 -5.56
N PRO A 72 0.00 10.35 -4.53
CA PRO A 72 -1.06 11.13 -3.91
C PRO A 72 -0.41 12.28 -3.15
N SER A 73 -1.12 13.39 -3.05
CA SER A 73 -0.59 14.61 -2.44
C SER A 73 0.08 14.35 -1.08
N LYS A 74 1.13 15.11 -0.79
CA LYS A 74 1.89 14.96 0.44
C LYS A 74 1.09 15.39 1.66
N ARG A 75 0.11 16.23 1.42
CA ARG A 75 -0.82 16.62 2.44
C ARG A 75 -2.17 16.19 1.93
N LEU A 76 -2.74 15.18 2.53
CA LEU A 76 -4.01 14.66 2.07
C LEU A 76 -5.13 15.58 2.47
N PRO A 77 -6.15 15.73 1.61
CA PRO A 77 -7.34 16.48 1.94
C PRO A 77 -8.02 15.81 3.14
N ASN A 78 -8.87 16.53 3.82
CA ASN A 78 -9.55 15.98 4.98
C ASN A 78 -10.68 15.05 4.57
N TRP A 79 -10.88 14.96 3.25
CA TRP A 79 -11.85 14.07 2.61
C TRP A 79 -13.25 14.43 3.11
N ARG A 80 -13.48 15.75 3.26
CA ARG A 80 -14.72 16.34 3.82
C ARG A 80 -16.02 15.70 3.28
N THR A 81 -16.06 15.40 2.00
CA THR A 81 -17.26 14.85 1.39
C THR A 81 -17.13 13.34 1.07
N ARG A 82 -16.07 12.70 1.55
CA ARG A 82 -15.83 11.31 1.23
C ARG A 82 -15.49 10.44 2.46
N GLY A 83 -14.63 10.95 3.31
CA GLY A 83 -14.18 10.19 4.44
C GLY A 83 -13.10 9.20 4.02
N LEU A 84 -13.17 7.98 4.50
CA LEU A 84 -12.19 6.96 4.15
C LEU A 84 -12.26 6.57 2.69
N GLU A 85 -13.39 6.82 2.08
CA GLU A 85 -13.66 6.52 0.68
C GLU A 85 -12.55 7.13 -0.21
N GLN A 86 -12.27 8.42 -0.02
CA GLN A 86 -11.31 9.12 -0.86
C GLN A 86 -9.88 8.75 -0.48
N ARG A 87 -9.65 8.51 0.82
CA ARG A 87 -8.33 8.09 1.29
C ARG A 87 -7.96 6.76 0.62
N ARG A 88 -8.86 5.81 0.77
CA ARG A 88 -8.77 4.48 0.19
C ARG A 88 -8.54 4.52 -1.33
N GLN A 89 -9.46 5.16 -2.03
CA GLN A 89 -9.47 5.19 -3.49
C GLN A 89 -8.19 5.78 -4.08
N GLY A 90 -7.75 6.90 -3.52
CA GLY A 90 -6.55 7.53 -4.03
C GLY A 90 -5.34 6.64 -3.90
N LEU A 91 -5.17 6.08 -2.72
CA LEU A 91 -4.04 5.22 -2.45
C LEU A 91 -4.06 3.93 -3.24
N GLU A 92 -5.21 3.22 -3.26
CA GLU A 92 -5.25 1.97 -4.01
C GLU A 92 -5.06 2.17 -5.50
N ALA A 93 -5.54 3.29 -6.02
CA ALA A 93 -5.36 3.59 -7.43
C ALA A 93 -3.88 3.67 -7.79
N TYR A 94 -3.11 4.38 -6.98
CA TYR A 94 -1.69 4.48 -7.23
C TYR A 94 -0.92 3.21 -6.87
N ILE A 95 -1.27 2.57 -5.77
CA ILE A 95 -0.58 1.34 -5.34
C ILE A 95 -0.81 0.19 -6.33
N GLN A 96 -2.04 0.07 -6.83
CA GLN A 96 -2.34 -0.94 -7.83
C GLN A 96 -1.56 -0.65 -9.11
N GLY A 97 -1.49 0.64 -9.46
CA GLY A 97 -0.82 1.08 -10.65
C GLY A 97 0.63 0.64 -10.69
N ILE A 98 1.41 1.03 -9.69
CA ILE A 98 2.83 0.68 -9.60
C ILE A 98 3.09 -0.80 -9.64
N LEU A 99 2.28 -1.52 -8.93
CA LEU A 99 2.46 -2.93 -8.82
C LEU A 99 2.12 -3.61 -10.16
N TYR A 100 1.15 -3.08 -10.86
CA TYR A 100 0.77 -3.65 -12.12
C TYR A 100 1.76 -3.23 -13.22
N LEU A 101 2.43 -2.09 -13.01
CA LEU A 101 3.37 -1.54 -13.99
C LEU A 101 4.64 -2.32 -14.14
N ASN A 102 5.39 -2.50 -13.08
CA ASN A 102 6.72 -3.03 -13.26
C ASN A 102 7.15 -4.11 -12.29
N GLN A 103 7.47 -3.76 -11.06
CA GLN A 103 8.10 -4.76 -10.20
C GLN A 103 7.08 -5.61 -9.45
N GLU A 104 5.78 -5.32 -9.67
CA GLU A 104 4.70 -6.02 -8.93
C GLU A 104 4.84 -5.61 -7.47
N VAL A 105 4.54 -6.52 -6.53
CA VAL A 105 4.65 -6.22 -5.10
C VAL A 105 6.07 -5.66 -4.76
N PRO A 106 6.14 -4.37 -4.34
CA PRO A 106 7.39 -3.69 -4.06
C PRO A 106 8.30 -4.45 -3.11
N LYS A 107 9.51 -4.75 -3.59
CA LYS A 107 10.53 -5.40 -2.77
C LYS A 107 10.85 -4.49 -1.60
N GLU A 108 10.69 -3.20 -1.82
CA GLU A 108 10.97 -2.22 -0.80
C GLU A 108 10.06 -2.50 0.41
N LEU A 109 8.76 -2.68 0.15
CA LEU A 109 7.80 -2.92 1.21
C LEU A 109 8.11 -4.25 1.84
N LEU A 110 8.40 -5.20 0.95
CA LEU A 110 8.72 -6.56 1.30
C LEU A 110 9.85 -6.54 2.34
N GLU A 111 10.86 -5.77 2.06
CA GLU A 111 12.02 -5.64 2.91
C GLU A 111 11.74 -4.74 4.14
N PHE A 112 10.91 -3.71 3.98
CA PHE A 112 10.78 -2.68 5.00
C PHE A 112 10.07 -3.16 6.23
N LEU A 113 8.94 -3.78 6.08
CA LEU A 113 8.21 -4.20 7.28
C LEU A 113 8.58 -5.62 7.62
N ARG A 114 9.68 -6.09 6.98
CA ARG A 114 10.17 -7.45 7.14
C ARG A 114 9.05 -8.36 6.67
N LEU A 115 8.43 -7.95 5.56
CA LEU A 115 7.26 -8.60 5.01
C LEU A 115 7.58 -9.97 4.44
N ARG A 116 7.64 -10.92 5.30
CA ARG A 116 7.85 -12.30 4.95
C ARG A 116 6.62 -12.87 4.27
N HIS A 117 6.72 -14.12 3.82
CA HIS A 117 5.61 -14.81 3.17
C HIS A 117 4.40 -14.94 4.12
N PHE A 118 3.66 -13.85 4.25
CA PHE A 118 2.46 -13.81 5.03
C PHE A 118 1.34 -14.61 4.38
N PRO A 119 0.43 -15.16 5.19
CA PRO A 119 -0.72 -15.89 4.70
C PRO A 119 -1.76 -14.95 4.10
N THR A 120 -2.88 -15.50 3.73
CA THR A 120 -3.91 -14.76 3.05
C THR A 120 -4.86 -14.00 4.00
N ASP A 121 -4.96 -12.71 3.76
CA ASP A 121 -5.97 -11.87 4.36
C ASP A 121 -7.04 -11.67 3.35
N PRO A 122 -8.23 -12.21 3.59
CA PRO A 122 -9.31 -12.13 2.64
C PRO A 122 -10.06 -10.80 2.71
N LYS A 123 -10.67 -10.42 1.60
CA LYS A 123 -11.49 -9.24 1.53
C LYS A 123 -12.81 -9.51 2.25
N ALA A 124 -12.79 -9.32 3.54
CA ALA A 124 -13.96 -9.53 4.37
C ALA A 124 -13.89 -8.62 5.56
N SER A 125 -14.41 -7.44 5.39
CA SER A 125 -14.50 -6.44 6.42
C SER A 125 -15.60 -5.47 6.06
N ASN A 126 -16.76 -5.66 6.65
CA ASN A 126 -17.90 -4.81 6.37
C ASN A 126 -17.83 -3.52 7.14
N TRP A 127 -17.57 -2.45 6.44
CA TRP A 127 -17.56 -1.16 7.04
C TRP A 127 -18.89 -0.51 6.85
N GLY A 128 -19.65 -0.48 7.89
CA GLY A 128 -20.96 0.06 7.83
C GLY A 128 -21.92 -0.83 8.54
N GLY A 1 12.88 -21.32 -19.55
CA GLY A 1 13.31 -20.61 -18.35
C GLY A 1 12.43 -19.43 -18.10
N HIS A 2 13.01 -18.38 -17.53
CA HIS A 2 12.33 -17.12 -17.22
C HIS A 2 11.33 -17.29 -16.08
N HIS A 3 11.69 -16.84 -14.91
CA HIS A 3 10.82 -16.93 -13.75
C HIS A 3 10.00 -15.65 -13.59
N HIS A 4 8.90 -15.59 -14.32
CA HIS A 4 7.91 -14.52 -14.22
C HIS A 4 6.57 -15.11 -14.53
N HIS A 5 5.53 -14.47 -14.08
CA HIS A 5 4.19 -14.88 -14.42
C HIS A 5 3.30 -13.68 -14.50
N HIS A 6 2.88 -13.38 -15.69
CA HIS A 6 1.91 -12.33 -15.90
C HIS A 6 0.56 -12.97 -15.94
N HIS A 7 -0.51 -12.21 -15.64
CA HIS A 7 -1.87 -12.78 -15.52
C HIS A 7 -1.89 -13.75 -14.31
N LEU A 8 -0.99 -13.47 -13.36
CA LEU A 8 -0.78 -14.32 -12.20
C LEU A 8 -1.77 -13.99 -11.09
N GLU A 9 -2.78 -13.17 -11.41
CA GLU A 9 -3.79 -12.70 -10.44
C GLU A 9 -3.13 -11.70 -9.50
N LEU A 10 -3.25 -10.44 -9.85
CA LEU A 10 -2.62 -9.37 -9.11
C LEU A 10 -3.62 -8.28 -8.82
N GLU A 11 -3.97 -8.14 -7.58
CA GLU A 11 -4.89 -7.12 -7.13
C GLU A 11 -4.31 -6.46 -5.92
N VAL A 12 -4.32 -5.17 -5.86
CA VAL A 12 -3.86 -4.53 -4.67
C VAL A 12 -4.94 -3.59 -4.28
N HIS A 13 -5.47 -3.76 -3.11
CA HIS A 13 -6.61 -2.98 -2.68
C HIS A 13 -6.58 -2.82 -1.19
N ILE A 14 -7.12 -1.75 -0.71
CA ILE A 14 -7.16 -1.48 0.71
C ILE A 14 -8.58 -1.76 1.26
N PRO A 15 -8.78 -2.94 1.91
CA PRO A 15 -10.08 -3.32 2.50
C PRO A 15 -10.64 -2.31 3.53
N SER A 16 -9.76 -1.59 4.26
CA SER A 16 -10.22 -0.64 5.27
C SER A 16 -9.08 0.26 5.78
N VAL A 17 -9.45 1.31 6.51
CA VAL A 17 -8.49 2.24 7.10
C VAL A 17 -8.97 2.58 8.52
N GLY A 18 -8.04 2.76 9.43
CA GLY A 18 -8.39 3.10 10.79
C GLY A 18 -7.28 3.86 11.48
N PRO A 19 -7.56 4.57 12.55
CA PRO A 19 -6.55 5.28 13.27
C PRO A 19 -6.00 4.48 14.47
N GLU A 20 -4.89 3.77 14.25
CA GLU A 20 -4.26 3.00 15.33
C GLU A 20 -2.83 2.54 14.99
N ALA A 21 -2.09 3.38 14.30
CA ALA A 21 -0.71 3.07 13.96
C ALA A 21 0.16 3.31 15.18
N GLU A 22 1.33 2.74 15.17
CA GLU A 22 2.25 2.88 16.28
C GLU A 22 3.05 4.17 16.13
N GLY A 23 3.79 4.51 17.16
CA GLY A 23 4.65 5.66 17.11
C GLY A 23 6.09 5.22 17.03
N PRO A 24 6.63 5.04 15.81
CA PRO A 24 7.99 4.48 15.60
C PRO A 24 9.13 5.38 16.13
N ARG A 25 9.29 6.52 15.52
CA ARG A 25 10.34 7.45 15.83
C ARG A 25 9.86 8.80 15.33
N GLN A 26 10.59 9.86 15.62
CA GLN A 26 10.25 11.20 15.16
C GLN A 26 10.23 11.17 13.61
N SER A 27 9.03 11.08 13.06
CA SER A 27 8.79 10.90 11.64
C SER A 27 8.46 12.28 11.00
N PRO A 28 8.15 12.37 9.65
CA PRO A 28 7.76 13.65 8.96
C PRO A 28 6.56 14.39 9.62
N GLU A 29 6.05 13.82 10.70
CA GLU A 29 4.97 14.36 11.49
C GLU A 29 3.65 14.23 10.79
N LYS A 30 3.12 13.04 10.86
CA LYS A 30 1.87 12.73 10.27
C LYS A 30 1.01 12.09 11.33
N SER A 31 -0.13 11.63 10.93
CA SER A 31 -1.02 11.01 11.83
C SER A 31 -0.67 9.54 12.04
N HIS A 32 -0.84 9.09 13.26
CA HIS A 32 -0.66 7.68 13.65
C HIS A 32 -1.90 6.88 13.19
N MET A 33 -2.27 7.09 11.95
CA MET A 33 -3.41 6.49 11.35
C MET A 33 -2.94 5.52 10.27
N VAL A 34 -3.63 4.42 10.10
CA VAL A 34 -3.15 3.34 9.30
C VAL A 34 -4.22 2.75 8.36
N PHE A 35 -3.78 2.37 7.18
CA PHE A 35 -4.64 1.71 6.23
C PHE A 35 -4.15 0.32 5.98
N ARG A 36 -5.06 -0.60 5.77
CA ARG A 36 -4.71 -1.98 5.61
C ARG A 36 -4.72 -2.32 4.15
N VAL A 37 -3.55 -2.40 3.55
CA VAL A 37 -3.45 -2.69 2.15
C VAL A 37 -3.41 -4.20 1.97
N GLU A 38 -4.05 -4.69 0.98
CA GLU A 38 -4.02 -6.09 0.74
C GLU A 38 -3.46 -6.36 -0.62
N VAL A 39 -2.28 -6.92 -0.65
CA VAL A 39 -1.61 -7.26 -1.88
C VAL A 39 -1.93 -8.71 -2.23
N LEU A 40 -2.64 -8.89 -3.32
CA LEU A 40 -3.06 -10.18 -3.83
C LEU A 40 -2.08 -10.61 -4.92
N CYS A 41 -1.37 -11.66 -4.67
CA CYS A 41 -0.43 -12.19 -5.63
C CYS A 41 -0.59 -13.70 -5.78
N SER A 42 -1.16 -14.12 -6.91
CA SER A 42 -1.36 -15.53 -7.26
C SER A 42 -2.45 -16.19 -6.38
N GLY A 43 -3.10 -15.38 -5.58
CA GLY A 43 -4.10 -15.88 -4.67
C GLY A 43 -3.66 -15.68 -3.26
N ARG A 44 -2.35 -15.64 -3.08
CA ARG A 44 -1.78 -15.37 -1.79
C ARG A 44 -1.80 -13.90 -1.54
N ARG A 45 -2.36 -13.54 -0.45
CA ARG A 45 -2.63 -12.18 -0.15
C ARG A 45 -2.38 -11.90 1.29
N HIS A 46 -1.80 -10.78 1.54
CA HIS A 46 -1.52 -10.41 2.89
C HIS A 46 -2.08 -9.04 3.14
N THR A 47 -2.85 -8.93 4.19
CA THR A 47 -3.42 -7.69 4.59
C THR A 47 -2.37 -6.97 5.47
N VAL A 48 -1.76 -5.97 4.90
CA VAL A 48 -0.68 -5.24 5.52
C VAL A 48 -1.15 -3.87 5.99
N PRO A 49 -1.30 -3.67 7.29
CA PRO A 49 -1.61 -2.38 7.85
C PRO A 49 -0.38 -1.49 7.93
N ARG A 50 -0.38 -0.40 7.19
CA ARG A 50 0.70 0.58 7.21
C ARG A 50 0.18 2.00 7.30
N ARG A 51 1.04 2.87 7.74
CA ARG A 51 0.71 4.25 7.98
C ARG A 51 0.90 5.05 6.67
N TYR A 52 0.45 6.28 6.67
CA TYR A 52 0.59 7.15 5.50
C TYR A 52 2.07 7.57 5.26
N SER A 53 2.84 7.60 6.33
CA SER A 53 4.22 8.12 6.30
C SER A 53 5.10 7.34 5.34
N GLU A 54 5.08 6.04 5.46
CA GLU A 54 5.86 5.17 4.63
C GLU A 54 5.32 5.08 3.23
N PHE A 55 4.03 4.90 3.07
CA PHE A 55 3.43 4.79 1.73
C PHE A 55 3.62 6.02 0.87
N HIS A 56 3.65 7.17 1.50
CA HIS A 56 3.86 8.38 0.76
C HIS A 56 5.32 8.46 0.32
N ALA A 57 6.23 8.12 1.24
CA ALA A 57 7.66 8.13 0.97
C ALA A 57 8.04 7.01 0.01
N LEU A 58 7.42 5.86 0.21
CA LEU A 58 7.63 4.65 -0.62
C LEU A 58 7.36 4.95 -2.07
N HIS A 59 6.25 5.58 -2.31
CA HIS A 59 5.84 5.87 -3.65
C HIS A 59 6.81 6.88 -4.30
N LYS A 60 7.16 7.94 -3.59
CA LYS A 60 8.10 8.90 -4.14
C LYS A 60 9.54 8.37 -4.21
N ARG A 61 9.88 7.46 -3.31
CA ARG A 61 11.20 6.85 -3.28
C ARG A 61 11.45 6.14 -4.59
N ILE A 62 10.48 5.38 -5.01
CA ILE A 62 10.58 4.67 -6.25
C ILE A 62 10.23 5.51 -7.46
N LYS A 63 9.60 6.69 -7.28
CA LYS A 63 9.26 7.49 -8.49
C LYS A 63 10.52 7.97 -9.16
N LYS A 64 11.53 8.26 -8.36
CA LYS A 64 12.83 8.61 -8.89
C LYS A 64 13.55 7.38 -9.45
N LEU A 65 13.12 6.22 -9.04
CA LEU A 65 13.80 4.97 -9.34
C LEU A 65 13.20 4.24 -10.57
N TYR A 66 11.86 4.11 -10.64
CA TYR A 66 11.27 3.38 -11.76
C TYR A 66 9.95 4.04 -12.21
N LYS A 67 9.24 3.39 -13.14
CA LYS A 67 7.94 3.86 -13.66
C LYS A 67 6.92 3.95 -12.55
N VAL A 68 6.58 5.16 -12.20
CA VAL A 68 5.71 5.45 -11.08
C VAL A 68 4.92 6.74 -11.35
N PRO A 69 3.59 6.71 -11.16
CA PRO A 69 2.74 7.90 -11.34
C PRO A 69 2.85 8.90 -10.15
N ASP A 70 1.96 9.89 -10.11
CA ASP A 70 1.94 10.93 -9.06
C ASP A 70 1.71 10.37 -7.67
N PHE A 71 1.76 11.24 -6.71
CA PHE A 71 1.57 10.90 -5.32
C PHE A 71 0.57 11.85 -4.69
N PRO A 72 -0.08 11.46 -3.58
CA PRO A 72 -1.00 12.34 -2.85
C PRO A 72 -0.25 13.55 -2.28
N SER A 73 -0.97 14.61 -2.05
CA SER A 73 -0.39 15.83 -1.57
C SER A 73 0.14 15.64 -0.12
N LYS A 74 1.12 16.46 0.27
CA LYS A 74 1.72 16.37 1.62
C LYS A 74 0.70 16.81 2.66
N ARG A 75 0.19 17.99 2.47
CA ARG A 75 -0.80 18.53 3.34
C ARG A 75 -2.17 18.06 2.91
N LEU A 76 -2.73 17.21 3.69
CA LEU A 76 -4.06 16.71 3.46
C LEU A 76 -4.90 16.96 4.69
N PRO A 77 -6.22 17.11 4.53
CA PRO A 77 -7.16 17.31 5.64
C PRO A 77 -7.06 16.19 6.67
N ASN A 78 -7.57 16.45 7.85
CA ASN A 78 -7.51 15.49 8.96
C ASN A 78 -8.54 14.36 8.80
N TRP A 79 -9.12 14.26 7.59
CA TRP A 79 -10.07 13.20 7.18
C TRP A 79 -11.39 13.25 7.93
N ARG A 80 -11.58 14.29 8.69
CA ARG A 80 -12.83 14.51 9.36
C ARG A 80 -13.84 15.06 8.35
N THR A 81 -13.33 15.84 7.42
CA THR A 81 -14.12 16.49 6.41
C THR A 81 -14.46 15.49 5.27
N ARG A 82 -13.46 14.75 4.83
CA ARG A 82 -13.62 13.80 3.74
C ARG A 82 -13.84 12.41 4.29
N GLY A 83 -13.92 11.45 3.42
CA GLY A 83 -14.04 10.10 3.83
C GLY A 83 -12.78 9.36 3.51
N LEU A 84 -12.64 8.17 4.02
CA LEU A 84 -11.47 7.38 3.75
C LEU A 84 -11.44 6.81 2.37
N GLU A 85 -12.57 6.76 1.71
CA GLU A 85 -12.63 6.26 0.35
C GLU A 85 -11.87 7.12 -0.61
N GLN A 86 -11.80 8.41 -0.34
CA GLN A 86 -11.03 9.34 -1.15
C GLN A 86 -9.55 9.00 -1.02
N ARG A 87 -9.10 8.89 0.22
CA ARG A 87 -7.71 8.54 0.53
C ARG A 87 -7.38 7.15 -0.02
N ARG A 88 -8.20 6.18 0.36
CA ARG A 88 -8.07 4.82 -0.09
C ARG A 88 -8.01 4.70 -1.63
N GLN A 89 -8.86 5.46 -2.33
CA GLN A 89 -8.85 5.46 -3.81
C GLN A 89 -7.50 5.91 -4.35
N GLY A 90 -6.91 6.89 -3.67
CA GLY A 90 -5.61 7.37 -4.06
C GLY A 90 -4.58 6.26 -4.02
N LEU A 91 -4.53 5.53 -2.93
CA LEU A 91 -3.58 4.43 -2.81
C LEU A 91 -3.96 3.29 -3.75
N GLU A 92 -5.26 3.05 -3.98
CA GLU A 92 -5.70 2.02 -4.96
C GLU A 92 -5.04 2.28 -6.30
N ALA A 93 -5.16 3.52 -6.75
CA ALA A 93 -4.65 3.92 -8.04
C ALA A 93 -3.14 3.94 -8.06
N TYR A 94 -2.54 4.54 -7.08
CA TYR A 94 -1.11 4.70 -7.06
C TYR A 94 -0.35 3.40 -6.71
N ILE A 95 -0.77 2.72 -5.67
CA ILE A 95 -0.09 1.49 -5.22
C ILE A 95 -0.31 0.32 -6.20
N GLN A 96 -1.54 0.10 -6.64
CA GLN A 96 -1.78 -0.98 -7.60
C GLN A 96 -1.18 -0.59 -8.95
N GLY A 97 -1.19 0.71 -9.23
CA GLY A 97 -0.62 1.21 -10.46
C GLY A 97 0.82 0.80 -10.62
N ILE A 98 1.62 1.04 -9.59
CA ILE A 98 3.04 0.67 -9.64
C ILE A 98 3.25 -0.84 -9.68
N LEU A 99 2.35 -1.58 -9.04
CA LEU A 99 2.44 -3.02 -9.08
C LEU A 99 2.15 -3.55 -10.48
N TYR A 100 1.33 -2.83 -11.18
CA TYR A 100 0.96 -3.19 -12.53
C TYR A 100 2.06 -2.70 -13.51
N LEU A 101 2.83 -1.71 -13.08
CA LEU A 101 3.85 -1.09 -13.93
C LEU A 101 5.15 -1.87 -14.06
N ASN A 102 5.83 -2.18 -12.96
CA ASN A 102 7.14 -2.84 -13.09
C ASN A 102 7.54 -3.71 -11.91
N GLN A 103 7.83 -3.11 -10.74
CA GLN A 103 8.37 -3.88 -9.60
C GLN A 103 7.36 -4.74 -8.93
N GLU A 104 6.15 -4.60 -9.35
CA GLU A 104 5.03 -5.30 -8.76
C GLU A 104 4.90 -4.79 -7.32
N VAL A 105 5.22 -5.59 -6.34
CA VAL A 105 5.26 -5.07 -5.01
C VAL A 105 6.68 -4.51 -4.78
N PRO A 106 6.77 -3.16 -4.57
CA PRO A 106 8.05 -2.45 -4.43
C PRO A 106 9.06 -3.18 -3.55
N LYS A 107 10.24 -3.46 -4.13
CA LYS A 107 11.32 -4.17 -3.47
C LYS A 107 11.73 -3.45 -2.19
N GLU A 108 11.56 -2.16 -2.18
CA GLU A 108 11.88 -1.37 -1.03
C GLU A 108 10.90 -1.54 0.13
N LEU A 109 9.71 -2.12 -0.13
CA LEU A 109 8.79 -2.43 0.97
C LEU A 109 9.36 -3.64 1.65
N LEU A 110 9.97 -4.50 0.85
CA LEU A 110 10.65 -5.68 1.34
C LEU A 110 11.80 -5.29 2.25
N GLU A 111 12.48 -4.24 1.89
CA GLU A 111 13.55 -3.74 2.72
C GLU A 111 13.03 -2.93 3.93
N PHE A 112 11.80 -2.42 3.84
CA PHE A 112 11.28 -1.52 4.89
C PHE A 112 10.52 -2.28 5.95
N LEU A 113 9.60 -3.03 5.48
CA LEU A 113 8.64 -3.74 6.28
C LEU A 113 9.24 -5.12 6.60
N ARG A 114 10.34 -5.40 5.92
CA ARG A 114 11.04 -6.65 5.97
C ARG A 114 10.19 -7.76 5.37
N LEU A 115 9.89 -7.60 4.11
CA LEU A 115 9.10 -8.57 3.39
C LEU A 115 10.04 -9.50 2.68
N ARG A 116 9.74 -10.76 2.66
CA ARG A 116 10.55 -11.70 1.96
C ARG A 116 9.69 -12.38 0.92
N HIS A 117 10.23 -12.49 -0.29
CA HIS A 117 9.54 -13.01 -1.47
C HIS A 117 8.47 -12.03 -1.92
N PHE A 118 7.34 -12.10 -1.27
CA PHE A 118 6.19 -11.26 -1.51
C PHE A 118 5.38 -11.27 -0.24
N PRO A 119 4.54 -10.26 0.01
CA PRO A 119 3.65 -10.29 1.16
C PRO A 119 2.50 -11.27 0.91
N THR A 120 2.69 -12.49 1.31
CA THR A 120 1.75 -13.53 1.08
C THR A 120 1.14 -14.02 2.38
N ASP A 121 0.18 -14.89 2.27
CA ASP A 121 -0.38 -15.55 3.41
C ASP A 121 0.25 -16.93 3.49
N PRO A 122 0.55 -17.40 4.71
CA PRO A 122 1.12 -18.74 4.91
C PRO A 122 0.18 -19.80 4.35
N LYS A 123 -1.09 -19.62 4.67
CA LYS A 123 -2.16 -20.46 4.20
C LYS A 123 -3.45 -19.95 4.78
N ALA A 124 -4.06 -19.03 4.10
CA ALA A 124 -5.34 -18.55 4.48
C ALA A 124 -6.38 -19.43 3.86
N SER A 125 -7.53 -19.49 4.46
CA SER A 125 -8.59 -20.31 3.97
C SER A 125 -9.19 -19.67 2.73
N ASN A 126 -8.72 -20.11 1.57
CA ASN A 126 -9.22 -19.66 0.27
C ASN A 126 -8.61 -20.52 -0.81
N TRP A 127 -9.44 -20.96 -1.73
CA TRP A 127 -9.05 -21.83 -2.83
C TRP A 127 -10.22 -21.97 -3.77
N GLY A 128 -10.01 -21.65 -5.01
CA GLY A 128 -11.04 -21.76 -6.00
C GLY A 128 -10.60 -21.08 -7.24
N GLY A 1 12.05 -25.85 -19.99
CA GLY A 1 11.12 -24.75 -20.21
C GLY A 1 11.46 -23.59 -19.34
N HIS A 2 11.37 -22.39 -19.87
CA HIS A 2 11.70 -21.23 -19.09
C HIS A 2 10.60 -20.19 -19.15
N HIS A 3 9.64 -20.34 -18.27
CA HIS A 3 8.58 -19.39 -18.10
C HIS A 3 7.81 -19.65 -16.82
N HIS A 4 8.25 -19.03 -15.76
CA HIS A 4 7.53 -19.12 -14.52
C HIS A 4 7.30 -17.73 -13.97
N HIS A 5 6.30 -17.11 -14.51
CA HIS A 5 5.85 -15.80 -14.10
C HIS A 5 4.39 -15.69 -14.36
N HIS A 6 3.61 -16.13 -13.43
CA HIS A 6 2.20 -15.98 -13.56
C HIS A 6 1.79 -14.80 -12.75
N HIS A 7 1.35 -13.80 -13.43
CA HIS A 7 0.96 -12.57 -12.80
C HIS A 7 -0.24 -11.95 -13.48
N LEU A 8 -1.36 -12.59 -13.27
CA LEU A 8 -2.64 -12.16 -13.82
C LEU A 8 -3.69 -12.28 -12.75
N GLU A 9 -3.23 -12.60 -11.56
CA GLU A 9 -4.07 -12.80 -10.40
C GLU A 9 -3.72 -11.71 -9.40
N LEU A 10 -3.24 -10.60 -9.91
CA LEU A 10 -2.80 -9.52 -9.08
C LEU A 10 -3.96 -8.60 -8.75
N GLU A 11 -4.33 -8.56 -7.50
CA GLU A 11 -5.39 -7.69 -7.03
C GLU A 11 -4.89 -6.88 -5.87
N VAL A 12 -4.80 -5.61 -6.05
CA VAL A 12 -4.36 -4.75 -4.99
C VAL A 12 -5.53 -3.92 -4.55
N HIS A 13 -5.89 -4.02 -3.32
CA HIS A 13 -7.03 -3.27 -2.81
C HIS A 13 -6.83 -2.95 -1.36
N ILE A 14 -7.36 -1.86 -0.93
CA ILE A 14 -7.29 -1.47 0.46
C ILE A 14 -8.66 -1.75 1.09
N PRO A 15 -8.82 -2.92 1.76
CA PRO A 15 -10.12 -3.33 2.28
C PRO A 15 -10.61 -2.54 3.49
N SER A 16 -9.70 -2.06 4.32
CA SER A 16 -10.09 -1.35 5.51
C SER A 16 -9.01 -0.35 5.94
N VAL A 17 -9.45 0.75 6.54
CA VAL A 17 -8.57 1.78 7.03
C VAL A 17 -9.10 2.23 8.39
N GLY A 18 -8.21 2.52 9.31
CA GLY A 18 -8.65 2.91 10.61
C GLY A 18 -7.58 3.65 11.37
N PRO A 19 -7.95 4.39 12.40
CA PRO A 19 -7.00 5.08 13.23
C PRO A 19 -6.28 4.09 14.15
N GLU A 20 -4.97 4.16 14.16
CA GLU A 20 -4.16 3.21 14.91
C GLU A 20 -3.65 3.84 16.18
N ALA A 21 -2.58 4.58 16.04
CA ALA A 21 -1.94 5.19 17.16
C ALA A 21 -1.70 6.65 16.89
N GLU A 22 -2.21 7.50 17.75
CA GLU A 22 -1.98 8.90 17.60
C GLU A 22 -0.61 9.26 18.11
N GLY A 23 0.24 9.59 17.17
CA GLY A 23 1.63 9.81 17.42
C GLY A 23 2.29 8.54 17.89
N PRO A 24 2.61 7.60 16.97
CA PRO A 24 3.24 6.34 17.33
C PRO A 24 4.71 6.55 17.68
N ARG A 25 5.31 7.44 16.94
CA ARG A 25 6.65 7.85 17.13
C ARG A 25 6.74 9.20 16.47
N GLN A 26 7.74 9.99 16.77
CA GLN A 26 7.83 11.29 16.17
C GLN A 26 8.39 11.18 14.77
N SER A 27 7.49 11.19 13.81
CA SER A 27 7.82 11.10 12.43
C SER A 27 7.80 12.50 11.84
N PRO A 28 8.53 12.74 10.73
CA PRO A 28 8.55 14.06 10.06
C PRO A 28 7.15 14.57 9.69
N GLU A 29 6.26 13.67 9.34
CA GLU A 29 4.91 14.02 8.93
C GLU A 29 3.85 13.36 9.84
N LYS A 30 4.04 12.07 10.13
CA LYS A 30 3.16 11.28 11.02
C LYS A 30 1.82 10.91 10.40
N SER A 31 1.32 9.79 10.83
CA SER A 31 0.05 9.29 10.42
C SER A 31 -0.54 8.58 11.61
N HIS A 32 -1.60 9.11 12.17
CA HIS A 32 -2.24 8.42 13.29
C HIS A 32 -3.30 7.49 12.79
N MET A 33 -3.47 7.48 11.50
CA MET A 33 -4.41 6.67 10.87
C MET A 33 -3.73 5.86 9.81
N VAL A 34 -4.09 4.61 9.71
CA VAL A 34 -3.37 3.70 8.86
C VAL A 34 -4.30 2.86 7.99
N PHE A 35 -3.86 2.58 6.78
CA PHE A 35 -4.62 1.79 5.86
C PHE A 35 -3.94 0.47 5.56
N ARG A 36 -4.72 -0.56 5.38
CA ARG A 36 -4.19 -1.86 5.05
C ARG A 36 -4.22 -2.08 3.56
N VAL A 37 -3.08 -2.00 2.94
CA VAL A 37 -2.97 -2.26 1.54
C VAL A 37 -2.84 -3.76 1.35
N GLU A 38 -3.76 -4.33 0.67
CA GLU A 38 -3.70 -5.72 0.48
C GLU A 38 -3.35 -6.02 -0.96
N VAL A 39 -2.16 -6.51 -1.14
CA VAL A 39 -1.63 -6.83 -2.44
C VAL A 39 -1.73 -8.33 -2.64
N LEU A 40 -2.61 -8.74 -3.52
CA LEU A 40 -2.77 -10.13 -3.84
C LEU A 40 -1.86 -10.45 -5.00
N CYS A 41 -0.94 -11.31 -4.76
CA CYS A 41 -0.02 -11.70 -5.75
C CYS A 41 -0.05 -13.21 -5.89
N SER A 42 -0.71 -13.66 -6.93
CA SER A 42 -0.83 -15.07 -7.28
C SER A 42 -1.40 -15.94 -6.15
N GLY A 43 -2.71 -15.85 -5.96
CA GLY A 43 -3.41 -16.67 -4.97
C GLY A 43 -3.24 -16.20 -3.53
N ARG A 44 -2.09 -15.71 -3.19
CA ARG A 44 -1.81 -15.25 -1.85
C ARG A 44 -1.79 -13.74 -1.81
N ARG A 45 -2.18 -13.18 -0.70
CA ARG A 45 -2.18 -11.74 -0.56
C ARG A 45 -1.67 -11.41 0.79
N HIS A 46 -1.19 -10.22 0.96
CA HIS A 46 -0.75 -9.81 2.26
C HIS A 46 -1.41 -8.52 2.61
N THR A 47 -2.04 -8.51 3.75
CA THR A 47 -2.67 -7.33 4.25
C THR A 47 -1.60 -6.49 4.96
N VAL A 48 -1.09 -5.46 4.30
CA VAL A 48 -0.01 -4.65 4.85
C VAL A 48 -0.53 -3.32 5.37
N PRO A 49 -0.55 -3.11 6.70
CA PRO A 49 -0.90 -1.83 7.27
C PRO A 49 0.21 -0.83 7.00
N ARG A 50 -0.05 0.12 6.15
CA ARG A 50 0.94 1.06 5.77
C ARG A 50 0.45 2.46 6.11
N ARG A 51 1.31 3.26 6.73
CA ARG A 51 0.92 4.62 7.08
C ARG A 51 0.86 5.51 5.84
N TYR A 52 0.15 6.60 5.99
CA TYR A 52 -0.04 7.60 4.96
C TYR A 52 1.32 8.24 4.60
N SER A 53 2.05 8.64 5.63
CA SER A 53 3.37 9.22 5.49
C SER A 53 4.38 8.19 5.00
N GLU A 54 4.15 6.93 5.39
CA GLU A 54 5.02 5.85 4.99
C GLU A 54 4.95 5.63 3.51
N PHE A 55 3.74 5.64 2.94
CA PHE A 55 3.61 5.51 1.51
C PHE A 55 4.32 6.65 0.79
N HIS A 56 4.26 7.86 1.37
CA HIS A 56 4.97 9.00 0.78
C HIS A 56 6.47 8.71 0.63
N ALA A 57 7.09 8.27 1.71
CA ALA A 57 8.52 7.95 1.71
C ALA A 57 8.82 6.72 0.83
N LEU A 58 7.97 5.72 0.95
CA LEU A 58 8.04 4.48 0.16
C LEU A 58 8.01 4.76 -1.33
N HIS A 59 7.06 5.56 -1.73
CA HIS A 59 6.87 5.93 -3.11
C HIS A 59 8.14 6.66 -3.63
N LYS A 60 8.76 7.46 -2.75
CA LYS A 60 10.00 8.16 -3.08
C LYS A 60 11.17 7.20 -3.18
N ARG A 61 11.20 6.22 -2.29
CA ARG A 61 12.24 5.18 -2.29
C ARG A 61 12.27 4.51 -3.64
N ILE A 62 11.15 3.98 -4.00
CA ILE A 62 11.02 3.17 -5.17
C ILE A 62 11.05 3.90 -6.49
N LYS A 63 10.79 5.22 -6.53
CA LYS A 63 10.90 5.90 -7.84
C LYS A 63 12.34 5.89 -8.31
N LYS A 64 13.25 5.73 -7.38
CA LYS A 64 14.67 5.58 -7.70
C LYS A 64 14.94 4.19 -8.31
N LEU A 65 14.07 3.22 -8.01
CA LEU A 65 14.26 1.85 -8.47
C LEU A 65 13.42 1.50 -9.69
N TYR A 66 12.10 1.58 -9.57
CA TYR A 66 11.24 1.11 -10.64
C TYR A 66 10.34 2.26 -11.13
N LYS A 67 9.49 1.98 -12.13
CA LYS A 67 8.57 3.01 -12.65
C LYS A 67 7.52 3.36 -11.68
N VAL A 68 7.51 4.60 -11.31
CA VAL A 68 6.65 5.09 -10.26
C VAL A 68 6.14 6.48 -10.62
N PRO A 69 4.81 6.72 -10.60
CA PRO A 69 4.22 8.06 -10.81
C PRO A 69 4.46 8.93 -9.57
N ASP A 70 3.58 9.86 -9.30
CA ASP A 70 3.75 10.69 -8.12
C ASP A 70 2.73 10.37 -7.06
N PHE A 71 2.93 10.87 -5.86
CA PHE A 71 2.06 10.51 -4.74
C PHE A 71 1.05 11.60 -4.42
N PRO A 72 -0.06 11.25 -3.72
CA PRO A 72 -1.05 12.23 -3.30
C PRO A 72 -0.47 13.15 -2.24
N SER A 73 -0.99 14.36 -2.20
CA SER A 73 -0.57 15.40 -1.28
C SER A 73 -0.71 14.95 0.18
N LYS A 74 -0.09 15.69 1.06
CA LYS A 74 -0.19 15.43 2.47
C LYS A 74 -1.51 15.99 3.01
N ARG A 75 -2.14 16.85 2.20
CA ARG A 75 -3.40 17.45 2.58
C ARG A 75 -4.52 17.06 1.64
N LEU A 76 -5.40 16.27 2.16
CA LEU A 76 -6.60 15.81 1.49
C LEU A 76 -7.80 16.37 2.27
N PRO A 77 -9.07 16.11 1.88
CA PRO A 77 -10.24 16.57 2.64
C PRO A 77 -10.16 16.16 4.12
N ASN A 78 -10.86 16.88 4.97
CA ASN A 78 -10.84 16.62 6.43
C ASN A 78 -11.65 15.39 6.83
N TRP A 79 -12.00 14.59 5.82
CA TRP A 79 -12.72 13.29 5.96
C TRP A 79 -14.20 13.50 6.32
N ARG A 80 -14.49 14.60 6.96
CA ARG A 80 -15.84 15.00 7.30
C ARG A 80 -16.52 15.58 6.04
N THR A 81 -15.75 16.35 5.29
CA THR A 81 -16.23 17.03 4.09
C THR A 81 -16.43 16.05 2.93
N ARG A 82 -15.45 15.21 2.73
CA ARG A 82 -15.48 14.16 1.73
C ARG A 82 -15.00 12.89 2.35
N GLY A 83 -15.64 11.80 1.98
CA GLY A 83 -15.40 10.51 2.60
C GLY A 83 -13.97 10.02 2.59
N LEU A 84 -13.67 9.17 3.54
CA LEU A 84 -12.36 8.57 3.72
C LEU A 84 -12.06 7.67 2.53
N GLU A 85 -13.11 7.24 1.85
CA GLU A 85 -12.99 6.42 0.67
C GLU A 85 -12.15 7.12 -0.41
N GLN A 86 -12.19 8.45 -0.43
CA GLN A 86 -11.39 9.22 -1.36
C GLN A 86 -9.91 8.97 -1.11
N ARG A 87 -9.57 8.80 0.16
CA ARG A 87 -8.20 8.55 0.59
C ARG A 87 -7.74 7.17 0.18
N ARG A 88 -8.47 6.15 0.60
CA ARG A 88 -8.05 4.77 0.31
C ARG A 88 -7.99 4.51 -1.20
N GLN A 89 -9.02 4.91 -1.95
CA GLN A 89 -8.98 4.75 -3.40
C GLN A 89 -7.94 5.63 -4.06
N GLY A 90 -7.53 6.69 -3.38
CA GLY A 90 -6.48 7.52 -3.90
C GLY A 90 -5.18 6.75 -3.88
N LEU A 91 -4.86 6.19 -2.72
CA LEU A 91 -3.66 5.38 -2.57
C LEU A 91 -3.76 4.10 -3.38
N GLU A 92 -4.93 3.46 -3.34
CA GLU A 92 -5.17 2.19 -4.05
C GLU A 92 -4.93 2.36 -5.56
N ALA A 93 -5.32 3.52 -6.09
CA ALA A 93 -5.12 3.82 -7.49
C ALA A 93 -3.63 3.89 -7.82
N TYR A 94 -2.88 4.65 -7.03
CA TYR A 94 -1.44 4.79 -7.26
C TYR A 94 -0.67 3.50 -6.97
N ILE A 95 -1.09 2.77 -5.95
CA ILE A 95 -0.42 1.52 -5.59
C ILE A 95 -0.67 0.45 -6.66
N GLN A 96 -1.85 0.46 -7.25
CA GLN A 96 -2.13 -0.39 -8.39
C GLN A 96 -1.27 0.04 -9.57
N GLY A 97 -1.15 1.35 -9.75
CA GLY A 97 -0.37 1.89 -10.84
C GLY A 97 1.05 1.37 -10.81
N ILE A 98 1.70 1.53 -9.67
CA ILE A 98 3.06 1.06 -9.51
C ILE A 98 3.20 -0.46 -9.65
N LEU A 99 2.19 -1.18 -9.21
CA LEU A 99 2.22 -2.61 -9.37
C LEU A 99 2.03 -3.04 -10.83
N TYR A 100 1.16 -2.35 -11.52
CA TYR A 100 0.88 -2.66 -12.89
C TYR A 100 2.03 -2.19 -13.82
N LEU A 101 2.75 -1.13 -13.39
CA LEU A 101 3.84 -0.56 -14.20
C LEU A 101 5.08 -1.42 -14.35
N ASN A 102 5.70 -1.82 -13.25
CA ASN A 102 7.01 -2.45 -13.41
C ASN A 102 7.30 -3.53 -12.38
N GLN A 103 7.47 -3.17 -11.12
CA GLN A 103 7.99 -4.13 -10.16
C GLN A 103 6.87 -4.87 -9.39
N GLU A 104 5.63 -4.60 -9.75
CA GLU A 104 4.46 -5.23 -9.12
C GLU A 104 4.39 -5.13 -7.59
N VAL A 105 4.71 -6.17 -6.87
CA VAL A 105 4.67 -6.12 -5.43
C VAL A 105 5.99 -5.57 -4.87
N PRO A 106 5.94 -4.38 -4.22
CA PRO A 106 7.12 -3.71 -3.67
C PRO A 106 8.01 -4.61 -2.82
N LYS A 107 9.14 -4.93 -3.38
CA LYS A 107 10.16 -5.74 -2.77
C LYS A 107 10.71 -5.02 -1.51
N GLU A 108 10.56 -3.69 -1.47
CA GLU A 108 10.98 -2.95 -0.29
C GLU A 108 10.10 -3.31 0.91
N LEU A 109 8.80 -3.58 0.66
CA LEU A 109 7.89 -3.97 1.75
C LEU A 109 8.16 -5.37 2.13
N LEU A 110 8.55 -6.15 1.15
CA LEU A 110 8.93 -7.53 1.32
C LEU A 110 10.02 -7.56 2.42
N GLU A 111 11.00 -6.69 2.28
CA GLU A 111 12.08 -6.56 3.24
C GLU A 111 11.62 -5.80 4.51
N PHE A 112 10.67 -4.89 4.32
CA PHE A 112 10.30 -3.92 5.37
C PHE A 112 9.65 -4.58 6.54
N LEU A 113 8.70 -5.45 6.29
CA LEU A 113 7.99 -6.07 7.39
C LEU A 113 8.48 -7.47 7.58
N ARG A 114 9.64 -7.81 6.95
CA ARG A 114 10.21 -9.18 7.04
C ARG A 114 9.24 -10.18 6.39
N LEU A 115 8.50 -9.68 5.39
CA LEU A 115 7.41 -10.38 4.71
C LEU A 115 7.87 -11.63 3.96
N ARG A 116 9.16 -11.76 3.76
CA ARG A 116 9.71 -12.88 3.03
C ARG A 116 9.29 -14.24 3.58
N HIS A 117 8.89 -15.12 2.67
CA HIS A 117 8.50 -16.51 3.00
C HIS A 117 7.10 -16.60 3.69
N PHE A 118 6.45 -15.47 3.90
CA PHE A 118 5.12 -15.47 4.51
C PHE A 118 4.06 -15.15 3.47
N PRO A 119 2.85 -15.73 3.60
CA PRO A 119 1.72 -15.31 2.80
C PRO A 119 1.12 -14.02 3.38
N THR A 120 0.60 -14.15 4.58
CA THR A 120 0.00 -13.06 5.33
C THR A 120 -0.32 -13.62 6.71
N ASP A 121 -0.75 -12.79 7.64
CA ASP A 121 -1.17 -13.33 8.93
C ASP A 121 -2.59 -13.81 8.78
N PRO A 122 -2.96 -14.92 9.44
CA PRO A 122 -4.29 -15.49 9.34
C PRO A 122 -5.38 -14.55 9.85
N LYS A 123 -5.96 -13.84 8.93
CA LYS A 123 -7.06 -12.96 9.21
C LYS A 123 -8.02 -13.03 8.06
N ALA A 124 -8.97 -13.92 8.18
CA ALA A 124 -9.93 -14.13 7.14
C ALA A 124 -11.20 -14.68 7.75
N SER A 125 -12.20 -13.87 7.80
CA SER A 125 -13.46 -14.25 8.31
C SER A 125 -14.52 -13.85 7.32
N ASN A 126 -15.05 -14.82 6.61
CA ASN A 126 -16.04 -14.54 5.61
C ASN A 126 -17.44 -14.63 6.20
N TRP A 127 -18.13 -13.51 6.16
CA TRP A 127 -19.45 -13.41 6.70
C TRP A 127 -20.31 -12.64 5.70
N GLY A 128 -21.24 -13.34 5.07
CA GLY A 128 -22.09 -12.70 4.11
C GLY A 128 -21.80 -13.19 2.72
N GLY A 1 11.13 -17.26 -25.77
CA GLY A 1 10.15 -16.45 -25.07
C GLY A 1 10.32 -16.54 -23.57
N HIS A 2 10.75 -15.45 -22.96
CA HIS A 2 10.93 -15.42 -21.53
C HIS A 2 9.59 -15.38 -20.82
N HIS A 3 9.21 -16.50 -20.26
CA HIS A 3 7.96 -16.56 -19.55
C HIS A 3 8.21 -16.65 -18.06
N HIS A 4 8.15 -15.51 -17.43
CA HIS A 4 8.39 -15.41 -16.01
C HIS A 4 7.22 -14.70 -15.33
N HIS A 5 6.09 -14.64 -16.01
CA HIS A 5 4.91 -14.07 -15.41
C HIS A 5 3.94 -15.17 -15.04
N HIS A 6 4.26 -15.84 -13.97
CA HIS A 6 3.47 -16.96 -13.52
C HIS A 6 2.56 -16.54 -12.39
N HIS A 7 2.71 -15.31 -11.94
CA HIS A 7 1.86 -14.82 -10.89
C HIS A 7 0.59 -14.25 -11.47
N LEU A 8 -0.40 -15.08 -11.60
CA LEU A 8 -1.70 -14.64 -12.01
C LEU A 8 -2.48 -14.36 -10.76
N GLU A 9 -3.58 -13.64 -10.89
CA GLU A 9 -4.36 -13.20 -9.74
C GLU A 9 -3.56 -12.19 -8.93
N LEU A 10 -3.58 -10.98 -9.42
CA LEU A 10 -2.87 -9.88 -8.83
C LEU A 10 -3.87 -8.78 -8.50
N GLU A 11 -4.16 -8.60 -7.25
CA GLU A 11 -5.09 -7.56 -6.84
C GLU A 11 -4.53 -6.81 -5.69
N VAL A 12 -4.32 -5.56 -5.84
CA VAL A 12 -3.84 -4.81 -4.76
C VAL A 12 -4.96 -3.89 -4.35
N HIS A 13 -5.37 -3.97 -3.12
CA HIS A 13 -6.49 -3.18 -2.66
C HIS A 13 -6.34 -2.85 -1.20
N ILE A 14 -7.12 -1.93 -0.72
CA ILE A 14 -7.10 -1.59 0.68
C ILE A 14 -8.46 -2.01 1.30
N PRO A 15 -8.54 -3.25 1.85
CA PRO A 15 -9.81 -3.84 2.33
C PRO A 15 -10.47 -3.10 3.48
N SER A 16 -9.68 -2.48 4.33
CA SER A 16 -10.22 -1.79 5.48
C SER A 16 -9.32 -0.65 5.90
N VAL A 17 -9.91 0.41 6.42
CA VAL A 17 -9.19 1.53 6.95
C VAL A 17 -9.94 2.01 8.18
N GLY A 18 -9.21 2.37 9.19
CA GLY A 18 -9.81 2.83 10.40
C GLY A 18 -8.81 3.63 11.18
N PRO A 19 -9.24 4.44 12.13
CA PRO A 19 -8.33 5.13 13.00
C PRO A 19 -7.80 4.17 14.05
N GLU A 20 -6.51 3.84 13.97
CA GLU A 20 -5.89 2.85 14.88
C GLU A 20 -6.00 3.38 16.30
N ALA A 21 -5.38 4.50 16.55
CA ALA A 21 -5.43 5.12 17.84
C ALA A 21 -5.78 6.59 17.73
N GLU A 22 -6.59 7.06 18.64
CA GLU A 22 -6.93 8.46 18.66
C GLU A 22 -5.81 9.28 19.28
N GLY A 23 -5.12 10.00 18.43
CA GLY A 23 -4.03 10.88 18.85
C GLY A 23 -2.85 10.15 19.49
N PRO A 24 -1.97 9.57 18.69
CA PRO A 24 -0.72 8.99 19.16
C PRO A 24 0.38 10.08 19.23
N ARG A 25 1.64 9.66 19.26
CA ARG A 25 2.75 10.59 19.33
C ARG A 25 2.87 11.37 18.00
N GLN A 26 3.65 12.45 18.00
CA GLN A 26 3.77 13.36 16.86
C GLN A 26 4.00 12.63 15.54
N SER A 27 3.05 12.78 14.68
CA SER A 27 3.07 12.23 13.37
C SER A 27 3.00 13.43 12.42
N PRO A 28 3.17 13.25 11.08
CA PRO A 28 3.07 14.35 10.10
C PRO A 28 1.85 15.24 10.34
N GLU A 29 0.72 14.63 10.54
CA GLU A 29 -0.49 15.36 10.84
C GLU A 29 -1.10 14.81 12.12
N LYS A 30 -1.47 13.54 12.10
CA LYS A 30 -2.09 12.85 13.22
C LYS A 30 -2.41 11.45 12.77
N SER A 31 -1.80 10.47 13.38
CA SER A 31 -2.06 9.12 13.00
C SER A 31 -3.38 8.62 13.56
N HIS A 32 -4.40 8.82 12.79
CA HIS A 32 -5.72 8.32 13.08
C HIS A 32 -6.22 7.70 11.79
N MET A 33 -5.28 7.24 11.02
CA MET A 33 -5.55 6.68 9.75
C MET A 33 -4.66 5.49 9.53
N VAL A 34 -5.19 4.32 9.73
CA VAL A 34 -4.44 3.14 9.43
C VAL A 34 -5.12 2.38 8.31
N PHE A 35 -4.43 2.19 7.23
CA PHE A 35 -4.99 1.48 6.14
C PHE A 35 -4.27 0.18 5.90
N ARG A 36 -5.01 -0.80 5.52
CA ARG A 36 -4.45 -2.09 5.24
C ARG A 36 -4.25 -2.24 3.76
N VAL A 37 -3.03 -2.18 3.31
CA VAL A 37 -2.75 -2.36 1.92
C VAL A 37 -2.55 -3.86 1.66
N GLU A 38 -3.52 -4.46 1.05
CA GLU A 38 -3.49 -5.87 0.83
C GLU A 38 -3.07 -6.14 -0.60
N VAL A 39 -1.90 -6.66 -0.73
CA VAL A 39 -1.33 -6.99 -2.00
C VAL A 39 -1.56 -8.49 -2.24
N LEU A 40 -2.47 -8.79 -3.16
CA LEU A 40 -2.81 -10.16 -3.51
C LEU A 40 -1.95 -10.54 -4.71
N CYS A 41 -1.12 -11.53 -4.56
CA CYS A 41 -0.27 -11.98 -5.64
C CYS A 41 -0.25 -13.50 -5.69
N SER A 42 -0.58 -14.04 -6.86
CA SER A 42 -0.54 -15.48 -7.11
C SER A 42 -1.58 -16.20 -6.24
N GLY A 43 -2.58 -15.46 -5.80
CA GLY A 43 -3.61 -16.00 -4.96
C GLY A 43 -3.33 -15.78 -3.49
N ARG A 44 -2.12 -15.34 -3.18
CA ARG A 44 -1.71 -15.13 -1.80
C ARG A 44 -1.87 -13.66 -1.48
N ARG A 45 -2.58 -13.36 -0.44
CA ARG A 45 -2.82 -11.96 -0.11
C ARG A 45 -2.27 -11.58 1.26
N HIS A 46 -1.40 -10.60 1.29
CA HIS A 46 -0.90 -10.11 2.56
C HIS A 46 -1.47 -8.75 2.88
N THR A 47 -2.20 -8.69 3.96
CA THR A 47 -2.83 -7.49 4.41
C THR A 47 -1.83 -6.70 5.25
N VAL A 48 -1.32 -5.61 4.70
CA VAL A 48 -0.28 -4.85 5.38
C VAL A 48 -0.81 -3.49 5.89
N PRO A 49 -1.12 -3.37 7.19
CA PRO A 49 -1.60 -2.12 7.80
C PRO A 49 -0.46 -1.11 7.98
N ARG A 50 -0.66 0.08 7.44
CA ARG A 50 0.32 1.17 7.53
C ARG A 50 -0.40 2.49 7.58
N ARG A 51 0.33 3.55 7.88
CA ARG A 51 -0.24 4.87 7.78
C ARG A 51 0.24 5.58 6.52
N TYR A 52 -0.34 6.73 6.30
CA TYR A 52 -0.18 7.51 5.07
C TYR A 52 1.30 7.86 4.77
N SER A 53 2.06 8.14 5.82
CA SER A 53 3.44 8.57 5.69
C SER A 53 4.34 7.50 5.09
N GLU A 54 4.10 6.26 5.45
CA GLU A 54 4.93 5.18 4.93
C GLU A 54 4.76 5.01 3.47
N PHE A 55 3.60 5.32 2.96
CA PHE A 55 3.44 5.28 1.54
C PHE A 55 4.14 6.45 0.87
N HIS A 56 4.01 7.62 1.47
CA HIS A 56 4.61 8.84 0.92
C HIS A 56 6.14 8.68 0.84
N ALA A 57 6.73 8.20 1.91
CA ALA A 57 8.17 7.95 1.95
C ALA A 57 8.54 6.80 1.04
N LEU A 58 7.68 5.78 0.97
CA LEU A 58 7.87 4.63 0.08
C LEU A 58 8.00 5.13 -1.33
N HIS A 59 7.07 5.98 -1.73
CA HIS A 59 7.03 6.52 -3.07
C HIS A 59 8.30 7.26 -3.41
N LYS A 60 8.75 8.13 -2.53
CA LYS A 60 9.89 8.92 -2.86
C LYS A 60 11.17 8.09 -2.88
N ARG A 61 11.20 6.99 -2.14
CA ARG A 61 12.36 6.13 -2.11
C ARG A 61 12.49 5.38 -3.44
N ILE A 62 11.37 4.96 -3.99
CA ILE A 62 11.36 4.18 -5.21
C ILE A 62 11.06 5.00 -6.47
N LYS A 63 10.83 6.30 -6.33
CA LYS A 63 10.44 7.11 -7.50
C LYS A 63 11.50 7.17 -8.60
N LYS A 64 12.76 7.11 -8.21
CA LYS A 64 13.83 7.06 -9.22
C LYS A 64 14.16 5.60 -9.60
N LEU A 65 13.57 4.65 -8.90
CA LEU A 65 13.96 3.25 -9.00
C LEU A 65 13.15 2.44 -10.05
N TYR A 66 11.89 2.75 -10.23
CA TYR A 66 11.05 2.00 -11.17
C TYR A 66 9.95 2.94 -11.69
N LYS A 67 9.05 2.47 -12.55
CA LYS A 67 7.94 3.33 -13.02
C LYS A 67 6.82 3.33 -11.99
N VAL A 68 6.50 4.50 -11.49
CA VAL A 68 5.53 4.65 -10.40
C VAL A 68 4.39 5.49 -10.95
N PRO A 69 3.12 5.20 -10.59
CA PRO A 69 1.94 5.94 -11.13
C PRO A 69 1.93 7.43 -10.77
N ASP A 70 1.68 7.74 -9.49
CA ASP A 70 1.61 9.10 -9.01
C ASP A 70 1.81 9.08 -7.49
N PHE A 71 1.78 10.23 -6.84
CA PHE A 71 2.07 10.30 -5.41
C PHE A 71 1.03 11.10 -4.65
N PRO A 72 0.85 10.79 -3.35
CA PRO A 72 -0.07 11.53 -2.49
C PRO A 72 0.51 12.91 -2.10
N SER A 73 -0.37 13.81 -1.71
CA SER A 73 0.01 15.16 -1.32
C SER A 73 0.44 15.17 0.16
N LYS A 74 1.03 16.28 0.61
CA LYS A 74 1.46 16.42 2.00
C LYS A 74 0.29 16.82 2.89
N ARG A 75 -0.36 17.92 2.53
CA ARG A 75 -1.49 18.41 3.29
C ARG A 75 -2.73 17.69 2.83
N LEU A 76 -3.47 17.16 3.78
CA LEU A 76 -4.66 16.41 3.50
C LEU A 76 -5.86 17.08 4.15
N PRO A 77 -7.09 16.78 3.67
CA PRO A 77 -8.33 17.31 4.27
C PRO A 77 -8.46 16.88 5.74
N ASN A 78 -9.30 17.57 6.49
CA ASN A 78 -9.55 17.23 7.90
C ASN A 78 -10.34 15.93 8.03
N TRP A 79 -10.68 15.34 6.88
CA TRP A 79 -11.41 14.06 6.73
C TRP A 79 -12.88 14.17 7.09
N ARG A 80 -13.19 15.20 7.81
CA ARG A 80 -14.56 15.57 8.08
C ARG A 80 -15.09 16.26 6.81
N THR A 81 -14.14 16.85 6.10
CA THR A 81 -14.35 17.62 4.89
C THR A 81 -14.98 16.76 3.76
N ARG A 82 -14.60 15.50 3.69
CA ARG A 82 -14.98 14.64 2.59
C ARG A 82 -15.01 13.21 3.11
N GLY A 83 -15.59 12.29 2.36
CA GLY A 83 -15.59 10.91 2.76
C GLY A 83 -14.21 10.33 2.68
N LEU A 84 -13.92 9.40 3.55
CA LEU A 84 -12.60 8.82 3.66
C LEU A 84 -12.36 7.87 2.46
N GLU A 85 -13.45 7.50 1.79
CA GLU A 85 -13.39 6.65 0.59
C GLU A 85 -12.47 7.26 -0.46
N GLN A 86 -12.44 8.61 -0.52
CA GLN A 86 -11.57 9.32 -1.46
C GLN A 86 -10.12 8.96 -1.19
N ARG A 87 -9.75 9.01 0.08
CA ARG A 87 -8.41 8.77 0.49
C ARG A 87 -8.04 7.33 0.18
N ARG A 88 -8.96 6.41 0.53
CA ARG A 88 -8.81 4.98 0.21
C ARG A 88 -8.44 4.79 -1.24
N GLN A 89 -9.24 5.37 -2.10
CA GLN A 89 -9.16 5.14 -3.53
C GLN A 89 -7.86 5.61 -4.13
N GLY A 90 -7.46 6.84 -3.81
CA GLY A 90 -6.23 7.38 -4.35
C GLY A 90 -5.02 6.55 -3.98
N LEU A 91 -4.89 6.24 -2.70
CA LEU A 91 -3.77 5.46 -2.20
C LEU A 91 -3.78 4.05 -2.76
N GLU A 92 -4.96 3.47 -2.85
CA GLU A 92 -5.13 2.13 -3.40
C GLU A 92 -4.71 2.11 -4.87
N ALA A 93 -5.10 3.16 -5.58
CA ALA A 93 -4.81 3.32 -6.98
C ALA A 93 -3.31 3.37 -7.23
N TYR A 94 -2.56 3.87 -6.27
CA TYR A 94 -1.12 3.87 -6.43
C TYR A 94 -0.58 2.48 -6.26
N ILE A 95 -0.90 1.82 -5.12
CA ILE A 95 -0.30 0.50 -4.80
C ILE A 95 -0.60 -0.50 -5.94
N GLN A 96 -1.86 -0.46 -6.40
CA GLN A 96 -2.31 -1.30 -7.50
C GLN A 96 -1.62 -0.92 -8.80
N GLY A 97 -1.51 0.37 -9.07
CA GLY A 97 -0.85 0.84 -10.27
C GLY A 97 0.59 0.43 -10.28
N ILE A 98 1.24 0.65 -9.15
CA ILE A 98 2.63 0.29 -8.92
C ILE A 98 2.94 -1.15 -9.37
N LEU A 99 2.16 -2.08 -8.87
CA LEU A 99 2.34 -3.48 -9.19
C LEU A 99 1.96 -3.81 -10.64
N TYR A 100 0.93 -3.17 -11.13
CA TYR A 100 0.37 -3.45 -12.45
C TYR A 100 1.25 -2.87 -13.58
N LEU A 101 1.92 -1.75 -13.29
CA LEU A 101 2.74 -1.03 -14.27
C LEU A 101 3.92 -1.81 -14.80
N ASN A 102 4.78 -2.26 -13.93
CA ASN A 102 6.08 -2.70 -14.40
C ASN A 102 6.66 -3.88 -13.65
N GLN A 103 6.94 -3.70 -12.40
CA GLN A 103 7.81 -4.62 -11.67
C GLN A 103 7.03 -5.70 -10.91
N GLU A 104 5.75 -5.44 -10.61
CA GLU A 104 4.90 -6.33 -9.82
C GLU A 104 5.48 -6.50 -8.39
N VAL A 105 5.00 -5.65 -7.44
CA VAL A 105 5.43 -5.65 -6.01
C VAL A 105 6.98 -5.79 -5.82
N PRO A 106 7.67 -4.66 -5.69
CA PRO A 106 9.12 -4.65 -5.60
C PRO A 106 9.66 -5.12 -4.25
N LYS A 107 10.90 -5.63 -4.29
CA LYS A 107 11.65 -6.09 -3.12
C LYS A 107 11.69 -5.03 -2.05
N GLU A 108 11.59 -3.79 -2.47
CA GLU A 108 11.76 -2.67 -1.62
C GLU A 108 10.74 -2.65 -0.49
N LEU A 109 9.56 -3.22 -0.68
CA LEU A 109 8.57 -3.27 0.40
C LEU A 109 8.97 -4.27 1.44
N LEU A 110 9.62 -5.32 0.99
CA LEU A 110 10.14 -6.32 1.88
C LEU A 110 11.26 -5.74 2.70
N GLU A 111 12.06 -4.90 2.10
CA GLU A 111 13.09 -4.22 2.84
C GLU A 111 12.52 -3.02 3.66
N PHE A 112 11.44 -2.41 3.16
CA PHE A 112 10.90 -1.19 3.75
C PHE A 112 10.17 -1.49 5.03
N LEU A 113 9.37 -2.51 4.97
CA LEU A 113 8.50 -2.88 6.07
C LEU A 113 8.92 -4.19 6.66
N ARG A 114 10.01 -4.75 6.13
CA ARG A 114 10.52 -6.06 6.56
C ARG A 114 9.51 -7.18 6.20
N LEU A 115 8.85 -7.02 5.02
CA LEU A 115 7.82 -7.98 4.51
C LEU A 115 8.44 -9.31 4.04
N ARG A 116 9.65 -9.58 4.43
CA ARG A 116 10.32 -10.80 4.05
C ARG A 116 9.72 -11.95 4.86
N HIS A 117 9.32 -13.01 4.16
CA HIS A 117 8.68 -14.20 4.75
C HIS A 117 7.17 -13.96 5.01
N PHE A 118 6.64 -12.89 4.45
CA PHE A 118 5.21 -12.60 4.55
C PHE A 118 4.51 -12.84 3.20
N PRO A 119 3.96 -14.05 2.99
CA PRO A 119 3.27 -14.39 1.76
C PRO A 119 1.78 -14.00 1.78
N THR A 120 1.10 -14.28 2.88
CA THR A 120 -0.32 -14.05 2.97
C THR A 120 -0.79 -14.07 4.42
N ASP A 121 -1.78 -13.26 4.72
CA ASP A 121 -2.38 -13.18 6.03
C ASP A 121 -3.85 -13.58 5.93
N PRO A 122 -4.20 -14.76 6.44
CA PRO A 122 -5.59 -15.27 6.36
C PRO A 122 -6.57 -14.46 7.21
N LYS A 123 -7.58 -13.94 6.57
CA LYS A 123 -8.62 -13.19 7.23
C LYS A 123 -9.94 -13.93 7.16
N ALA A 124 -10.45 -14.35 8.29
CA ALA A 124 -11.68 -15.12 8.36
C ALA A 124 -12.91 -14.21 8.45
N SER A 125 -12.70 -12.94 8.27
CA SER A 125 -13.78 -11.99 8.32
C SER A 125 -13.64 -10.96 7.21
N ASN A 126 -14.76 -10.61 6.62
CA ASN A 126 -14.80 -9.68 5.51
C ASN A 126 -16.19 -9.09 5.45
N TRP A 127 -16.31 -7.90 4.92
CA TRP A 127 -17.60 -7.25 4.84
C TRP A 127 -17.80 -6.65 3.46
N GLY A 128 -18.65 -7.27 2.70
CA GLY A 128 -18.92 -6.82 1.39
C GLY A 128 -19.63 -7.88 0.62
N GLY A 1 12.27 -10.78 -27.76
CA GLY A 1 12.95 -11.07 -26.50
C GLY A 1 12.02 -11.76 -25.56
N HIS A 2 12.56 -12.43 -24.58
CA HIS A 2 11.73 -13.13 -23.64
C HIS A 2 11.52 -12.29 -22.38
N HIS A 3 10.38 -11.68 -22.31
CA HIS A 3 9.95 -10.90 -21.19
C HIS A 3 8.47 -11.16 -20.99
N HIS A 4 8.17 -12.24 -20.35
CA HIS A 4 6.81 -12.65 -20.12
C HIS A 4 6.75 -13.57 -18.93
N HIS A 5 5.57 -13.74 -18.39
CA HIS A 5 5.34 -14.64 -17.28
C HIS A 5 3.87 -14.94 -17.18
N HIS A 6 3.48 -16.07 -17.69
CA HIS A 6 2.10 -16.47 -17.63
C HIS A 6 1.81 -17.17 -16.33
N HIS A 7 1.72 -16.34 -15.32
CA HIS A 7 1.49 -16.70 -13.94
C HIS A 7 1.49 -15.39 -13.17
N LEU A 8 0.35 -14.78 -13.04
CA LEU A 8 0.28 -13.47 -12.43
C LEU A 8 -0.45 -13.53 -11.11
N GLU A 9 -1.79 -13.59 -11.19
CA GLU A 9 -2.68 -13.59 -10.06
C GLU A 9 -2.42 -12.35 -9.20
N LEU A 10 -2.98 -11.23 -9.62
CA LEU A 10 -2.75 -9.96 -8.95
C LEU A 10 -4.04 -9.30 -8.53
N GLU A 11 -4.24 -9.15 -7.25
CA GLU A 11 -5.36 -8.41 -6.70
C GLU A 11 -4.87 -7.46 -5.66
N VAL A 12 -4.99 -6.20 -5.91
CA VAL A 12 -4.49 -5.24 -4.97
C VAL A 12 -5.66 -4.42 -4.46
N HIS A 13 -5.84 -4.37 -3.16
CA HIS A 13 -6.93 -3.63 -2.59
C HIS A 13 -6.64 -3.24 -1.15
N ILE A 14 -7.23 -2.16 -0.73
CA ILE A 14 -7.14 -1.70 0.63
C ILE A 14 -8.49 -2.02 1.30
N PRO A 15 -8.58 -3.13 2.04
CA PRO A 15 -9.84 -3.56 2.64
C PRO A 15 -10.39 -2.61 3.71
N SER A 16 -9.51 -1.93 4.44
CA SER A 16 -9.94 -1.02 5.50
C SER A 16 -8.83 -0.05 5.89
N VAL A 17 -9.21 0.99 6.60
CA VAL A 17 -8.30 1.94 7.18
C VAL A 17 -8.74 2.10 8.62
N GLY A 18 -7.83 2.01 9.54
CA GLY A 18 -8.22 2.06 10.93
C GLY A 18 -7.44 3.08 11.68
N PRO A 19 -8.03 3.72 12.66
CA PRO A 19 -7.35 4.67 13.44
C PRO A 19 -6.64 4.05 14.63
N GLU A 20 -5.42 3.60 14.40
CA GLU A 20 -4.65 3.00 15.46
C GLU A 20 -3.21 3.44 15.37
N ALA A 21 -2.96 4.44 14.57
CA ALA A 21 -1.64 4.93 14.39
C ALA A 21 -1.47 6.20 15.19
N GLU A 22 -0.27 6.50 15.58
CA GLU A 22 -0.01 7.71 16.33
C GLU A 22 -0.10 8.93 15.45
N GLY A 23 -0.98 9.82 15.80
CA GLY A 23 -1.18 11.01 15.05
C GLY A 23 -2.23 11.87 15.70
N PRO A 24 -2.14 13.17 15.56
CA PRO A 24 -3.12 14.09 16.11
C PRO A 24 -4.35 14.21 15.20
N ARG A 25 -4.14 14.68 14.01
CA ARG A 25 -5.16 14.88 13.01
C ARG A 25 -4.64 14.27 11.73
N GLN A 26 -5.24 14.61 10.62
CA GLN A 26 -4.72 14.15 9.38
C GLN A 26 -3.55 15.00 8.89
N SER A 27 -2.39 14.54 9.16
CA SER A 27 -1.20 15.18 8.73
C SER A 27 -0.41 14.23 7.84
N PRO A 28 0.36 14.77 6.88
CA PRO A 28 1.20 13.94 6.01
C PRO A 28 2.36 13.33 6.79
N GLU A 29 2.68 13.94 7.91
CA GLU A 29 3.75 13.48 8.78
C GLU A 29 3.23 12.45 9.80
N LYS A 30 2.13 12.77 10.46
CA LYS A 30 1.55 11.90 11.44
C LYS A 30 0.06 11.81 11.22
N SER A 31 -0.37 10.69 10.75
CA SER A 31 -1.76 10.46 10.58
C SER A 31 -2.16 9.45 11.62
N HIS A 32 -3.27 9.68 12.32
CA HIS A 32 -3.71 8.74 13.35
C HIS A 32 -4.40 7.50 12.76
N MET A 33 -4.46 7.43 11.45
CA MET A 33 -5.09 6.31 10.75
C MET A 33 -4.14 5.63 9.85
N VAL A 34 -4.23 4.34 9.87
CA VAL A 34 -3.39 3.49 9.09
C VAL A 34 -4.24 2.61 8.16
N PHE A 35 -3.84 2.51 6.89
CA PHE A 35 -4.58 1.71 5.94
C PHE A 35 -3.92 0.39 5.66
N ARG A 36 -4.71 -0.58 5.33
CA ARG A 36 -4.20 -1.91 5.11
C ARG A 36 -4.07 -2.12 3.60
N VAL A 37 -2.88 -2.04 3.07
CA VAL A 37 -2.72 -2.30 1.66
C VAL A 37 -2.52 -3.79 1.44
N GLU A 38 -3.45 -4.41 0.82
CA GLU A 38 -3.38 -5.83 0.65
C GLU A 38 -3.10 -6.17 -0.80
N VAL A 39 -1.92 -6.65 -1.04
CA VAL A 39 -1.46 -7.00 -2.37
C VAL A 39 -1.43 -8.51 -2.52
N LEU A 40 -2.15 -9.01 -3.50
CA LEU A 40 -2.18 -10.41 -3.82
C LEU A 40 -1.31 -10.64 -5.05
N CYS A 41 -0.41 -11.58 -4.97
CA CYS A 41 0.46 -11.90 -6.04
C CYS A 41 0.70 -13.38 -6.07
N SER A 42 0.53 -13.99 -7.24
CA SER A 42 0.79 -15.40 -7.48
C SER A 42 -0.20 -16.32 -6.72
N GLY A 43 -1.24 -15.74 -6.16
CA GLY A 43 -2.24 -16.51 -5.47
C GLY A 43 -2.35 -16.15 -4.01
N ARG A 44 -1.27 -15.72 -3.41
CA ARG A 44 -1.27 -15.34 -2.00
C ARG A 44 -1.25 -13.86 -1.83
N ARG A 45 -1.73 -13.39 -0.71
CA ARG A 45 -1.83 -11.98 -0.49
C ARG A 45 -1.32 -11.62 0.88
N HIS A 46 -0.89 -10.40 1.01
CA HIS A 46 -0.41 -9.89 2.27
C HIS A 46 -1.04 -8.58 2.63
N THR A 47 -1.58 -8.54 3.82
CA THR A 47 -2.19 -7.36 4.36
C THR A 47 -1.08 -6.52 4.97
N VAL A 48 -0.86 -5.35 4.43
CA VAL A 48 0.20 -4.49 4.91
C VAL A 48 -0.37 -3.19 5.48
N PRO A 49 -0.44 -3.06 6.80
CA PRO A 49 -0.91 -1.85 7.44
C PRO A 49 0.16 -0.75 7.42
N ARG A 50 -0.09 0.30 6.68
CA ARG A 50 0.82 1.40 6.62
C ARG A 50 0.02 2.68 6.39
N ARG A 51 0.51 3.82 6.83
CA ARG A 51 -0.25 5.02 6.61
C ARG A 51 0.36 5.77 5.44
N TYR A 52 -0.30 6.79 4.95
CA TYR A 52 0.17 7.54 3.79
C TYR A 52 1.51 8.24 4.00
N SER A 53 1.85 8.50 5.24
CA SER A 53 3.15 9.08 5.58
C SER A 53 4.26 8.12 5.15
N GLU A 54 4.07 6.84 5.45
CA GLU A 54 5.08 5.85 5.11
C GLU A 54 5.08 5.61 3.64
N PHE A 55 3.88 5.54 3.03
CA PHE A 55 3.79 5.36 1.62
C PHE A 55 4.51 6.47 0.88
N HIS A 56 4.31 7.68 1.34
CA HIS A 56 4.93 8.86 0.74
C HIS A 56 6.46 8.71 0.75
N ALA A 57 6.99 8.10 1.81
CA ALA A 57 8.42 7.87 1.94
C ALA A 57 8.97 6.81 0.96
N LEU A 58 8.42 5.59 0.91
CA LEU A 58 8.98 4.60 -0.03
C LEU A 58 8.73 5.04 -1.43
N HIS A 59 7.57 5.65 -1.64
CA HIS A 59 7.18 6.20 -2.92
C HIS A 59 8.24 7.17 -3.44
N LYS A 60 8.78 8.01 -2.56
CA LYS A 60 9.75 8.97 -3.02
C LYS A 60 11.04 8.28 -3.35
N ARG A 61 11.30 7.16 -2.72
CA ARG A 61 12.52 6.44 -2.99
C ARG A 61 12.37 5.70 -4.32
N ILE A 62 11.27 5.00 -4.46
CA ILE A 62 10.99 4.23 -5.64
C ILE A 62 10.69 5.04 -6.88
N LYS A 63 10.41 6.34 -6.74
CA LYS A 63 10.19 7.17 -7.95
C LYS A 63 11.46 7.19 -8.79
N LYS A 64 12.59 7.09 -8.10
CA LYS A 64 13.89 7.03 -8.72
C LYS A 64 14.27 5.57 -9.06
N LEU A 65 13.46 4.63 -8.59
CA LEU A 65 13.78 3.22 -8.72
C LEU A 65 13.03 2.59 -9.91
N TYR A 66 11.72 2.54 -9.84
CA TYR A 66 10.96 1.86 -10.86
C TYR A 66 9.96 2.82 -11.52
N LYS A 67 9.08 2.32 -12.37
CA LYS A 67 8.09 3.16 -13.05
C LYS A 67 7.03 3.59 -12.06
N VAL A 68 6.96 4.86 -11.85
CA VAL A 68 6.10 5.44 -10.82
C VAL A 68 5.45 6.72 -11.38
N PRO A 69 4.10 6.71 -11.60
CA PRO A 69 3.38 7.82 -12.23
C PRO A 69 3.01 8.95 -11.26
N ASP A 70 2.12 9.84 -11.73
CA ASP A 70 1.68 10.99 -10.93
C ASP A 70 0.97 10.55 -9.68
N PHE A 71 1.22 11.24 -8.61
CA PHE A 71 0.75 10.86 -7.30
C PHE A 71 -0.05 11.98 -6.65
N PRO A 72 -0.90 11.65 -5.67
CA PRO A 72 -1.60 12.66 -4.88
C PRO A 72 -0.63 13.38 -3.96
N SER A 73 -0.83 14.67 -3.77
CA SER A 73 0.08 15.45 -2.96
C SER A 73 -0.16 15.18 -1.46
N LYS A 74 0.71 15.72 -0.63
CA LYS A 74 0.71 15.46 0.80
C LYS A 74 -0.51 16.06 1.53
N ARG A 75 -1.09 17.12 0.99
CA ARG A 75 -2.26 17.68 1.63
C ARG A 75 -3.49 16.90 1.22
N LEU A 76 -4.02 16.17 2.15
CA LEU A 76 -5.19 15.41 1.92
C LEU A 76 -6.34 16.00 2.72
N PRO A 77 -7.60 15.77 2.29
CA PRO A 77 -8.81 16.27 2.98
C PRO A 77 -8.85 15.95 4.49
N ASN A 78 -9.69 16.68 5.21
CA ASN A 78 -9.87 16.52 6.65
C ASN A 78 -10.77 15.28 6.92
N TRP A 79 -11.13 14.62 5.82
CA TRP A 79 -11.85 13.33 5.77
C TRP A 79 -13.32 13.40 6.12
N ARG A 80 -13.66 14.10 7.18
CA ARG A 80 -15.04 14.12 7.69
C ARG A 80 -16.08 14.64 6.68
N THR A 81 -15.67 15.53 5.81
CA THR A 81 -16.60 16.03 4.80
C THR A 81 -16.51 15.21 3.49
N ARG A 82 -15.75 14.12 3.51
CA ARG A 82 -15.54 13.29 2.32
C ARG A 82 -15.87 11.84 2.60
N GLY A 83 -15.15 11.28 3.54
CA GLY A 83 -15.23 9.89 3.85
C GLY A 83 -13.88 9.26 3.61
N LEU A 84 -13.72 8.01 3.99
CA LEU A 84 -12.47 7.34 3.78
C LEU A 84 -12.34 6.70 2.43
N GLU A 85 -13.46 6.56 1.72
CA GLU A 85 -13.43 5.99 0.37
C GLU A 85 -12.49 6.80 -0.53
N GLN A 86 -12.42 8.11 -0.31
CA GLN A 86 -11.53 8.99 -1.06
C GLN A 86 -10.08 8.54 -0.85
N ARG A 87 -9.69 8.38 0.42
CA ARG A 87 -8.34 7.94 0.76
C ARG A 87 -8.07 6.58 0.19
N ARG A 88 -8.96 5.65 0.52
CA ARG A 88 -8.88 4.28 0.09
C ARG A 88 -8.75 4.19 -1.43
N GLN A 89 -9.66 4.80 -2.14
CA GLN A 89 -9.67 4.73 -3.60
C GLN A 89 -8.45 5.42 -4.21
N GLY A 90 -8.14 6.62 -3.73
CA GLY A 90 -7.01 7.36 -4.26
C GLY A 90 -5.71 6.62 -4.12
N LEU A 91 -5.44 6.13 -2.91
CA LEU A 91 -4.23 5.39 -2.66
C LEU A 91 -4.24 4.02 -3.30
N GLU A 92 -5.36 3.29 -3.21
CA GLU A 92 -5.45 1.94 -3.78
C GLU A 92 -5.21 1.98 -5.27
N ALA A 93 -5.83 2.94 -5.94
CA ALA A 93 -5.71 3.08 -7.38
C ALA A 93 -4.28 3.40 -7.74
N TYR A 94 -3.61 4.14 -6.89
CA TYR A 94 -2.24 4.47 -7.16
C TYR A 94 -1.29 3.30 -6.80
N ILE A 95 -1.60 2.59 -5.71
CA ILE A 95 -0.81 1.41 -5.30
C ILE A 95 -0.83 0.39 -6.44
N GLN A 96 -2.03 0.13 -6.98
CA GLN A 96 -2.16 -0.81 -8.07
C GLN A 96 -1.55 -0.26 -9.34
N GLY A 97 -1.56 1.07 -9.51
CA GLY A 97 -0.97 1.70 -10.68
C GLY A 97 0.51 1.40 -10.80
N ILE A 98 1.24 1.68 -9.73
CA ILE A 98 2.68 1.41 -9.70
C ILE A 98 3.00 -0.05 -9.78
N LEU A 99 2.11 -0.83 -9.27
CA LEU A 99 2.24 -2.24 -9.29
C LEU A 99 2.01 -2.79 -10.71
N TYR A 100 0.93 -2.35 -11.33
CA TYR A 100 0.55 -2.78 -12.66
C TYR A 100 1.61 -2.40 -13.71
N LEU A 101 2.26 -1.26 -13.50
CA LEU A 101 3.26 -0.76 -14.45
C LEU A 101 4.41 -1.70 -14.67
N ASN A 102 5.07 -2.10 -13.61
CA ASN A 102 6.26 -2.92 -13.78
C ASN A 102 6.64 -3.61 -12.50
N GLN A 103 6.56 -2.89 -11.37
CA GLN A 103 7.00 -3.43 -10.09
C GLN A 103 6.28 -4.73 -9.72
N GLU A 104 4.99 -4.81 -10.03
CA GLU A 104 4.14 -5.99 -9.78
C GLU A 104 3.85 -6.27 -8.27
N VAL A 105 4.79 -5.91 -7.43
CA VAL A 105 4.66 -5.93 -5.97
C VAL A 105 5.98 -5.43 -5.38
N PRO A 106 5.98 -4.25 -4.75
CA PRO A 106 7.19 -3.67 -4.19
C PRO A 106 7.73 -4.44 -3.00
N LYS A 107 8.89 -5.05 -3.21
CA LYS A 107 9.61 -5.79 -2.19
C LYS A 107 10.03 -4.87 -1.06
N GLU A 108 10.09 -3.58 -1.36
CA GLU A 108 10.49 -2.58 -0.41
C GLU A 108 9.49 -2.49 0.79
N LEU A 109 8.21 -2.91 0.60
CA LEU A 109 7.29 -3.00 1.76
C LEU A 109 7.80 -4.04 2.72
N LEU A 110 8.27 -5.14 2.16
CA LEU A 110 8.83 -6.23 2.94
C LEU A 110 10.09 -5.80 3.63
N GLU A 111 10.81 -4.94 3.00
CA GLU A 111 12.00 -4.39 3.56
C GLU A 111 11.67 -3.28 4.59
N PHE A 112 10.45 -2.73 4.52
CA PHE A 112 10.10 -1.56 5.31
C PHE A 112 9.52 -1.96 6.65
N LEU A 113 8.59 -2.91 6.64
CA LEU A 113 7.98 -3.36 7.89
C LEU A 113 8.59 -4.69 8.30
N ARG A 114 9.57 -5.15 7.51
CA ARG A 114 10.20 -6.45 7.70
C ARG A 114 9.09 -7.51 7.50
N LEU A 115 8.52 -7.51 6.29
CA LEU A 115 7.38 -8.40 5.95
C LEU A 115 7.89 -9.64 5.25
N ARG A 116 9.18 -9.80 5.22
CA ARG A 116 9.78 -10.95 4.59
C ARG A 116 9.40 -12.21 5.33
N HIS A 117 8.81 -13.16 4.59
CA HIS A 117 8.34 -14.47 5.09
C HIS A 117 6.94 -14.32 5.74
N PHE A 118 6.28 -13.21 5.49
CA PHE A 118 4.95 -12.99 6.02
C PHE A 118 3.89 -13.05 4.94
N PRO A 119 3.17 -14.17 4.82
CA PRO A 119 2.05 -14.30 3.90
C PRO A 119 0.76 -13.86 4.57
N THR A 120 0.92 -13.23 5.75
CA THR A 120 -0.16 -12.72 6.57
C THR A 120 -0.93 -13.84 7.27
N ASP A 121 -1.12 -13.68 8.57
CA ASP A 121 -1.94 -14.59 9.34
C ASP A 121 -3.36 -14.12 9.18
N PRO A 122 -4.17 -14.84 8.42
CA PRO A 122 -5.50 -14.40 8.06
C PRO A 122 -6.47 -14.42 9.22
N LYS A 123 -7.07 -13.30 9.44
CA LYS A 123 -8.10 -13.15 10.41
C LYS A 123 -9.33 -12.73 9.68
N ALA A 124 -10.46 -13.33 9.98
CA ALA A 124 -11.72 -12.96 9.37
C ALA A 124 -12.02 -11.52 9.72
N SER A 125 -11.77 -10.65 8.78
CA SER A 125 -11.93 -9.26 9.01
C SER A 125 -12.89 -8.67 7.99
N ASN A 126 -14.15 -8.93 8.19
CA ASN A 126 -15.19 -8.42 7.33
C ASN A 126 -16.49 -8.53 8.06
N TRP A 127 -16.80 -7.50 8.82
CA TRP A 127 -17.97 -7.52 9.66
C TRP A 127 -18.77 -6.24 9.51
N GLY A 128 -19.89 -6.35 8.90
CA GLY A 128 -20.77 -5.23 8.74
C GLY A 128 -22.14 -5.72 8.44
N GLY A 1 20.07 -15.76 -15.18
CA GLY A 1 19.24 -16.69 -15.94
C GLY A 1 17.87 -16.11 -16.14
N HIS A 2 16.88 -16.95 -16.30
CA HIS A 2 15.54 -16.47 -16.51
C HIS A 2 14.68 -16.72 -15.28
N HIS A 3 14.32 -15.67 -14.62
CA HIS A 3 13.44 -15.76 -13.48
C HIS A 3 12.19 -14.93 -13.75
N HIS A 4 12.26 -14.10 -14.78
CA HIS A 4 11.18 -13.22 -15.15
C HIS A 4 10.04 -14.00 -15.79
N HIS A 5 9.13 -14.39 -14.96
CA HIS A 5 7.94 -15.14 -15.31
C HIS A 5 7.02 -14.98 -14.13
N HIS A 6 6.58 -13.78 -13.93
CA HIS A 6 5.81 -13.47 -12.76
C HIS A 6 4.51 -12.78 -13.13
N HIS A 7 3.50 -13.57 -13.39
CA HIS A 7 2.16 -13.08 -13.64
C HIS A 7 1.13 -14.19 -13.46
N LEU A 8 0.83 -14.45 -12.23
CA LEU A 8 -0.12 -15.46 -11.86
C LEU A 8 -1.03 -14.89 -10.80
N GLU A 9 -2.06 -14.21 -11.27
CA GLU A 9 -3.04 -13.56 -10.44
C GLU A 9 -2.47 -12.39 -9.63
N LEU A 10 -3.07 -11.27 -9.83
CA LEU A 10 -2.75 -10.06 -9.15
C LEU A 10 -4.04 -9.35 -8.85
N GLU A 11 -4.48 -9.45 -7.64
CA GLU A 11 -5.68 -8.78 -7.22
C GLU A 11 -5.39 -8.06 -5.94
N VAL A 12 -5.45 -6.78 -6.02
CA VAL A 12 -5.02 -5.94 -4.93
C VAL A 12 -6.12 -4.98 -4.56
N HIS A 13 -6.27 -4.73 -3.29
CA HIS A 13 -7.31 -3.85 -2.78
C HIS A 13 -6.97 -3.42 -1.38
N ILE A 14 -7.35 -2.22 -1.01
CA ILE A 14 -7.20 -1.74 0.35
C ILE A 14 -8.57 -1.83 1.04
N PRO A 15 -8.88 -2.96 1.72
CA PRO A 15 -10.21 -3.19 2.30
C PRO A 15 -10.57 -2.33 3.52
N SER A 16 -9.60 -1.96 4.33
CA SER A 16 -9.92 -1.20 5.52
C SER A 16 -8.84 -0.18 5.83
N VAL A 17 -9.26 0.94 6.39
CA VAL A 17 -8.36 2.01 6.77
C VAL A 17 -8.87 2.63 8.06
N GLY A 18 -7.98 3.18 8.84
CA GLY A 18 -8.37 3.87 10.02
C GLY A 18 -7.29 4.81 10.49
N PRO A 19 -7.60 6.05 10.83
CA PRO A 19 -6.66 6.94 11.49
C PRO A 19 -6.48 6.45 12.92
N GLU A 20 -5.44 5.66 13.15
CA GLU A 20 -5.32 5.00 14.44
C GLU A 20 -3.90 4.51 14.72
N ALA A 21 -2.94 5.01 13.99
CA ALA A 21 -1.57 4.55 14.19
C ALA A 21 -0.89 5.36 15.27
N GLU A 22 -0.83 4.81 16.45
CA GLU A 22 -0.19 5.44 17.56
C GLU A 22 1.10 4.70 17.87
N GLY A 23 2.20 5.39 17.87
CA GLY A 23 3.45 4.74 18.08
C GLY A 23 4.68 5.56 17.77
N PRO A 24 4.79 6.19 16.55
CA PRO A 24 6.01 6.86 16.16
C PRO A 24 6.24 8.17 16.89
N ARG A 25 7.36 8.76 16.59
CA ARG A 25 7.80 10.01 17.15
C ARG A 25 7.30 11.14 16.25
N GLN A 26 8.00 12.27 16.27
CA GLN A 26 7.66 13.40 15.44
C GLN A 26 7.68 12.94 13.98
N SER A 27 6.56 13.02 13.34
CA SER A 27 6.43 12.59 11.98
C SER A 27 6.34 13.81 11.07
N PRO A 28 7.27 13.95 10.11
CA PRO A 28 7.25 15.07 9.16
C PRO A 28 6.11 14.95 8.16
N GLU A 29 5.59 13.74 8.03
CA GLU A 29 4.49 13.49 7.13
C GLU A 29 3.19 13.79 7.86
N LYS A 30 3.19 13.51 9.19
CA LYS A 30 2.07 13.79 10.13
C LYS A 30 0.87 12.86 9.97
N SER A 31 0.89 12.07 8.95
CA SER A 31 -0.17 11.17 8.74
C SER A 31 0.03 9.89 9.55
N HIS A 32 -0.54 9.87 10.75
CA HIS A 32 -0.51 8.69 11.63
C HIS A 32 -1.75 7.86 11.36
N MET A 33 -2.16 7.91 10.15
CA MET A 33 -3.28 7.21 9.68
C MET A 33 -2.79 5.91 9.05
N VAL A 34 -3.57 4.85 9.13
CA VAL A 34 -3.11 3.57 8.67
C VAL A 34 -4.17 2.81 7.88
N PHE A 35 -3.74 2.26 6.78
CA PHE A 35 -4.58 1.46 5.93
C PHE A 35 -4.07 0.04 5.82
N ARG A 36 -4.99 -0.87 5.67
CA ARG A 36 -4.67 -2.26 5.52
C ARG A 36 -4.68 -2.59 4.06
N VAL A 37 -3.52 -2.69 3.48
CA VAL A 37 -3.41 -2.98 2.08
C VAL A 37 -3.34 -4.48 1.90
N GLU A 38 -4.05 -4.99 0.95
CA GLU A 38 -4.02 -6.40 0.74
C GLU A 38 -3.68 -6.70 -0.70
N VAL A 39 -2.51 -7.22 -0.89
CA VAL A 39 -2.00 -7.54 -2.20
C VAL A 39 -1.97 -9.04 -2.39
N LEU A 40 -2.76 -9.54 -3.32
CA LEU A 40 -2.75 -10.95 -3.64
C LEU A 40 -1.94 -11.16 -4.88
N CYS A 41 -0.94 -11.98 -4.76
CA CYS A 41 -0.08 -12.28 -5.86
C CYS A 41 0.35 -13.74 -5.78
N SER A 42 0.23 -14.44 -6.91
CA SER A 42 0.66 -15.84 -7.04
C SER A 42 -0.15 -16.78 -6.14
N GLY A 43 -1.28 -16.28 -5.65
CA GLY A 43 -2.12 -17.07 -4.82
C GLY A 43 -2.15 -16.58 -3.39
N ARG A 44 -1.10 -15.94 -2.95
CA ARG A 44 -1.02 -15.48 -1.57
C ARG A 44 -1.45 -14.04 -1.45
N ARG A 45 -2.28 -13.77 -0.48
CA ARG A 45 -2.75 -12.43 -0.23
C ARG A 45 -2.24 -11.92 1.09
N HIS A 46 -1.47 -10.88 1.05
CA HIS A 46 -0.91 -10.34 2.25
C HIS A 46 -1.59 -9.06 2.66
N THR A 47 -2.21 -9.10 3.81
CA THR A 47 -2.93 -7.98 4.37
C THR A 47 -1.99 -7.25 5.33
N VAL A 48 -1.52 -6.09 4.93
CA VAL A 48 -0.56 -5.38 5.73
C VAL A 48 -1.08 -3.99 6.13
N PRO A 49 -1.30 -3.75 7.44
CA PRO A 49 -1.66 -2.43 7.95
C PRO A 49 -0.42 -1.55 7.96
N ARG A 50 -0.43 -0.49 7.20
CA ARG A 50 0.72 0.34 7.15
C ARG A 50 0.35 1.83 7.08
N ARG A 51 1.01 2.60 7.94
CA ARG A 51 0.83 4.04 8.08
C ARG A 51 1.13 4.79 6.77
N TYR A 52 0.28 5.78 6.45
CA TYR A 52 0.43 6.60 5.22
C TYR A 52 1.83 7.22 5.11
N SER A 53 2.38 7.62 6.25
CA SER A 53 3.69 8.28 6.31
C SER A 53 4.75 7.40 5.64
N GLU A 54 4.62 6.12 5.83
CA GLU A 54 5.53 5.16 5.30
C GLU A 54 5.32 4.95 3.78
N PHE A 55 4.05 4.89 3.36
CA PHE A 55 3.71 4.79 1.93
C PHE A 55 4.12 6.01 1.15
N HIS A 56 4.01 7.17 1.76
CA HIS A 56 4.40 8.38 1.07
C HIS A 56 5.91 8.38 0.87
N ALA A 57 6.66 8.02 1.91
CA ALA A 57 8.12 7.93 1.86
C ALA A 57 8.55 6.87 0.85
N LEU A 58 7.85 5.74 0.89
CA LEU A 58 8.05 4.61 -0.02
C LEU A 58 7.92 5.06 -1.46
N HIS A 59 6.84 5.77 -1.72
CA HIS A 59 6.50 6.19 -3.05
C HIS A 59 7.49 7.26 -3.54
N LYS A 60 7.96 8.11 -2.63
CA LYS A 60 8.96 9.15 -2.92
C LYS A 60 10.29 8.54 -3.35
N ARG A 61 10.66 7.45 -2.71
CA ARG A 61 11.93 6.82 -3.00
C ARG A 61 11.91 6.10 -4.32
N ILE A 62 10.93 5.23 -4.50
CA ILE A 62 10.85 4.46 -5.71
C ILE A 62 10.48 5.24 -6.94
N LYS A 63 9.91 6.44 -6.81
CA LYS A 63 9.54 7.19 -8.01
C LYS A 63 10.79 7.69 -8.74
N LYS A 64 11.88 7.72 -8.01
CA LYS A 64 13.18 8.04 -8.53
C LYS A 64 13.92 6.75 -8.92
N LEU A 65 13.37 5.63 -8.53
CA LEU A 65 13.99 4.34 -8.74
C LEU A 65 13.40 3.63 -9.96
N TYR A 66 12.08 3.41 -9.98
CA TYR A 66 11.47 2.67 -11.09
C TYR A 66 10.21 3.38 -11.57
N LYS A 67 9.46 2.76 -12.50
CA LYS A 67 8.20 3.35 -13.02
C LYS A 67 7.21 3.52 -11.92
N VAL A 68 6.94 4.73 -11.62
CA VAL A 68 6.03 5.11 -10.56
C VAL A 68 5.32 6.38 -10.98
N PRO A 69 3.98 6.42 -10.91
CA PRO A 69 3.22 7.59 -11.31
C PRO A 69 3.20 8.66 -10.23
N ASP A 70 3.98 9.73 -10.48
CA ASP A 70 4.09 10.97 -9.65
C ASP A 70 4.09 10.62 -8.13
N PHE A 71 3.60 11.48 -7.26
CA PHE A 71 3.48 11.16 -5.85
C PHE A 71 2.10 11.58 -5.31
N PRO A 72 1.60 10.96 -4.22
CA PRO A 72 0.36 11.40 -3.58
C PRO A 72 0.61 12.62 -2.66
N SER A 73 -0.42 13.41 -2.43
CA SER A 73 -0.31 14.60 -1.59
C SER A 73 -0.13 14.18 -0.14
N LYS A 74 0.92 14.66 0.51
CA LYS A 74 1.21 14.25 1.87
C LYS A 74 0.30 14.97 2.85
N ARG A 75 -0.08 16.18 2.52
CA ARG A 75 -0.89 16.92 3.43
C ARG A 75 -2.34 16.78 3.05
N LEU A 76 -3.01 16.05 3.85
CA LEU A 76 -4.43 15.92 3.87
C LEU A 76 -4.78 15.84 5.33
N PRO A 77 -6.03 16.13 5.71
CA PRO A 77 -6.46 16.01 7.12
C PRO A 77 -6.20 14.60 7.66
N ASN A 78 -6.17 14.47 9.00
CA ASN A 78 -5.96 13.16 9.65
C ASN A 78 -7.04 12.16 9.22
N TRP A 79 -8.14 12.72 8.73
CA TRP A 79 -9.17 12.04 7.98
C TRP A 79 -10.12 11.24 8.88
N ARG A 80 -10.02 11.42 10.16
CA ARG A 80 -10.97 10.80 11.09
C ARG A 80 -12.33 11.50 10.93
N THR A 81 -12.26 12.74 10.54
CA THR A 81 -13.41 13.59 10.32
C THR A 81 -14.19 13.16 9.03
N ARG A 82 -13.55 12.37 8.17
CA ARG A 82 -14.15 12.02 6.89
C ARG A 82 -14.26 10.52 6.70
N GLY A 83 -14.75 10.14 5.54
CA GLY A 83 -14.78 8.76 5.13
C GLY A 83 -13.68 8.53 4.12
N LEU A 84 -13.11 7.37 4.13
CA LEU A 84 -11.96 7.01 3.29
C LEU A 84 -12.08 7.09 1.79
N GLU A 85 -13.26 7.23 1.25
CA GLU A 85 -13.47 7.10 -0.20
C GLU A 85 -12.45 7.90 -1.04
N GLN A 86 -12.26 9.17 -0.75
CA GLN A 86 -11.28 9.97 -1.50
C GLN A 86 -9.82 9.58 -1.21
N ARG A 87 -9.43 9.50 0.08
CA ARG A 87 -8.01 9.28 0.40
C ARG A 87 -7.56 7.86 0.08
N ARG A 88 -8.40 6.87 0.44
CA ARG A 88 -8.12 5.47 0.12
C ARG A 88 -7.95 5.32 -1.36
N GLN A 89 -8.82 5.99 -2.15
CA GLN A 89 -8.76 5.89 -3.59
C GLN A 89 -7.43 6.42 -4.12
N GLY A 90 -6.89 7.42 -3.43
CA GLY A 90 -5.60 7.95 -3.81
C GLY A 90 -4.51 6.90 -3.73
N LEU A 91 -4.41 6.22 -2.60
CA LEU A 91 -3.40 5.17 -2.46
C LEU A 91 -3.72 3.98 -3.31
N GLU A 92 -5.01 3.65 -3.37
CA GLU A 92 -5.51 2.53 -4.15
C GLU A 92 -5.09 2.70 -5.62
N ALA A 93 -5.13 3.94 -6.10
CA ALA A 93 -4.75 4.25 -7.47
C ALA A 93 -3.23 4.23 -7.67
N TYR A 94 -2.49 4.92 -6.80
CA TYR A 94 -1.03 5.01 -6.95
C TYR A 94 -0.33 3.67 -6.71
N ILE A 95 -0.74 2.95 -5.69
CA ILE A 95 -0.11 1.68 -5.39
C ILE A 95 -0.49 0.63 -6.45
N GLN A 96 -1.77 0.65 -6.91
CA GLN A 96 -2.18 -0.26 -7.99
C GLN A 96 -1.46 0.08 -9.28
N GLY A 97 -1.17 1.36 -9.46
CA GLY A 97 -0.46 1.80 -10.62
C GLY A 97 0.86 1.07 -10.75
N ILE A 98 1.67 1.13 -9.71
CA ILE A 98 2.99 0.46 -9.72
C ILE A 98 2.86 -1.08 -9.76
N LEU A 99 1.74 -1.58 -9.26
CA LEU A 99 1.37 -2.98 -9.29
C LEU A 99 1.06 -3.45 -10.71
N TYR A 100 0.65 -2.54 -11.54
CA TYR A 100 0.37 -2.81 -12.92
C TYR A 100 1.58 -2.45 -13.78
N LEU A 101 2.33 -1.47 -13.34
CA LEU A 101 3.43 -0.91 -14.10
C LEU A 101 4.57 -1.83 -14.39
N ASN A 102 5.20 -2.38 -13.39
CA ASN A 102 6.47 -3.00 -13.69
C ASN A 102 6.69 -4.22 -12.90
N GLN A 103 6.83 -4.05 -11.62
CA GLN A 103 7.17 -5.15 -10.80
C GLN A 103 5.99 -5.77 -10.12
N GLU A 104 5.33 -4.99 -9.27
CA GLU A 104 4.31 -5.43 -8.35
C GLU A 104 4.39 -4.38 -7.24
N VAL A 105 4.00 -4.73 -6.03
CA VAL A 105 4.13 -3.85 -4.92
C VAL A 105 5.61 -3.81 -4.53
N PRO A 106 6.17 -2.59 -4.35
CA PRO A 106 7.57 -2.34 -4.08
C PRO A 106 8.31 -3.39 -3.28
N LYS A 107 9.29 -3.97 -3.93
CA LYS A 107 10.19 -4.93 -3.32
C LYS A 107 10.97 -4.24 -2.18
N GLU A 108 11.00 -2.91 -2.25
CA GLU A 108 11.56 -2.09 -1.21
C GLU A 108 10.79 -2.33 0.09
N LEU A 109 9.45 -2.49 0.01
CA LEU A 109 8.69 -2.72 1.18
C LEU A 109 8.86 -4.12 1.67
N LEU A 110 9.12 -5.04 0.72
CA LEU A 110 9.43 -6.41 1.05
C LEU A 110 10.54 -6.40 2.11
N GLU A 111 11.55 -5.63 1.87
CA GLU A 111 12.62 -5.44 2.84
C GLU A 111 12.20 -4.50 3.98
N PHE A 112 11.16 -3.70 3.74
CA PHE A 112 10.74 -2.66 4.67
C PHE A 112 10.10 -3.22 5.92
N LEU A 113 9.28 -4.25 5.78
CA LEU A 113 8.67 -4.83 6.96
C LEU A 113 9.28 -6.19 7.24
N ARG A 114 10.42 -6.45 6.58
CA ARG A 114 11.13 -7.74 6.68
C ARG A 114 10.22 -8.85 6.12
N LEU A 115 9.40 -8.45 5.14
CA LEU A 115 8.47 -9.32 4.42
C LEU A 115 9.26 -10.34 3.60
N ARG A 116 10.53 -9.99 3.33
CA ARG A 116 11.45 -10.87 2.65
C ARG A 116 11.54 -12.18 3.43
N HIS A 117 11.30 -13.28 2.73
CA HIS A 117 11.14 -14.60 3.35
C HIS A 117 9.85 -14.57 4.17
N PHE A 118 8.77 -14.76 3.47
CA PHE A 118 7.44 -14.60 4.03
C PHE A 118 6.79 -15.97 4.26
N PRO A 119 6.74 -16.45 5.53
CA PRO A 119 6.15 -17.76 5.89
C PRO A 119 4.65 -17.80 5.59
N THR A 120 4.07 -16.62 5.49
CA THR A 120 2.71 -16.40 5.10
C THR A 120 1.68 -16.77 6.18
N ASP A 121 1.20 -15.78 6.86
CA ASP A 121 0.07 -15.95 7.73
C ASP A 121 -1.03 -15.00 7.27
N PRO A 122 -2.08 -15.53 6.66
CA PRO A 122 -3.14 -14.70 6.13
C PRO A 122 -4.19 -14.37 7.18
N LYS A 123 -5.16 -13.59 6.79
CA LYS A 123 -6.27 -13.29 7.63
C LYS A 123 -7.51 -13.82 6.93
N ALA A 124 -7.72 -15.10 7.05
CA ALA A 124 -8.82 -15.75 6.38
C ALA A 124 -10.07 -15.71 7.21
N SER A 125 -10.80 -14.64 7.06
CA SER A 125 -12.06 -14.41 7.72
C SER A 125 -12.55 -13.04 7.27
N ASN A 126 -13.45 -13.04 6.34
CA ASN A 126 -13.99 -11.81 5.85
C ASN A 126 -15.26 -11.49 6.60
N TRP A 127 -15.16 -10.63 7.57
CA TRP A 127 -16.31 -10.28 8.35
C TRP A 127 -17.02 -9.12 7.69
N GLY A 128 -18.07 -9.42 7.01
CA GLY A 128 -18.87 -8.46 6.36
C GLY A 128 -20.13 -9.11 5.95
N GLY A 1 17.27 -17.64 -23.09
CA GLY A 1 16.80 -17.77 -21.71
C GLY A 1 15.49 -17.05 -21.55
N HIS A 2 14.79 -17.32 -20.45
CA HIS A 2 13.53 -16.65 -20.13
C HIS A 2 13.09 -17.02 -18.72
N HIS A 3 12.35 -16.15 -18.07
CA HIS A 3 11.93 -16.38 -16.67
C HIS A 3 10.51 -15.98 -16.41
N HIS A 4 9.67 -16.96 -16.17
CA HIS A 4 8.29 -16.73 -15.77
C HIS A 4 7.69 -18.04 -15.25
N HIS A 5 7.38 -18.08 -13.97
CA HIS A 5 6.84 -19.28 -13.36
C HIS A 5 5.99 -18.98 -12.13
N HIS A 6 4.78 -19.53 -12.14
CA HIS A 6 3.84 -19.53 -11.00
C HIS A 6 3.34 -18.12 -10.60
N HIS A 7 3.46 -17.14 -11.47
CA HIS A 7 2.90 -15.82 -11.18
C HIS A 7 1.42 -15.79 -11.42
N LEU A 8 0.71 -16.29 -10.47
CA LEU A 8 -0.71 -16.30 -10.45
C LEU A 8 -1.13 -15.82 -9.10
N GLU A 9 -2.27 -15.19 -9.04
CA GLU A 9 -2.82 -14.63 -7.82
C GLU A 9 -1.95 -13.48 -7.31
N LEU A 10 -2.06 -12.35 -7.98
CA LEU A 10 -1.38 -11.14 -7.55
C LEU A 10 -2.32 -9.97 -7.64
N GLU A 11 -2.74 -9.51 -6.50
CA GLU A 11 -3.64 -8.39 -6.37
C GLU A 11 -3.28 -7.62 -5.14
N VAL A 12 -2.84 -6.43 -5.31
CA VAL A 12 -2.53 -5.61 -4.18
C VAL A 12 -3.54 -4.51 -4.13
N HIS A 13 -4.28 -4.44 -3.05
CA HIS A 13 -5.38 -3.50 -2.93
C HIS A 13 -5.67 -3.26 -1.45
N ILE A 14 -6.52 -2.32 -1.14
CA ILE A 14 -6.83 -2.00 0.25
C ILE A 14 -8.28 -2.38 0.57
N PRO A 15 -8.49 -3.52 1.22
CA PRO A 15 -9.82 -4.00 1.56
C PRO A 15 -10.30 -3.57 2.96
N SER A 16 -9.39 -3.16 3.82
CA SER A 16 -9.75 -2.78 5.16
C SER A 16 -8.90 -1.61 5.63
N VAL A 17 -9.48 -0.75 6.44
CA VAL A 17 -8.79 0.44 6.94
C VAL A 17 -9.29 0.73 8.33
N GLY A 18 -8.40 0.87 9.28
CA GLY A 18 -8.83 1.21 10.59
C GLY A 18 -7.90 2.18 11.27
N PRO A 19 -8.36 2.90 12.29
CA PRO A 19 -7.52 3.75 13.07
C PRO A 19 -6.74 2.93 14.08
N GLU A 20 -5.64 2.39 13.64
CA GLU A 20 -4.79 1.56 14.47
C GLU A 20 -3.80 2.44 15.18
N ALA A 21 -3.49 3.53 14.54
CA ALA A 21 -2.62 4.51 15.09
C ALA A 21 -3.44 5.44 15.93
N GLU A 22 -3.05 5.56 17.17
CA GLU A 22 -3.74 6.42 18.10
C GLU A 22 -3.40 7.87 17.79
N GLY A 23 -4.22 8.78 18.29
CA GLY A 23 -3.88 10.20 18.21
C GLY A 23 -2.72 10.45 19.13
N PRO A 24 -1.51 10.62 18.60
CA PRO A 24 -0.32 10.61 19.39
C PRO A 24 0.04 11.97 19.98
N ARG A 25 1.16 11.94 20.69
CA ARG A 25 1.73 13.10 21.31
C ARG A 25 2.57 13.82 20.22
N GLN A 26 3.38 14.82 20.59
CA GLN A 26 4.18 15.59 19.61
C GLN A 26 4.98 14.68 18.67
N SER A 27 4.46 14.50 17.49
CA SER A 27 5.03 13.65 16.49
C SER A 27 5.36 14.47 15.23
N PRO A 28 6.38 14.03 14.45
CA PRO A 28 6.77 14.69 13.19
C PRO A 28 5.65 14.64 12.15
N GLU A 29 4.87 13.59 12.20
CA GLU A 29 3.75 13.43 11.32
C GLU A 29 2.48 13.28 12.12
N LYS A 30 1.37 12.99 11.47
CA LYS A 30 0.09 13.00 12.14
C LYS A 30 -0.77 11.85 11.66
N SER A 31 -0.12 10.78 11.25
CA SER A 31 -0.82 9.62 10.74
C SER A 31 -1.64 8.93 11.85
N HIS A 32 -2.95 9.18 11.85
CA HIS A 32 -3.85 8.59 12.84
C HIS A 32 -4.79 7.60 12.17
N MET A 33 -4.62 7.47 10.89
CA MET A 33 -5.34 6.49 10.12
C MET A 33 -4.40 5.64 9.35
N VAL A 34 -4.67 4.37 9.35
CA VAL A 34 -3.85 3.48 8.64
C VAL A 34 -4.65 2.45 7.86
N PHE A 35 -4.41 2.43 6.58
CA PHE A 35 -5.07 1.51 5.72
C PHE A 35 -4.26 0.27 5.58
N ARG A 36 -4.89 -0.83 5.45
CA ARG A 36 -4.16 -2.03 5.38
C ARG A 36 -4.18 -2.55 3.96
N VAL A 37 -3.01 -2.60 3.38
CA VAL A 37 -2.83 -2.98 2.01
C VAL A 37 -2.70 -4.50 1.90
N GLU A 38 -3.65 -5.10 1.25
CA GLU A 38 -3.65 -6.51 1.08
C GLU A 38 -2.86 -6.82 -0.15
N VAL A 39 -1.72 -7.37 0.06
CA VAL A 39 -0.84 -7.75 -1.00
C VAL A 39 -1.04 -9.23 -1.24
N LEU A 40 -1.73 -9.57 -2.30
CA LEU A 40 -1.89 -10.94 -2.68
C LEU A 40 -0.74 -11.24 -3.60
N CYS A 41 0.16 -12.05 -3.16
CA CYS A 41 1.31 -12.39 -3.94
C CYS A 41 1.57 -13.88 -3.85
N SER A 42 1.53 -14.54 -5.01
CA SER A 42 1.84 -15.96 -5.14
C SER A 42 0.77 -16.84 -4.45
N GLY A 43 -0.40 -16.27 -4.26
CA GLY A 43 -1.48 -17.00 -3.62
C GLY A 43 -1.73 -16.56 -2.21
N ARG A 44 -0.70 -16.05 -1.56
CA ARG A 44 -0.85 -15.57 -0.20
C ARG A 44 -1.23 -14.13 -0.20
N ARG A 45 -2.18 -13.80 0.60
CA ARG A 45 -2.57 -12.44 0.73
C ARG A 45 -2.37 -11.99 2.14
N HIS A 46 -1.96 -10.79 2.29
CA HIS A 46 -1.69 -10.24 3.57
C HIS A 46 -1.98 -8.77 3.60
N THR A 47 -2.93 -8.43 4.41
CA THR A 47 -3.39 -7.10 4.58
C THR A 47 -2.47 -6.38 5.59
N VAL A 48 -1.49 -5.68 5.06
CA VAL A 48 -0.46 -5.04 5.87
C VAL A 48 -0.77 -3.55 6.08
N PRO A 49 -0.83 -3.11 7.34
CA PRO A 49 -1.12 -1.72 7.67
C PRO A 49 -0.04 -0.74 7.23
N ARG A 50 -0.43 0.22 6.41
CA ARG A 50 0.43 1.30 6.00
C ARG A 50 -0.28 2.63 6.10
N ARG A 51 0.40 3.54 6.69
CA ARG A 51 -0.09 4.89 6.86
C ARG A 51 0.26 5.72 5.63
N TYR A 52 -0.62 6.63 5.28
CA TYR A 52 -0.46 7.52 4.11
C TYR A 52 0.89 8.25 4.04
N SER A 53 1.37 8.71 5.18
CA SER A 53 2.64 9.40 5.24
C SER A 53 3.82 8.43 4.97
N GLU A 54 3.63 7.18 5.35
CA GLU A 54 4.65 6.16 5.21
C GLU A 54 4.76 5.72 3.76
N PHE A 55 3.60 5.54 3.11
CA PHE A 55 3.62 5.21 1.70
C PHE A 55 4.22 6.36 0.93
N HIS A 56 3.98 7.56 1.41
CA HIS A 56 4.51 8.76 0.80
C HIS A 56 6.05 8.72 0.79
N ALA A 57 6.63 8.28 1.89
CA ALA A 57 8.08 8.16 2.01
C ALA A 57 8.64 7.06 1.11
N LEU A 58 7.98 5.90 1.07
CA LEU A 58 8.47 4.83 0.20
C LEU A 58 8.24 5.23 -1.23
N HIS A 59 7.18 6.02 -1.45
CA HIS A 59 6.89 6.57 -2.76
C HIS A 59 8.07 7.38 -3.27
N LYS A 60 8.74 8.13 -2.38
CA LYS A 60 9.89 8.88 -2.84
C LYS A 60 11.06 7.94 -3.12
N ARG A 61 11.16 6.87 -2.33
CA ARG A 61 12.18 5.84 -2.52
C ARG A 61 12.04 5.26 -3.90
N ILE A 62 10.84 4.84 -4.17
CA ILE A 62 10.52 4.16 -5.36
C ILE A 62 10.35 5.06 -6.57
N LYS A 63 10.24 6.38 -6.38
CA LYS A 63 10.14 7.23 -7.57
C LYS A 63 11.47 7.22 -8.31
N LYS A 64 12.55 7.08 -7.55
CA LYS A 64 13.86 6.94 -8.16
C LYS A 64 14.16 5.46 -8.45
N LEU A 65 13.30 4.57 -8.00
CA LEU A 65 13.54 3.13 -8.15
C LEU A 65 12.74 2.56 -9.35
N TYR A 66 11.41 2.62 -9.29
CA TYR A 66 10.57 1.96 -10.28
C TYR A 66 9.44 2.85 -10.82
N LYS A 67 8.57 2.29 -11.68
CA LYS A 67 7.44 3.05 -12.24
C LYS A 67 6.39 3.24 -11.20
N VAL A 68 6.08 4.48 -10.93
CA VAL A 68 5.17 4.85 -9.86
C VAL A 68 4.32 6.05 -10.32
N PRO A 69 3.01 6.07 -10.01
CA PRO A 69 2.14 7.21 -10.29
C PRO A 69 2.34 8.36 -9.25
N ASP A 70 1.34 9.26 -9.16
CA ASP A 70 1.36 10.45 -8.26
C ASP A 70 1.50 10.07 -6.77
N PHE A 71 1.48 11.09 -5.92
CA PHE A 71 1.66 10.91 -4.49
C PHE A 71 0.57 11.66 -3.72
N PRO A 72 0.19 11.17 -2.54
CA PRO A 72 -0.78 11.85 -1.69
C PRO A 72 -0.11 12.96 -0.87
N SER A 73 -0.90 13.90 -0.42
CA SER A 73 -0.39 14.98 0.39
C SER A 73 -0.21 14.51 1.83
N LYS A 74 0.48 15.31 2.62
CA LYS A 74 0.72 15.01 4.01
C LYS A 74 -0.29 15.77 4.91
N ARG A 75 -0.97 16.74 4.32
CA ARG A 75 -2.05 17.46 4.99
C ARG A 75 -3.38 16.91 4.51
N LEU A 76 -4.08 16.21 5.35
CA LEU A 76 -5.36 15.66 4.96
C LEU A 76 -6.52 16.24 5.78
N PRO A 77 -7.78 16.07 5.29
CA PRO A 77 -8.99 16.51 5.99
C PRO A 77 -9.38 15.60 7.15
N ASN A 78 -10.26 16.11 8.02
CA ASN A 78 -10.80 15.39 9.21
C ASN A 78 -11.56 14.08 8.82
N TRP A 79 -11.76 13.87 7.52
CA TRP A 79 -12.40 12.66 6.94
C TRP A 79 -13.90 12.69 7.12
N ARG A 80 -14.33 12.63 8.37
CA ARG A 80 -15.75 12.64 8.72
C ARG A 80 -16.45 13.89 8.21
N THR A 81 -15.69 14.96 8.07
CA THR A 81 -16.20 16.20 7.55
C THR A 81 -16.70 16.06 6.10
N ARG A 82 -15.94 15.37 5.26
CA ARG A 82 -16.34 15.14 3.87
C ARG A 82 -16.49 13.66 3.58
N GLY A 83 -15.39 12.98 3.36
CA GLY A 83 -15.44 11.57 3.08
C GLY A 83 -14.09 10.93 3.24
N LEU A 84 -14.09 9.64 3.48
CA LEU A 84 -12.85 8.89 3.62
C LEU A 84 -12.41 8.43 2.22
N GLU A 85 -13.39 8.38 1.32
CA GLU A 85 -13.22 7.89 -0.04
C GLU A 85 -12.14 8.64 -0.84
N GLN A 86 -11.97 9.93 -0.59
CA GLN A 86 -10.96 10.71 -1.29
C GLN A 86 -9.56 10.16 -1.03
N ARG A 87 -9.34 9.67 0.17
CA ARG A 87 -8.08 9.09 0.53
C ARG A 87 -7.89 7.76 -0.16
N ARG A 88 -8.88 6.90 0.05
CA ARG A 88 -9.00 5.57 -0.58
C ARG A 88 -8.75 5.65 -2.05
N GLN A 89 -9.26 6.67 -2.63
CA GLN A 89 -9.18 6.83 -4.06
C GLN A 89 -7.77 7.08 -4.50
N GLY A 90 -7.11 7.98 -3.80
CA GLY A 90 -5.76 8.31 -4.11
C GLY A 90 -4.83 7.12 -3.94
N LEU A 91 -4.91 6.47 -2.78
CA LEU A 91 -3.99 5.39 -2.48
C LEU A 91 -4.21 4.14 -3.28
N GLU A 92 -5.45 3.66 -3.38
CA GLU A 92 -5.70 2.47 -4.19
C GLU A 92 -5.26 2.66 -5.61
N ALA A 93 -5.52 3.85 -6.15
CA ALA A 93 -5.06 4.18 -7.49
C ALA A 93 -3.54 4.04 -7.61
N TYR A 94 -2.80 4.45 -6.58
CA TYR A 94 -1.34 4.39 -6.63
C TYR A 94 -0.84 2.97 -6.35
N ILE A 95 -1.41 2.33 -5.34
CA ILE A 95 -0.99 0.99 -4.92
C ILE A 95 -1.26 0.00 -6.04
N GLN A 96 -2.48 0.01 -6.54
CA GLN A 96 -2.87 -0.86 -7.62
C GLN A 96 -2.11 -0.47 -8.88
N GLY A 97 -1.79 0.82 -8.98
CA GLY A 97 -1.05 1.33 -10.11
C GLY A 97 0.27 0.65 -10.26
N ILE A 98 1.08 0.68 -9.21
CA ILE A 98 2.41 0.05 -9.24
C ILE A 98 2.32 -1.46 -9.39
N LEU A 99 1.29 -2.03 -8.83
CA LEU A 99 1.02 -3.45 -8.96
C LEU A 99 0.59 -3.80 -10.42
N TYR A 100 0.03 -2.84 -11.10
CA TYR A 100 -0.41 -3.02 -12.49
C TYR A 100 0.69 -2.65 -13.50
N LEU A 101 1.48 -1.63 -13.19
CA LEU A 101 2.45 -1.04 -14.12
C LEU A 101 3.52 -1.96 -14.65
N ASN A 102 4.30 -2.59 -13.79
CA ASN A 102 5.43 -3.39 -14.29
C ASN A 102 5.98 -4.35 -13.26
N GLN A 103 6.33 -3.85 -12.12
CA GLN A 103 7.00 -4.65 -11.09
C GLN A 103 6.06 -5.51 -10.26
N GLU A 104 4.75 -5.40 -10.51
CA GLU A 104 3.70 -6.17 -9.80
C GLU A 104 3.80 -6.11 -8.26
N VAL A 105 4.49 -7.03 -7.64
CA VAL A 105 4.75 -6.92 -6.22
C VAL A 105 6.18 -6.38 -6.02
N PRO A 106 6.30 -5.08 -5.68
CA PRO A 106 7.60 -4.41 -5.57
C PRO A 106 8.52 -4.99 -4.51
N LYS A 107 9.77 -5.18 -4.91
CA LYS A 107 10.84 -5.70 -4.07
C LYS A 107 11.11 -4.74 -2.91
N GLU A 108 10.75 -3.46 -3.09
CA GLU A 108 10.95 -2.44 -2.05
C GLU A 108 10.09 -2.82 -0.85
N LEU A 109 8.80 -3.05 -1.10
CA LEU A 109 7.88 -3.42 -0.04
C LEU A 109 8.21 -4.77 0.50
N LEU A 110 8.72 -5.61 -0.38
CA LEU A 110 9.18 -6.93 -0.02
C LEU A 110 10.23 -6.76 1.09
N GLU A 111 11.11 -5.80 0.93
CA GLU A 111 12.11 -5.50 1.93
C GLU A 111 11.57 -4.70 3.12
N PHE A 112 10.63 -3.81 2.87
CA PHE A 112 10.21 -2.83 3.87
C PHE A 112 9.27 -3.45 4.85
N LEU A 113 8.41 -4.26 4.36
CA LEU A 113 7.41 -4.89 5.19
C LEU A 113 7.83 -6.31 5.48
N ARG A 114 8.97 -6.71 4.87
CA ARG A 114 9.50 -8.06 4.97
C ARG A 114 8.49 -9.05 4.39
N LEU A 115 7.95 -8.72 3.21
CA LEU A 115 6.89 -9.51 2.57
C LEU A 115 7.39 -10.85 2.00
N ARG A 116 8.66 -11.19 2.23
CA ARG A 116 9.20 -12.42 1.69
C ARG A 116 8.68 -13.58 2.50
N HIS A 117 7.98 -14.51 1.82
CA HIS A 117 7.37 -15.70 2.45
C HIS A 117 6.47 -15.25 3.64
N PHE A 118 5.99 -14.02 3.55
CA PHE A 118 5.23 -13.40 4.61
C PHE A 118 3.94 -14.18 4.86
N PRO A 119 3.56 -14.36 6.12
CA PRO A 119 2.35 -15.08 6.53
C PRO A 119 1.04 -14.48 5.94
N THR A 120 -0.06 -15.07 6.30
CA THR A 120 -1.33 -14.66 5.80
C THR A 120 -2.12 -13.90 6.86
N ASP A 121 -2.75 -12.81 6.46
CA ASP A 121 -3.58 -12.05 7.37
C ASP A 121 -5.01 -12.43 7.09
N PRO A 122 -5.83 -12.62 8.14
CA PRO A 122 -7.24 -12.99 7.99
C PRO A 122 -7.98 -12.05 7.06
N LYS A 123 -8.39 -12.58 5.93
CA LYS A 123 -9.08 -11.83 4.92
C LYS A 123 -10.53 -11.65 5.42
N ALA A 124 -10.81 -10.50 5.98
CA ALA A 124 -12.11 -10.23 6.50
C ALA A 124 -12.60 -8.86 6.08
N SER A 125 -13.33 -8.82 5.01
CA SER A 125 -13.91 -7.60 4.52
C SER A 125 -15.40 -7.84 4.28
N ASN A 126 -15.86 -8.98 4.76
CA ASN A 126 -17.25 -9.36 4.68
C ASN A 126 -17.73 -9.71 6.07
N TRP A 127 -17.97 -8.70 6.84
CA TRP A 127 -18.38 -8.85 8.22
C TRP A 127 -19.58 -7.95 8.52
N GLY A 128 -19.82 -6.98 7.67
CA GLY A 128 -20.96 -6.15 7.80
C GLY A 128 -21.51 -5.83 6.44
N GLY A 1 13.46 -18.19 -16.69
CA GLY A 1 12.46 -17.11 -16.79
C GLY A 1 12.29 -16.42 -15.48
N HIS A 2 13.21 -15.52 -15.14
CA HIS A 2 13.15 -14.79 -13.87
C HIS A 2 11.89 -13.91 -13.87
N HIS A 3 11.20 -13.87 -12.72
CA HIS A 3 9.86 -13.28 -12.58
C HIS A 3 8.87 -14.24 -13.19
N HIS A 4 8.42 -15.18 -12.40
CA HIS A 4 7.53 -16.21 -12.88
C HIS A 4 6.13 -15.68 -13.11
N HIS A 5 5.75 -15.56 -14.35
CA HIS A 5 4.43 -15.12 -14.68
C HIS A 5 3.49 -16.28 -14.85
N HIS A 6 2.95 -16.70 -13.74
CA HIS A 6 1.97 -17.76 -13.64
C HIS A 6 1.04 -17.36 -12.55
N HIS A 7 -0.24 -17.47 -12.82
CA HIS A 7 -1.29 -16.89 -11.99
C HIS A 7 -1.27 -15.41 -12.17
N LEU A 8 -2.20 -14.93 -12.97
CA LEU A 8 -2.29 -13.53 -13.30
C LEU A 8 -3.29 -12.88 -12.36
N GLU A 9 -3.58 -13.58 -11.30
CA GLU A 9 -4.43 -13.11 -10.28
C GLU A 9 -3.64 -12.14 -9.40
N LEU A 10 -3.73 -10.88 -9.75
CA LEU A 10 -3.14 -9.81 -9.00
C LEU A 10 -4.17 -8.75 -8.75
N GLU A 11 -4.48 -8.55 -7.51
CA GLU A 11 -5.51 -7.61 -7.09
C GLU A 11 -4.98 -6.86 -5.91
N VAL A 12 -5.24 -5.60 -5.82
CA VAL A 12 -4.77 -4.83 -4.69
C VAL A 12 -5.90 -3.95 -4.26
N HIS A 13 -6.24 -4.02 -3.01
CA HIS A 13 -7.33 -3.22 -2.50
C HIS A 13 -7.06 -2.86 -1.08
N ILE A 14 -7.65 -1.79 -0.63
CA ILE A 14 -7.52 -1.40 0.73
C ILE A 14 -8.82 -1.72 1.46
N PRO A 15 -8.88 -2.88 2.17
CA PRO A 15 -10.10 -3.32 2.86
C PRO A 15 -10.55 -2.35 3.95
N SER A 16 -9.61 -1.65 4.58
CA SER A 16 -9.96 -0.73 5.64
C SER A 16 -8.80 0.18 6.03
N VAL A 17 -9.14 1.36 6.49
CA VAL A 17 -8.19 2.27 7.09
C VAL A 17 -8.55 2.29 8.55
N GLY A 18 -7.60 2.43 9.39
CA GLY A 18 -7.91 2.47 10.77
C GLY A 18 -6.89 3.20 11.52
N PRO A 19 -7.26 3.86 12.59
CA PRO A 19 -6.32 4.53 13.43
C PRO A 19 -5.51 3.51 14.20
N GLU A 20 -4.27 3.39 13.87
CA GLU A 20 -3.42 2.44 14.50
C GLU A 20 -2.85 3.06 15.74
N ALA A 21 -2.73 2.28 16.78
CA ALA A 21 -2.03 2.76 17.94
C ALA A 21 -0.57 2.66 17.64
N GLU A 22 -0.03 3.74 17.20
CA GLU A 22 1.33 3.81 16.84
C GLU A 22 1.93 5.02 17.46
N GLY A 23 3.21 5.13 17.38
CA GLY A 23 3.83 6.29 17.88
C GLY A 23 5.26 6.41 17.43
N PRO A 24 5.51 6.86 16.19
CA PRO A 24 6.88 7.11 15.74
C PRO A 24 7.32 8.49 16.21
N ARG A 25 8.28 9.09 15.55
CA ARG A 25 8.64 10.45 15.88
C ARG A 25 7.64 11.36 15.21
N GLN A 26 7.67 12.63 15.54
CA GLN A 26 6.75 13.56 14.93
C GLN A 26 6.88 13.58 13.43
N SER A 27 5.90 12.99 12.79
CA SER A 27 5.85 12.83 11.39
C SER A 27 4.90 13.89 10.80
N PRO A 28 5.06 14.21 9.48
CA PRO A 28 4.26 15.26 8.81
C PRO A 28 2.75 15.01 8.83
N GLU A 29 2.36 13.75 9.01
CA GLU A 29 0.95 13.38 8.99
C GLU A 29 0.27 13.65 10.30
N LYS A 30 0.84 13.10 11.40
CA LYS A 30 0.31 13.26 12.79
C LYS A 30 -0.88 12.36 13.04
N SER A 31 -1.76 12.28 12.07
CA SER A 31 -2.88 11.39 12.12
C SER A 31 -2.35 9.95 12.14
N HIS A 32 -2.46 9.32 13.28
CA HIS A 32 -2.02 7.95 13.45
C HIS A 32 -3.06 6.98 12.84
N MET A 33 -2.99 6.84 11.54
CA MET A 33 -3.91 6.01 10.78
C MET A 33 -3.21 5.28 9.72
N VAL A 34 -3.50 4.03 9.64
CA VAL A 34 -2.90 3.22 8.65
C VAL A 34 -3.96 2.65 7.76
N PHE A 35 -3.69 2.61 6.52
CA PHE A 35 -4.54 1.98 5.59
C PHE A 35 -3.91 0.68 5.18
N ARG A 36 -4.66 -0.37 5.28
CA ARG A 36 -4.14 -1.68 4.99
C ARG A 36 -4.24 -1.95 3.52
N VAL A 37 -3.13 -1.88 2.85
CA VAL A 37 -3.11 -2.17 1.45
C VAL A 37 -2.91 -3.67 1.26
N GLU A 38 -3.89 -4.31 0.72
CA GLU A 38 -3.82 -5.72 0.54
C GLU A 38 -3.44 -6.05 -0.86
N VAL A 39 -2.26 -6.58 -0.98
CA VAL A 39 -1.69 -6.95 -2.23
C VAL A 39 -1.85 -8.44 -2.48
N LEU A 40 -2.57 -8.78 -3.52
CA LEU A 40 -2.69 -10.15 -3.97
C LEU A 40 -1.70 -10.27 -5.10
N CYS A 41 -0.72 -11.06 -4.92
CA CYS A 41 0.27 -11.23 -5.93
C CYS A 41 0.48 -12.71 -6.26
N SER A 42 0.23 -13.06 -7.53
CA SER A 42 0.46 -14.41 -8.05
C SER A 42 -0.33 -15.48 -7.28
N GLY A 43 -1.48 -15.09 -6.75
CA GLY A 43 -2.31 -16.02 -6.02
C GLY A 43 -2.17 -15.90 -4.51
N ARG A 44 -1.22 -15.11 -4.04
CA ARG A 44 -1.01 -14.95 -2.61
C ARG A 44 -1.39 -13.55 -2.14
N ARG A 45 -2.26 -13.48 -1.15
CA ARG A 45 -2.71 -12.21 -0.56
C ARG A 45 -1.72 -11.76 0.51
N HIS A 46 -1.80 -10.50 0.89
CA HIS A 46 -1.13 -9.94 2.06
C HIS A 46 -1.57 -8.54 2.36
N THR A 47 -2.17 -8.38 3.49
CA THR A 47 -2.68 -7.14 3.98
C THR A 47 -1.55 -6.39 4.71
N VAL A 48 -1.10 -5.29 4.12
CA VAL A 48 0.01 -4.55 4.67
C VAL A 48 -0.43 -3.14 5.15
N PRO A 49 -0.40 -2.89 6.47
CA PRO A 49 -0.75 -1.57 7.05
C PRO A 49 0.28 -0.49 6.68
N ARG A 50 -0.20 0.60 6.13
CA ARG A 50 0.65 1.71 5.71
C ARG A 50 0.10 3.04 6.21
N ARG A 51 0.89 3.77 7.00
CA ARG A 51 0.49 5.13 7.38
C ARG A 51 0.78 6.00 6.17
N TYR A 52 0.18 7.17 6.09
CA TYR A 52 0.31 7.99 4.89
C TYR A 52 1.75 8.51 4.74
N SER A 53 2.45 8.68 5.86
CA SER A 53 3.82 9.15 5.85
C SER A 53 4.72 8.10 5.21
N GLU A 54 4.53 6.85 5.61
CA GLU A 54 5.30 5.74 5.08
C GLU A 54 5.09 5.58 3.59
N PHE A 55 3.85 5.82 3.15
CA PHE A 55 3.52 5.81 1.75
C PHE A 55 4.41 6.82 0.99
N HIS A 56 4.58 8.02 1.54
CA HIS A 56 5.41 9.03 0.89
C HIS A 56 6.88 8.63 0.85
N ALA A 57 7.36 8.03 1.93
CA ALA A 57 8.75 7.59 1.99
C ALA A 57 9.01 6.44 1.00
N LEU A 58 8.02 5.55 0.89
CA LEU A 58 8.06 4.42 -0.05
C LEU A 58 8.26 4.93 -1.47
N HIS A 59 7.42 5.87 -1.83
CA HIS A 59 7.41 6.41 -3.17
C HIS A 59 8.68 7.21 -3.48
N LYS A 60 9.21 7.97 -2.51
CA LYS A 60 10.37 8.78 -2.83
C LYS A 60 11.57 7.93 -3.14
N ARG A 61 11.69 6.78 -2.48
CA ARG A 61 12.76 5.85 -2.80
C ARG A 61 12.65 5.46 -4.23
N ILE A 62 11.54 4.88 -4.53
CA ILE A 62 11.34 4.23 -5.77
C ILE A 62 11.03 5.12 -6.95
N LYS A 63 10.77 6.41 -6.74
CA LYS A 63 10.61 7.29 -7.90
C LYS A 63 11.92 7.34 -8.64
N LYS A 64 13.02 7.26 -7.89
CA LYS A 64 14.34 7.25 -8.48
C LYS A 64 14.71 5.86 -9.04
N LEU A 65 14.03 4.82 -8.59
CA LEU A 65 14.35 3.44 -8.99
C LEU A 65 13.46 2.86 -10.10
N TYR A 66 12.15 2.83 -9.89
CA TYR A 66 11.29 2.16 -10.85
C TYR A 66 10.06 2.95 -11.28
N LYS A 67 9.34 2.42 -12.26
CA LYS A 67 8.20 3.10 -12.89
C LYS A 67 6.92 3.02 -12.09
N VAL A 68 6.49 4.19 -11.61
CA VAL A 68 5.28 4.37 -10.82
C VAL A 68 4.80 5.84 -11.00
N PRO A 69 3.48 6.12 -10.86
CA PRO A 69 2.97 7.49 -10.92
C PRO A 69 3.43 8.26 -9.69
N ASP A 70 3.31 9.56 -9.68
CA ASP A 70 3.77 10.31 -8.54
C ASP A 70 2.71 10.28 -7.42
N PHE A 71 3.09 10.73 -6.25
CA PHE A 71 2.24 10.60 -5.07
C PHE A 71 1.08 11.60 -5.09
N PRO A 72 -0.05 11.24 -4.45
CA PRO A 72 -1.15 12.16 -4.24
C PRO A 72 -0.66 13.33 -3.41
N SER A 73 -1.20 14.48 -3.69
CA SER A 73 -0.77 15.74 -3.11
C SER A 73 -0.65 15.72 -1.59
N LYS A 74 0.23 16.57 -1.10
CA LYS A 74 0.50 16.74 0.32
C LYS A 74 -0.69 17.42 1.01
N ARG A 75 -1.58 17.99 0.21
CA ARG A 75 -2.76 18.64 0.71
C ARG A 75 -3.88 17.64 0.72
N LEU A 76 -4.32 17.27 1.89
CA LEU A 76 -5.34 16.26 2.05
C LEU A 76 -6.44 16.78 2.95
N PRO A 77 -7.66 16.23 2.81
CA PRO A 77 -8.78 16.57 3.69
C PRO A 77 -8.54 16.09 5.12
N ASN A 78 -9.30 16.65 6.06
CA ASN A 78 -9.22 16.28 7.49
C ASN A 78 -9.94 14.90 7.69
N TRP A 79 -10.37 14.35 6.56
CA TRP A 79 -10.92 13.00 6.41
C TRP A 79 -12.37 12.83 6.82
N ARG A 80 -12.60 12.73 8.13
CA ARG A 80 -13.90 12.30 8.71
C ARG A 80 -15.14 12.95 8.10
N THR A 81 -15.07 14.23 7.82
CA THR A 81 -16.21 14.96 7.28
C THR A 81 -16.66 14.41 5.90
N ARG A 82 -15.71 13.94 5.12
CA ARG A 82 -16.04 13.39 3.81
C ARG A 82 -16.00 11.86 3.88
N GLY A 83 -15.02 11.35 4.57
CA GLY A 83 -14.91 9.93 4.75
C GLY A 83 -13.52 9.42 4.45
N LEU A 84 -13.26 8.20 4.84
CA LEU A 84 -12.01 7.54 4.53
C LEU A 84 -12.05 6.84 3.19
N GLU A 85 -13.25 6.72 2.66
CA GLU A 85 -13.51 6.04 1.39
C GLU A 85 -12.62 6.61 0.28
N GLN A 86 -12.48 7.93 0.25
CA GLN A 86 -11.66 8.60 -0.75
C GLN A 86 -10.19 8.23 -0.56
N ARG A 87 -9.74 8.20 0.69
CA ARG A 87 -8.37 7.86 1.02
C ARG A 87 -8.07 6.42 0.60
N ARG A 88 -8.86 5.50 1.09
CA ARG A 88 -8.69 4.11 0.74
C ARG A 88 -8.82 3.82 -0.76
N GLN A 89 -9.74 4.49 -1.45
CA GLN A 89 -9.91 4.27 -2.89
C GLN A 89 -8.78 4.89 -3.71
N GLY A 90 -8.42 6.13 -3.39
CA GLY A 90 -7.38 6.84 -4.13
C GLY A 90 -6.03 6.17 -3.99
N LEU A 91 -5.67 5.83 -2.77
CA LEU A 91 -4.41 5.17 -2.51
C LEU A 91 -4.40 3.76 -3.07
N GLU A 92 -5.59 3.14 -3.12
CA GLU A 92 -5.76 1.83 -3.73
C GLU A 92 -5.35 1.89 -5.20
N ALA A 93 -5.86 2.93 -5.87
CA ALA A 93 -5.60 3.14 -7.28
C ALA A 93 -4.12 3.25 -7.54
N TYR A 94 -3.42 3.94 -6.66
CA TYR A 94 -1.99 4.06 -6.77
C TYR A 94 -1.27 2.72 -6.53
N ILE A 95 -1.50 2.11 -5.34
CA ILE A 95 -0.79 0.87 -4.98
C ILE A 95 -1.08 -0.26 -6.00
N GLN A 96 -2.34 -0.36 -6.46
CA GLN A 96 -2.69 -1.37 -7.45
C GLN A 96 -2.04 -1.07 -8.79
N GLY A 97 -2.07 0.21 -9.16
CA GLY A 97 -1.53 0.63 -10.42
C GLY A 97 -0.05 0.37 -10.52
N ILE A 98 0.67 0.72 -9.47
CA ILE A 98 2.11 0.55 -9.43
C ILE A 98 2.50 -0.91 -9.47
N LEU A 99 1.66 -1.75 -8.89
CA LEU A 99 1.87 -3.17 -8.92
C LEU A 99 1.74 -3.70 -10.34
N TYR A 100 0.83 -3.15 -11.08
CA TYR A 100 0.59 -3.61 -12.42
C TYR A 100 1.67 -3.06 -13.39
N LEU A 101 2.33 -1.97 -12.98
CA LEU A 101 3.33 -1.29 -13.79
C LEU A 101 4.70 -1.94 -13.84
N ASN A 102 5.33 -2.11 -12.69
CA ASN A 102 6.75 -2.48 -12.70
C ASN A 102 7.14 -3.31 -11.48
N GLN A 103 6.67 -2.93 -10.33
CA GLN A 103 7.13 -3.58 -9.10
C GLN A 103 6.35 -4.79 -8.65
N GLU A 104 5.09 -4.85 -9.05
CA GLU A 104 4.13 -5.77 -8.42
C GLU A 104 4.19 -5.75 -6.89
N VAL A 105 4.95 -6.64 -6.34
CA VAL A 105 5.20 -6.63 -4.94
C VAL A 105 6.72 -6.59 -4.71
N PRO A 106 7.25 -5.43 -4.38
CA PRO A 106 8.68 -5.23 -4.20
C PRO A 106 9.18 -5.58 -2.80
N LYS A 107 10.44 -5.90 -2.74
CA LYS A 107 11.14 -6.20 -1.50
C LYS A 107 11.10 -4.99 -0.57
N GLU A 108 11.08 -3.82 -1.15
CA GLU A 108 11.15 -2.58 -0.40
C GLU A 108 10.11 -2.35 0.69
N LEU A 109 8.89 -2.89 0.57
CA LEU A 109 7.95 -2.81 1.71
C LEU A 109 8.50 -3.62 2.88
N LEU A 110 9.08 -4.75 2.56
CA LEU A 110 9.65 -5.64 3.54
C LEU A 110 10.87 -5.03 4.15
N GLU A 111 11.61 -4.34 3.35
CA GLU A 111 12.80 -3.68 3.79
C GLU A 111 12.46 -2.39 4.56
N PHE A 112 11.25 -1.91 4.36
CA PHE A 112 10.86 -0.64 4.91
C PHE A 112 10.26 -0.83 6.30
N LEU A 113 9.36 -1.77 6.39
CA LEU A 113 8.65 -2.03 7.63
C LEU A 113 9.28 -3.18 8.37
N ARG A 114 10.28 -3.77 7.73
CA ARG A 114 10.94 -4.97 8.21
C ARG A 114 9.93 -6.11 8.27
N LEU A 115 9.39 -6.42 7.11
CA LEU A 115 8.36 -7.42 6.97
C LEU A 115 8.99 -8.75 6.64
N ARG A 116 8.89 -9.69 7.51
CA ARG A 116 9.36 -11.01 7.21
C ARG A 116 8.23 -12.00 7.30
N HIS A 117 8.01 -12.72 6.21
CA HIS A 117 6.99 -13.77 6.14
C HIS A 117 5.55 -13.26 6.30
N PHE A 118 4.94 -12.90 5.21
CA PHE A 118 3.53 -12.53 5.21
C PHE A 118 2.76 -13.42 4.26
N PRO A 119 2.01 -14.38 4.81
CA PRO A 119 1.23 -15.34 4.03
C PRO A 119 -0.03 -14.72 3.45
N THR A 120 -0.84 -15.54 2.83
CA THR A 120 -2.05 -15.09 2.23
C THR A 120 -3.13 -14.76 3.28
N ASP A 121 -3.44 -13.50 3.39
CA ASP A 121 -4.51 -13.03 4.28
C ASP A 121 -5.87 -13.45 3.76
N PRO A 122 -6.86 -13.61 4.65
CA PRO A 122 -8.22 -13.99 4.27
C PRO A 122 -8.90 -12.89 3.46
N LYS A 123 -9.77 -13.29 2.58
CA LYS A 123 -10.50 -12.37 1.77
C LYS A 123 -11.74 -11.94 2.53
N ALA A 124 -11.70 -10.78 3.13
CA ALA A 124 -12.79 -10.28 3.91
C ALA A 124 -13.02 -8.82 3.61
N SER A 125 -13.97 -8.58 2.76
CA SER A 125 -14.39 -7.23 2.41
C SER A 125 -15.85 -7.28 1.95
N ASN A 126 -16.47 -8.43 2.17
CA ASN A 126 -17.78 -8.69 1.63
C ASN A 126 -18.90 -8.31 2.58
N TRP A 127 -19.48 -7.18 2.33
CA TRP A 127 -20.66 -6.74 3.01
C TRP A 127 -21.83 -7.02 2.08
N GLY A 128 -21.54 -7.02 0.82
CA GLY A 128 -22.49 -7.29 -0.18
C GLY A 128 -21.93 -6.97 -1.52
N GLY A 1 19.63 -12.84 -15.79
CA GLY A 1 19.35 -12.64 -17.22
C GLY A 1 17.98 -12.03 -17.43
N HIS A 2 17.34 -12.40 -18.52
CA HIS A 2 16.01 -11.91 -18.83
C HIS A 2 14.99 -12.69 -18.01
N HIS A 3 14.78 -12.24 -16.80
CA HIS A 3 13.85 -12.89 -15.90
C HIS A 3 13.31 -11.84 -14.92
N HIS A 4 13.41 -10.60 -15.34
CA HIS A 4 12.92 -9.47 -14.56
C HIS A 4 11.46 -9.29 -14.87
N HIS A 5 10.76 -8.44 -14.10
CA HIS A 5 9.31 -8.20 -14.32
C HIS A 5 8.49 -9.47 -13.97
N HIS A 6 9.16 -10.47 -13.43
CA HIS A 6 8.55 -11.75 -13.17
C HIS A 6 7.80 -11.75 -11.85
N HIS A 7 6.70 -11.07 -11.83
CA HIS A 7 5.82 -11.00 -10.69
C HIS A 7 4.46 -11.41 -11.18
N LEU A 8 4.13 -12.66 -11.02
CA LEU A 8 2.90 -13.19 -11.56
C LEU A 8 1.85 -13.38 -10.50
N GLU A 9 0.59 -13.16 -10.91
CA GLU A 9 -0.59 -13.22 -10.07
C GLU A 9 -0.51 -12.22 -8.94
N LEU A 10 -1.02 -11.05 -9.19
CA LEU A 10 -0.95 -9.97 -8.26
C LEU A 10 -2.31 -9.32 -8.12
N GLU A 11 -2.72 -9.12 -6.90
CA GLU A 11 -3.97 -8.44 -6.59
C GLU A 11 -3.74 -7.55 -5.40
N VAL A 12 -3.88 -6.28 -5.57
CA VAL A 12 -3.59 -5.36 -4.49
C VAL A 12 -4.76 -4.40 -4.32
N HIS A 13 -5.33 -4.37 -3.13
CA HIS A 13 -6.46 -3.48 -2.87
C HIS A 13 -6.48 -3.09 -1.41
N ILE A 14 -7.12 -2.00 -1.11
CA ILE A 14 -7.26 -1.56 0.27
C ILE A 14 -8.73 -1.78 0.69
N PRO A 15 -9.02 -2.89 1.41
CA PRO A 15 -10.39 -3.21 1.82
C PRO A 15 -10.97 -2.32 2.94
N SER A 16 -10.13 -1.82 3.84
CA SER A 16 -10.63 -1.03 4.97
C SER A 16 -9.61 0.06 5.37
N VAL A 17 -10.12 1.19 5.85
CA VAL A 17 -9.27 2.28 6.36
C VAL A 17 -9.96 2.90 7.57
N GLY A 18 -9.18 3.45 8.48
CA GLY A 18 -9.74 4.18 9.58
C GLY A 18 -8.73 5.10 10.23
N PRO A 19 -9.17 6.13 10.94
CA PRO A 19 -8.30 7.02 11.72
C PRO A 19 -7.94 6.35 13.05
N GLU A 20 -7.46 5.14 12.94
CA GLU A 20 -7.21 4.25 14.05
C GLU A 20 -5.77 4.37 14.54
N ALA A 21 -4.96 5.13 13.87
CA ALA A 21 -3.59 5.28 14.28
C ALA A 21 -3.46 6.46 15.23
N GLU A 22 -2.77 6.23 16.32
CA GLU A 22 -2.55 7.27 17.32
C GLU A 22 -1.43 8.15 16.83
N GLY A 23 -1.18 9.24 17.54
CA GLY A 23 0.00 10.04 17.25
C GLY A 23 1.21 9.19 17.56
N PRO A 24 1.90 8.69 16.54
CA PRO A 24 2.94 7.68 16.72
C PRO A 24 4.29 8.27 17.10
N ARG A 25 5.34 7.47 16.91
CA ARG A 25 6.69 7.91 17.15
C ARG A 25 7.01 9.02 16.15
N GLN A 26 8.06 9.79 16.42
CA GLN A 26 8.44 10.93 15.59
C GLN A 26 8.48 10.51 14.13
N SER A 27 7.50 10.98 13.39
CA SER A 27 7.39 10.74 11.99
C SER A 27 7.39 12.11 11.28
N PRO A 28 8.21 12.33 10.26
CA PRO A 28 8.22 13.59 9.50
C PRO A 28 6.87 13.81 8.80
N GLU A 29 6.28 12.74 8.32
CA GLU A 29 5.02 12.82 7.60
C GLU A 29 3.85 12.89 8.58
N LYS A 30 3.80 11.91 9.50
CA LYS A 30 2.72 11.76 10.50
C LYS A 30 1.44 11.26 9.87
N SER A 31 0.86 10.25 10.46
CA SER A 31 -0.34 9.70 9.94
C SER A 31 -1.17 9.10 11.07
N HIS A 32 -2.35 9.65 11.27
CA HIS A 32 -3.31 9.07 12.23
C HIS A 32 -4.23 8.15 11.45
N MET A 33 -3.97 8.11 10.18
CA MET A 33 -4.71 7.33 9.26
C MET A 33 -4.05 5.99 9.11
N VAL A 34 -4.82 4.97 9.22
CA VAL A 34 -4.31 3.65 8.99
C VAL A 34 -5.23 2.89 8.03
N PHE A 35 -4.66 2.40 6.99
CA PHE A 35 -5.38 1.60 6.04
C PHE A 35 -4.84 0.18 6.01
N ARG A 36 -5.74 -0.75 5.84
CA ARG A 36 -5.41 -2.15 5.82
C ARG A 36 -5.21 -2.53 4.37
N VAL A 37 -4.01 -2.83 3.97
CA VAL A 37 -3.76 -3.15 2.58
C VAL A 37 -3.59 -4.63 2.35
N GLU A 38 -4.12 -5.12 1.27
CA GLU A 38 -3.87 -6.46 0.84
C GLU A 38 -3.12 -6.46 -0.42
N VAL A 39 -1.90 -6.85 -0.32
CA VAL A 39 -1.07 -7.02 -1.46
C VAL A 39 -0.89 -8.52 -1.66
N LEU A 40 -1.51 -9.05 -2.69
CA LEU A 40 -1.41 -10.44 -3.03
C LEU A 40 -0.25 -10.61 -3.95
N CYS A 41 0.68 -11.42 -3.54
CA CYS A 41 1.85 -11.69 -4.32
C CYS A 41 1.94 -13.18 -4.64
N SER A 42 1.65 -13.51 -5.89
CA SER A 42 1.80 -14.86 -6.42
C SER A 42 0.97 -15.88 -5.65
N GLY A 43 -0.13 -15.44 -5.08
CA GLY A 43 -1.00 -16.31 -4.36
C GLY A 43 -1.02 -16.01 -2.89
N ARG A 44 0.01 -15.36 -2.39
CA ARG A 44 0.09 -15.09 -0.97
C ARG A 44 -0.35 -13.67 -0.66
N ARG A 45 -1.28 -13.56 0.24
CA ARG A 45 -1.80 -12.28 0.68
C ARG A 45 -0.94 -11.74 1.77
N HIS A 46 -0.96 -10.45 1.93
CA HIS A 46 -0.46 -9.84 3.13
C HIS A 46 -1.26 -8.64 3.46
N THR A 47 -1.92 -8.71 4.58
CA THR A 47 -2.80 -7.66 5.03
C THR A 47 -2.06 -6.83 6.05
N VAL A 48 -1.74 -5.63 5.70
CA VAL A 48 -0.94 -4.79 6.54
C VAL A 48 -1.63 -3.46 6.84
N PRO A 49 -1.84 -3.13 8.12
CA PRO A 49 -2.29 -1.81 8.51
C PRO A 49 -1.12 -0.84 8.34
N ARG A 50 -1.21 0.01 7.38
CA ARG A 50 -0.10 0.83 7.04
C ARG A 50 -0.55 2.28 6.88
N ARG A 51 0.34 3.19 7.18
CA ARG A 51 0.05 4.60 7.11
C ARG A 51 0.45 5.13 5.76
N TYR A 52 -0.10 6.27 5.37
CA TYR A 52 0.24 6.87 4.08
C TYR A 52 1.66 7.40 4.05
N SER A 53 2.18 7.67 5.23
CA SER A 53 3.53 8.15 5.39
C SER A 53 4.52 7.16 4.76
N GLU A 54 4.27 5.86 4.97
CA GLU A 54 5.14 4.84 4.44
C GLU A 54 4.92 4.68 2.97
N PHE A 55 3.67 4.73 2.54
CA PHE A 55 3.33 4.62 1.11
C PHE A 55 3.90 5.78 0.30
N HIS A 56 3.99 6.93 0.92
CA HIS A 56 4.58 8.08 0.29
C HIS A 56 6.08 7.82 0.05
N ALA A 57 6.74 7.30 1.07
CA ALA A 57 8.16 6.97 0.99
C ALA A 57 8.40 5.77 0.05
N LEU A 58 7.57 4.77 0.18
CA LEU A 58 7.61 3.56 -0.64
C LEU A 58 7.49 3.89 -2.12
N HIS A 59 6.48 4.69 -2.44
CA HIS A 59 6.20 5.01 -3.80
C HIS A 59 7.25 5.94 -4.38
N LYS A 60 7.78 6.87 -3.58
CA LYS A 60 8.79 7.78 -4.13
C LYS A 60 10.12 7.06 -4.34
N ARG A 61 10.40 6.04 -3.54
CA ARG A 61 11.63 5.32 -3.70
C ARG A 61 11.57 4.47 -4.95
N ILE A 62 10.47 3.75 -5.13
CA ILE A 62 10.32 2.95 -6.31
C ILE A 62 10.00 3.75 -7.54
N LYS A 63 9.73 5.06 -7.38
CA LYS A 63 9.46 5.88 -8.54
C LYS A 63 10.77 6.10 -9.28
N LYS A 64 11.86 5.92 -8.56
CA LYS A 64 13.18 5.95 -9.16
C LYS A 64 13.62 4.50 -9.50
N LEU A 65 12.91 3.52 -8.95
CA LEU A 65 13.32 2.11 -9.06
C LEU A 65 12.74 1.46 -10.32
N TYR A 66 11.41 1.37 -10.43
CA TYR A 66 10.80 0.71 -11.57
C TYR A 66 9.77 1.62 -12.23
N LYS A 67 9.04 1.14 -13.26
CA LYS A 67 8.07 1.99 -13.97
C LYS A 67 6.93 2.39 -13.04
N VAL A 68 6.97 3.62 -12.62
CA VAL A 68 6.13 4.16 -11.60
C VAL A 68 5.89 5.65 -11.89
N PRO A 69 4.67 6.17 -11.63
CA PRO A 69 4.39 7.60 -11.78
C PRO A 69 5.05 8.40 -10.65
N ASP A 70 4.72 9.65 -10.54
CA ASP A 70 5.30 10.47 -9.49
C ASP A 70 4.65 10.16 -8.15
N PHE A 71 5.08 10.81 -7.11
CA PHE A 71 4.60 10.51 -5.79
C PHE A 71 3.52 11.49 -5.34
N PRO A 72 2.59 11.03 -4.49
CA PRO A 72 1.50 11.88 -3.98
C PRO A 72 2.03 13.03 -3.12
N SER A 73 1.26 14.06 -3.06
CA SER A 73 1.57 15.21 -2.29
C SER A 73 1.04 14.99 -0.88
N LYS A 74 1.28 15.94 -0.01
CA LYS A 74 0.70 15.88 1.29
C LYS A 74 -0.70 16.49 1.21
N ARG A 75 -0.93 17.22 0.12
CA ARG A 75 -2.24 17.76 -0.14
C ARG A 75 -3.03 16.78 -0.96
N LEU A 76 -3.98 16.19 -0.35
CA LEU A 76 -4.88 15.26 -0.95
C LEU A 76 -6.22 15.58 -0.31
N PRO A 77 -7.36 15.57 -1.10
CA PRO A 77 -8.72 15.83 -0.59
C PRO A 77 -8.88 15.49 0.90
N ASN A 78 -9.31 16.50 1.68
CA ASN A 78 -9.33 16.41 3.14
C ASN A 78 -10.20 15.30 3.71
N TRP A 79 -11.11 14.75 2.87
CA TRP A 79 -12.05 13.61 3.15
C TRP A 79 -13.01 13.82 4.34
N ARG A 80 -12.62 14.63 5.29
CA ARG A 80 -13.36 14.85 6.52
C ARG A 80 -14.76 15.42 6.23
N THR A 81 -14.89 16.12 5.13
CA THR A 81 -16.15 16.72 4.73
C THR A 81 -17.11 15.66 4.11
N ARG A 82 -16.54 14.55 3.69
CA ARG A 82 -17.29 13.47 3.06
C ARG A 82 -16.83 12.16 3.70
N GLY A 83 -16.64 11.12 2.90
CA GLY A 83 -16.13 9.90 3.46
C GLY A 83 -14.64 9.78 3.33
N LEU A 84 -14.14 8.76 3.91
CA LEU A 84 -12.74 8.43 3.99
C LEU A 84 -12.22 7.83 2.68
N GLU A 85 -13.15 7.48 1.82
CA GLU A 85 -12.87 6.84 0.54
C GLU A 85 -11.80 7.67 -0.21
N GLN A 86 -11.92 9.00 -0.19
CA GLN A 86 -10.95 9.91 -0.83
C GLN A 86 -9.50 9.63 -0.39
N ARG A 87 -9.31 9.35 0.90
CA ARG A 87 -7.99 9.01 1.42
C ARG A 87 -7.45 7.78 0.73
N ARG A 88 -8.27 6.71 0.81
CA ARG A 88 -7.93 5.41 0.24
C ARG A 88 -7.69 5.56 -1.22
N GLN A 89 -8.51 6.38 -1.82
CA GLN A 89 -8.53 6.61 -3.24
C GLN A 89 -7.20 7.15 -3.70
N GLY A 90 -6.66 8.08 -2.95
CA GLY A 90 -5.37 8.64 -3.28
C GLY A 90 -4.27 7.59 -3.27
N LEU A 91 -4.17 6.84 -2.18
CA LEU A 91 -3.11 5.83 -2.07
C LEU A 91 -3.32 4.68 -3.02
N GLU A 92 -4.54 4.21 -3.13
CA GLU A 92 -4.82 3.10 -3.98
C GLU A 92 -4.63 3.47 -5.44
N ALA A 93 -4.94 4.71 -5.81
CA ALA A 93 -4.72 5.16 -7.19
C ALA A 93 -3.24 5.05 -7.55
N TYR A 94 -2.37 5.40 -6.60
CA TYR A 94 -0.95 5.27 -6.83
C TYR A 94 -0.47 3.81 -6.79
N ILE A 95 -0.95 3.05 -5.82
CA ILE A 95 -0.53 1.63 -5.69
C ILE A 95 -1.13 0.77 -6.81
N GLN A 96 -2.45 0.86 -7.01
CA GLN A 96 -3.12 0.08 -8.05
C GLN A 96 -2.59 0.50 -9.40
N GLY A 97 -2.19 1.77 -9.51
CA GLY A 97 -1.58 2.27 -10.71
C GLY A 97 -0.34 1.48 -11.03
N ILE A 98 0.61 1.44 -10.10
CA ILE A 98 1.87 0.69 -10.30
C ILE A 98 1.66 -0.80 -10.38
N LEU A 99 0.68 -1.29 -9.64
CA LEU A 99 0.29 -2.67 -9.70
C LEU A 99 -0.23 -3.03 -11.10
N TYR A 100 -0.82 -2.07 -11.76
CA TYR A 100 -1.33 -2.25 -13.10
C TYR A 100 -0.26 -1.87 -14.16
N LEU A 101 0.76 -1.16 -13.73
CA LEU A 101 1.80 -0.65 -14.64
C LEU A 101 2.84 -1.64 -15.01
N ASN A 102 3.54 -2.15 -14.04
CA ASN A 102 4.72 -2.89 -14.38
C ASN A 102 4.90 -4.08 -13.48
N GLN A 103 5.54 -3.91 -12.34
CA GLN A 103 5.64 -4.99 -11.41
C GLN A 103 5.66 -4.54 -9.98
N GLU A 104 4.49 -4.22 -9.48
CA GLU A 104 4.29 -4.00 -8.04
C GLU A 104 4.82 -5.21 -7.22
N VAL A 105 4.98 -4.97 -5.94
CA VAL A 105 5.57 -5.82 -4.92
C VAL A 105 7.10 -5.92 -5.04
N PRO A 106 7.76 -4.81 -4.77
CA PRO A 106 9.19 -4.70 -4.78
C PRO A 106 9.83 -5.15 -3.48
N LYS A 107 11.10 -5.51 -3.56
CA LYS A 107 11.93 -5.89 -2.41
C LYS A 107 11.79 -4.88 -1.25
N GLU A 108 11.39 -3.66 -1.56
CA GLU A 108 11.18 -2.64 -0.54
C GLU A 108 10.23 -3.02 0.55
N LEU A 109 9.16 -3.75 0.26
CA LEU A 109 8.29 -4.18 1.35
C LEU A 109 9.00 -5.22 2.17
N LEU A 110 9.81 -6.01 1.51
CA LEU A 110 10.60 -7.04 2.12
C LEU A 110 11.67 -6.43 3.01
N GLU A 111 12.24 -5.36 2.57
CA GLU A 111 13.22 -4.66 3.33
C GLU A 111 12.56 -3.81 4.44
N PHE A 112 11.42 -3.18 4.12
CA PHE A 112 10.78 -2.25 5.07
C PHE A 112 10.06 -2.99 6.18
N LEU A 113 9.18 -3.88 5.78
CA LEU A 113 8.33 -4.61 6.71
C LEU A 113 8.99 -5.92 7.11
N ARG A 114 10.23 -6.12 6.65
CA ARG A 114 10.98 -7.34 6.93
C ARG A 114 10.29 -8.57 6.23
N LEU A 115 9.67 -8.30 5.06
CA LEU A 115 8.97 -9.37 4.32
C LEU A 115 9.99 -10.28 3.60
N ARG A 116 11.31 -10.01 3.78
CA ARG A 116 12.34 -10.87 3.20
C ARG A 116 12.15 -12.26 3.73
N HIS A 117 12.22 -13.24 2.83
CA HIS A 117 11.89 -14.62 3.18
C HIS A 117 10.41 -14.68 3.58
N PHE A 118 9.57 -14.60 2.59
CA PHE A 118 8.15 -14.53 2.81
C PHE A 118 7.48 -15.87 2.48
N PRO A 119 7.06 -16.62 3.49
CA PRO A 119 6.33 -17.87 3.28
C PRO A 119 4.85 -17.57 2.97
N THR A 120 4.29 -16.69 3.76
CA THR A 120 2.93 -16.24 3.66
C THR A 120 2.76 -15.19 4.75
N ASP A 121 1.57 -14.70 4.90
CA ASP A 121 1.28 -13.72 5.91
C ASP A 121 0.08 -14.15 6.70
N PRO A 122 0.24 -14.33 8.02
CA PRO A 122 -0.85 -14.78 8.87
C PRO A 122 -1.89 -13.70 9.11
N LYS A 123 -2.88 -13.69 8.28
CA LYS A 123 -3.93 -12.73 8.40
C LYS A 123 -5.19 -13.37 8.95
N ALA A 124 -5.70 -12.80 10.00
CA ALA A 124 -6.90 -13.30 10.57
C ALA A 124 -8.08 -12.54 10.03
N SER A 125 -8.44 -12.88 8.82
CA SER A 125 -9.52 -12.26 8.14
C SER A 125 -10.83 -12.86 8.62
N ASN A 126 -11.56 -12.07 9.34
CA ASN A 126 -12.81 -12.49 9.90
C ASN A 126 -13.83 -11.41 9.65
N TRP A 127 -14.53 -11.55 8.55
CA TRP A 127 -15.58 -10.61 8.16
C TRP A 127 -16.81 -11.38 7.76
N GLY A 128 -16.58 -12.46 7.06
CA GLY A 128 -17.62 -13.31 6.61
C GLY A 128 -17.25 -13.87 5.28
N GLY A 1 14.98 -7.89 -27.46
CA GLY A 1 14.51 -8.08 -26.10
C GLY A 1 13.66 -9.30 -26.01
N HIS A 2 13.76 -10.01 -24.90
CA HIS A 2 13.01 -11.23 -24.75
C HIS A 2 12.58 -11.41 -23.29
N HIS A 3 11.42 -10.85 -22.95
CA HIS A 3 10.78 -11.02 -21.64
C HIS A 3 9.35 -10.49 -21.65
N HIS A 4 8.40 -11.41 -21.57
CA HIS A 4 6.99 -11.06 -21.48
C HIS A 4 6.30 -12.01 -20.51
N HIS A 5 7.09 -12.60 -19.62
CA HIS A 5 6.59 -13.47 -18.58
C HIS A 5 6.56 -12.72 -17.23
N HIS A 6 6.28 -13.43 -16.11
CA HIS A 6 6.08 -12.82 -14.76
C HIS A 6 4.67 -12.35 -14.57
N HIS A 7 3.76 -12.81 -15.40
CA HIS A 7 2.40 -12.41 -15.21
C HIS A 7 1.70 -13.25 -14.16
N LEU A 8 2.10 -13.03 -12.94
CA LEU A 8 1.43 -13.56 -11.79
C LEU A 8 0.79 -12.39 -11.16
N GLU A 9 -0.35 -12.04 -11.70
CA GLU A 9 -1.01 -10.81 -11.41
C GLU A 9 -1.42 -10.72 -9.95
N LEU A 10 -1.21 -9.56 -9.40
CA LEU A 10 -1.42 -9.32 -8.04
C LEU A 10 -2.65 -8.50 -7.91
N GLU A 11 -3.59 -8.99 -7.19
CA GLU A 11 -4.81 -8.29 -7.00
C GLU A 11 -4.70 -7.47 -5.73
N VAL A 12 -4.71 -6.17 -5.88
CA VAL A 12 -4.42 -5.30 -4.77
C VAL A 12 -5.60 -4.39 -4.50
N HIS A 13 -6.00 -4.31 -3.27
CA HIS A 13 -7.12 -3.49 -2.87
C HIS A 13 -6.92 -3.01 -1.45
N ILE A 14 -7.55 -1.93 -1.10
CA ILE A 14 -7.49 -1.44 0.27
C ILE A 14 -8.85 -1.69 0.91
N PRO A 15 -9.02 -2.83 1.61
CA PRO A 15 -10.30 -3.22 2.19
C PRO A 15 -10.77 -2.35 3.36
N SER A 16 -9.84 -1.80 4.13
CA SER A 16 -10.20 -0.99 5.26
C SER A 16 -9.03 -0.13 5.73
N VAL A 17 -9.35 0.87 6.53
CA VAL A 17 -8.38 1.78 7.09
C VAL A 17 -8.68 1.90 8.58
N GLY A 18 -7.69 1.70 9.43
CA GLY A 18 -7.94 1.81 10.85
C GLY A 18 -6.96 2.72 11.55
N PRO A 19 -7.27 3.22 12.73
CA PRO A 19 -6.35 3.98 13.50
C PRO A 19 -5.52 3.07 14.40
N GLU A 20 -4.41 2.61 13.87
CA GLU A 20 -3.62 1.59 14.58
C GLU A 20 -2.23 2.10 14.93
N ALA A 21 -1.65 2.89 14.03
CA ALA A 21 -0.27 3.34 14.14
C ALA A 21 -0.06 4.29 15.29
N GLU A 22 1.17 4.42 15.71
CA GLU A 22 1.51 5.30 16.80
C GLU A 22 1.53 6.75 16.36
N GLY A 23 1.03 7.59 17.22
CA GLY A 23 1.07 9.00 17.00
C GLY A 23 1.91 9.62 18.08
N PRO A 24 3.23 9.76 17.85
CA PRO A 24 4.16 10.22 18.88
C PRO A 24 3.84 11.64 19.36
N ARG A 25 3.87 12.56 18.45
CA ARG A 25 3.65 13.95 18.73
C ARG A 25 3.23 14.62 17.45
N GLN A 26 2.81 15.86 17.53
CA GLN A 26 2.47 16.60 16.34
C GLN A 26 3.76 16.89 15.59
N SER A 27 3.99 16.10 14.60
CA SER A 27 5.20 16.12 13.82
C SER A 27 4.83 16.58 12.40
N PRO A 28 5.80 16.68 11.43
CA PRO A 28 5.48 16.94 10.02
C PRO A 28 4.32 16.03 9.57
N GLU A 29 4.47 14.75 9.84
CA GLU A 29 3.42 13.78 9.63
C GLU A 29 2.74 13.59 10.98
N LYS A 30 1.43 13.48 11.00
CA LYS A 30 0.70 13.41 12.27
C LYS A 30 -0.27 12.26 12.30
N SER A 31 -0.87 12.00 11.17
CA SER A 31 -1.89 11.00 11.07
C SER A 31 -1.40 9.59 11.41
N HIS A 32 -1.72 9.17 12.62
CA HIS A 32 -1.39 7.83 13.13
C HIS A 32 -2.42 6.83 12.60
N MET A 33 -3.32 7.32 11.82
CA MET A 33 -4.30 6.53 11.18
C MET A 33 -3.67 5.83 9.97
N VAL A 34 -3.92 4.55 9.83
CA VAL A 34 -3.21 3.73 8.89
C VAL A 34 -4.15 2.88 8.01
N PHE A 35 -3.84 2.83 6.72
CA PHE A 35 -4.64 2.04 5.79
C PHE A 35 -3.99 0.71 5.55
N ARG A 36 -4.78 -0.27 5.29
CA ARG A 36 -4.28 -1.57 5.09
C ARG A 36 -4.42 -1.99 3.66
N VAL A 37 -3.31 -1.99 2.95
CA VAL A 37 -3.29 -2.32 1.54
C VAL A 37 -3.12 -3.81 1.38
N GLU A 38 -4.04 -4.44 0.75
CA GLU A 38 -3.97 -5.86 0.64
C GLU A 38 -3.54 -6.25 -0.76
N VAL A 39 -2.34 -6.75 -0.84
CA VAL A 39 -1.72 -7.16 -2.07
C VAL A 39 -1.80 -8.67 -2.18
N LEU A 40 -2.53 -9.17 -3.18
CA LEU A 40 -2.57 -10.59 -3.43
C LEU A 40 -1.44 -10.89 -4.36
N CYS A 41 -0.40 -11.49 -3.87
CA CYS A 41 0.74 -11.79 -4.69
C CYS A 41 0.61 -13.20 -5.17
N SER A 42 0.22 -13.33 -6.44
CA SER A 42 0.02 -14.59 -7.13
C SER A 42 -1.09 -15.45 -6.47
N GLY A 43 -0.80 -16.04 -5.32
CA GLY A 43 -1.81 -16.84 -4.66
C GLY A 43 -1.91 -16.57 -3.18
N ARG A 44 -1.14 -15.62 -2.66
CA ARG A 44 -1.24 -15.26 -1.24
C ARG A 44 -1.58 -13.79 -1.07
N ARG A 45 -2.64 -13.50 -0.35
CA ARG A 45 -2.98 -12.13 -0.06
C ARG A 45 -2.41 -11.69 1.26
N HIS A 46 -1.79 -10.55 1.25
CA HIS A 46 -1.21 -9.99 2.44
C HIS A 46 -1.66 -8.58 2.67
N THR A 47 -2.25 -8.40 3.81
CA THR A 47 -2.76 -7.14 4.25
C THR A 47 -1.62 -6.34 4.89
N VAL A 48 -1.22 -5.28 4.21
CA VAL A 48 -0.09 -4.49 4.62
C VAL A 48 -0.55 -3.10 5.14
N PRO A 49 -0.52 -2.88 6.45
CA PRO A 49 -0.88 -1.60 7.07
C PRO A 49 0.22 -0.54 6.91
N ARG A 50 -0.12 0.59 6.31
CA ARG A 50 0.78 1.72 6.16
C ARG A 50 0.05 3.04 6.28
N ARG A 51 0.73 4.01 6.79
CA ARG A 51 0.19 5.34 6.81
C ARG A 51 0.55 5.94 5.48
N TYR A 52 -0.07 7.03 5.14
CA TYR A 52 0.23 7.66 3.87
C TYR A 52 1.62 8.29 3.92
N SER A 53 2.05 8.55 5.14
CA SER A 53 3.35 9.04 5.44
C SER A 53 4.42 8.06 4.94
N GLU A 54 4.25 6.78 5.27
CA GLU A 54 5.22 5.78 4.85
C GLU A 54 5.14 5.60 3.38
N PHE A 55 3.91 5.68 2.86
CA PHE A 55 3.71 5.50 1.45
C PHE A 55 4.48 6.52 0.63
N HIS A 56 4.33 7.81 0.93
CA HIS A 56 5.05 8.81 0.14
C HIS A 56 6.57 8.65 0.27
N ALA A 57 7.02 8.13 1.41
CA ALA A 57 8.43 7.87 1.61
C ALA A 57 8.95 6.75 0.69
N LEU A 58 8.29 5.57 0.67
CA LEU A 58 8.78 4.52 -0.24
C LEU A 58 8.61 4.98 -1.65
N HIS A 59 7.48 5.63 -1.90
CA HIS A 59 7.15 6.21 -3.19
C HIS A 59 8.28 7.10 -3.72
N LYS A 60 8.81 7.98 -2.88
CA LYS A 60 9.82 8.88 -3.36
C LYS A 60 11.12 8.16 -3.62
N ARG A 61 11.38 7.07 -2.94
CA ARG A 61 12.62 6.37 -3.17
C ARG A 61 12.49 5.54 -4.45
N ILE A 62 11.32 4.95 -4.63
CA ILE A 62 11.04 4.11 -5.77
C ILE A 62 10.81 4.91 -7.04
N LYS A 63 10.52 6.20 -6.94
CA LYS A 63 10.33 6.99 -8.15
C LYS A 63 11.65 7.13 -8.87
N LYS A 64 12.73 7.05 -8.10
CA LYS A 64 14.08 6.99 -8.63
C LYS A 64 14.42 5.57 -9.11
N LEU A 65 13.62 4.61 -8.68
CA LEU A 65 13.91 3.20 -8.90
C LEU A 65 13.11 2.58 -10.09
N TYR A 66 11.78 2.64 -10.05
CA TYR A 66 10.96 1.99 -11.08
C TYR A 66 9.91 2.99 -11.65
N LYS A 67 8.98 2.52 -12.49
CA LYS A 67 7.92 3.41 -13.06
C LYS A 67 6.94 3.83 -11.99
N VAL A 68 6.84 5.10 -11.81
CA VAL A 68 6.04 5.66 -10.73
C VAL A 68 5.39 6.99 -11.24
N PRO A 69 4.04 6.98 -11.50
CA PRO A 69 3.29 8.12 -12.08
C PRO A 69 3.12 9.33 -11.12
N ASP A 70 2.28 10.30 -11.55
CA ASP A 70 1.95 11.51 -10.78
C ASP A 70 1.46 11.13 -9.40
N PHE A 71 1.82 11.89 -8.41
CA PHE A 71 1.63 11.47 -7.06
C PHE A 71 0.92 12.48 -6.18
N PRO A 72 0.23 11.99 -5.14
CA PRO A 72 -0.29 12.84 -4.10
C PRO A 72 0.85 13.22 -3.15
N SER A 73 0.79 14.40 -2.63
CA SER A 73 1.82 14.88 -1.78
C SER A 73 1.53 14.48 -0.31
N LYS A 74 2.36 14.95 0.60
CA LYS A 74 2.21 14.71 2.01
C LYS A 74 1.01 15.47 2.57
N ARG A 75 0.52 16.41 1.79
CA ARG A 75 -0.63 17.19 2.17
C ARG A 75 -1.90 16.52 1.67
N LEU A 76 -2.63 16.00 2.58
CA LEU A 76 -3.88 15.36 2.32
C LEU A 76 -4.87 15.87 3.35
N PRO A 77 -6.19 15.64 3.17
CA PRO A 77 -7.19 16.04 4.15
C PRO A 77 -6.90 15.43 5.52
N ASN A 78 -7.25 16.15 6.57
CA ASN A 78 -7.02 15.70 7.95
C ASN A 78 -8.16 14.73 8.36
N TRP A 79 -9.03 14.46 7.37
CA TRP A 79 -10.15 13.50 7.44
C TRP A 79 -11.26 14.01 8.34
N ARG A 80 -11.20 15.28 8.66
CA ARG A 80 -12.22 15.91 9.47
C ARG A 80 -13.44 16.18 8.61
N THR A 81 -13.19 16.75 7.46
CA THR A 81 -14.22 17.14 6.53
C THR A 81 -14.28 16.18 5.34
N ARG A 82 -13.51 15.11 5.39
CA ARG A 82 -13.46 14.23 4.25
C ARG A 82 -13.52 12.79 4.73
N GLY A 83 -14.18 11.94 3.97
CA GLY A 83 -14.33 10.56 4.35
C GLY A 83 -13.17 9.70 3.89
N LEU A 84 -13.22 8.45 4.26
CA LEU A 84 -12.20 7.48 3.92
C LEU A 84 -12.36 6.87 2.56
N GLU A 85 -13.53 7.05 1.96
CA GLU A 85 -13.83 6.55 0.62
C GLU A 85 -12.75 7.01 -0.37
N GLN A 86 -12.41 8.29 -0.31
CA GLN A 86 -11.37 8.84 -1.16
C GLN A 86 -10.01 8.26 -0.82
N ARG A 87 -9.68 8.21 0.48
CA ARG A 87 -8.37 7.76 0.91
C ARG A 87 -8.06 6.34 0.43
N ARG A 88 -8.98 5.42 0.67
CA ARG A 88 -8.79 4.05 0.24
C ARG A 88 -8.71 3.94 -1.28
N GLN A 89 -9.63 4.60 -1.97
CA GLN A 89 -9.73 4.50 -3.42
C GLN A 89 -8.53 5.13 -4.13
N GLY A 90 -8.21 6.37 -3.74
CA GLY A 90 -7.13 7.11 -4.38
C GLY A 90 -5.81 6.42 -4.25
N LEU A 91 -5.46 6.03 -3.04
CA LEU A 91 -4.22 5.35 -2.81
C LEU A 91 -4.21 3.97 -3.45
N GLU A 92 -5.34 3.27 -3.40
CA GLU A 92 -5.46 1.94 -4.00
C GLU A 92 -5.15 2.00 -5.47
N ALA A 93 -5.78 2.94 -6.17
CA ALA A 93 -5.63 3.07 -7.61
C ALA A 93 -4.21 3.38 -8.00
N TYR A 94 -3.55 4.18 -7.19
CA TYR A 94 -2.19 4.57 -7.47
C TYR A 94 -1.20 3.46 -7.11
N ILE A 95 -1.44 2.80 -5.99
CA ILE A 95 -0.58 1.71 -5.55
C ILE A 95 -0.73 0.51 -6.48
N GLN A 96 -1.95 0.27 -6.94
CA GLN A 96 -2.22 -0.81 -7.89
C GLN A 96 -1.55 -0.44 -9.22
N GLY A 97 -1.55 0.86 -9.55
CA GLY A 97 -0.93 1.34 -10.76
C GLY A 97 0.55 1.01 -10.80
N ILE A 98 1.27 1.49 -9.80
CA ILE A 98 2.72 1.24 -9.69
C ILE A 98 3.06 -0.22 -9.60
N LEU A 99 2.22 -0.95 -8.93
CA LEU A 99 2.44 -2.35 -8.74
C LEU A 99 2.16 -3.13 -10.04
N TYR A 100 1.38 -2.56 -10.92
CA TYR A 100 1.10 -3.21 -12.16
C TYR A 100 2.02 -2.66 -13.27
N LEU A 101 2.77 -1.61 -12.96
CA LEU A 101 3.66 -0.97 -13.93
C LEU A 101 4.94 -1.73 -14.16
N ASN A 102 5.72 -1.96 -13.11
CA ASN A 102 7.03 -2.56 -13.33
C ASN A 102 7.50 -3.42 -12.17
N GLN A 103 7.66 -2.82 -10.99
CA GLN A 103 8.34 -3.56 -9.90
C GLN A 103 7.37 -4.43 -9.11
N GLU A 104 6.12 -4.49 -9.57
CA GLU A 104 5.04 -5.17 -8.87
C GLU A 104 4.94 -4.75 -7.41
N VAL A 105 5.05 -5.64 -6.47
CA VAL A 105 5.02 -5.23 -5.09
C VAL A 105 6.40 -4.66 -4.71
N PRO A 106 6.45 -3.35 -4.35
CA PRO A 106 7.68 -2.62 -4.05
C PRO A 106 8.64 -3.41 -3.15
N LYS A 107 9.86 -3.58 -3.65
CA LYS A 107 10.90 -4.34 -2.97
C LYS A 107 11.19 -3.73 -1.59
N GLU A 108 10.97 -2.44 -1.45
CA GLU A 108 11.17 -1.79 -0.17
C GLU A 108 10.07 -2.18 0.83
N LEU A 109 8.88 -2.50 0.34
CA LEU A 109 7.80 -2.90 1.21
C LEU A 109 8.09 -4.31 1.64
N LEU A 110 8.61 -5.04 0.67
CA LEU A 110 9.09 -6.38 0.82
C LEU A 110 10.12 -6.39 1.96
N GLU A 111 11.01 -5.43 1.91
CA GLU A 111 12.07 -5.26 2.87
C GLU A 111 11.56 -4.65 4.21
N PHE A 112 10.40 -4.02 4.20
CA PHE A 112 9.93 -3.28 5.37
C PHE A 112 9.17 -4.18 6.35
N LEU A 113 8.27 -4.99 5.85
CA LEU A 113 7.49 -5.84 6.74
C LEU A 113 7.86 -7.29 6.58
N ARG A 114 8.98 -7.53 5.88
CA ARG A 114 9.45 -8.89 5.59
C ARG A 114 8.37 -9.59 4.73
N LEU A 115 7.93 -8.89 3.68
CA LEU A 115 6.83 -9.38 2.83
C LEU A 115 7.27 -10.50 1.86
N ARG A 116 8.48 -11.00 2.04
CA ARG A 116 8.97 -12.09 1.22
C ARG A 116 8.48 -13.39 1.77
N HIS A 117 7.80 -14.15 0.91
CA HIS A 117 7.21 -15.44 1.27
C HIS A 117 6.19 -15.23 2.41
N PHE A 118 5.65 -14.03 2.46
CA PHE A 118 4.74 -13.64 3.50
C PHE A 118 3.42 -14.42 3.34
N PRO A 119 2.98 -15.12 4.37
CA PRO A 119 1.76 -15.92 4.32
C PRO A 119 0.49 -15.06 4.42
N THR A 120 -0.64 -15.70 4.30
CA THR A 120 -1.90 -15.01 4.40
C THR A 120 -2.28 -14.84 5.87
N ASP A 121 -2.66 -13.64 6.26
CA ASP A 121 -3.08 -13.40 7.63
C ASP A 121 -4.57 -13.59 7.73
N PRO A 122 -5.01 -14.65 8.39
CA PRO A 122 -6.41 -14.94 8.52
C PRO A 122 -7.08 -14.05 9.56
N LYS A 123 -7.74 -13.03 9.09
CA LYS A 123 -8.47 -12.10 9.91
C LYS A 123 -9.34 -11.23 9.02
N ALA A 124 -10.63 -11.37 9.15
CA ALA A 124 -11.57 -10.60 8.38
C ALA A 124 -12.80 -10.36 9.21
N SER A 125 -13.00 -9.14 9.63
CA SER A 125 -14.09 -8.82 10.50
C SER A 125 -15.06 -7.89 9.78
N ASN A 126 -16.18 -8.44 9.37
CA ASN A 126 -17.21 -7.69 8.68
C ASN A 126 -18.53 -8.41 8.84
N TRP A 127 -19.47 -7.76 9.47
CA TRP A 127 -20.77 -8.32 9.68
C TRP A 127 -21.81 -7.30 9.26
N GLY A 128 -22.27 -7.44 8.06
CA GLY A 128 -23.18 -6.50 7.50
C GLY A 128 -22.92 -6.38 6.05
N GLY A 1 16.63 -22.05 -21.03
CA GLY A 1 15.25 -21.93 -21.48
C GLY A 1 14.47 -21.04 -20.56
N HIS A 2 13.18 -20.99 -20.74
CA HIS A 2 12.33 -20.17 -19.91
C HIS A 2 11.03 -20.87 -19.59
N HIS A 3 10.98 -21.51 -18.45
CA HIS A 3 9.77 -22.16 -17.99
C HIS A 3 9.69 -22.15 -16.47
N HIS A 4 9.12 -21.08 -15.97
CA HIS A 4 8.85 -20.87 -14.55
C HIS A 4 8.21 -19.50 -14.36
N HIS A 5 6.92 -19.49 -14.36
CA HIS A 5 6.17 -18.29 -14.10
C HIS A 5 4.89 -18.72 -13.43
N HIS A 6 5.02 -19.17 -12.22
CA HIS A 6 3.91 -19.68 -11.46
C HIS A 6 3.22 -18.58 -10.69
N HIS A 7 3.89 -17.46 -10.61
CA HIS A 7 3.32 -16.26 -10.04
C HIS A 7 2.27 -15.70 -11.00
N LEU A 8 1.08 -16.25 -10.92
CA LEU A 8 -0.02 -15.78 -11.72
C LEU A 8 -1.00 -15.08 -10.81
N GLU A 9 -1.21 -15.67 -9.64
CA GLU A 9 -2.04 -15.09 -8.61
C GLU A 9 -1.41 -13.77 -8.19
N LEU A 10 -2.03 -12.69 -8.52
CA LEU A 10 -1.49 -11.39 -8.26
C LEU A 10 -2.63 -10.39 -8.17
N GLU A 11 -2.99 -10.03 -6.96
CA GLU A 11 -4.04 -9.06 -6.72
C GLU A 11 -3.69 -8.22 -5.51
N VAL A 12 -3.46 -6.97 -5.71
CA VAL A 12 -3.12 -6.10 -4.61
C VAL A 12 -4.24 -5.12 -4.41
N HIS A 13 -4.81 -5.13 -3.23
CA HIS A 13 -5.99 -4.33 -2.94
C HIS A 13 -5.99 -3.88 -1.50
N ILE A 14 -6.86 -2.95 -1.19
CA ILE A 14 -6.99 -2.44 0.16
C ILE A 14 -8.37 -2.83 0.71
N PRO A 15 -8.45 -3.96 1.47
CA PRO A 15 -9.73 -4.49 1.97
C PRO A 15 -10.40 -3.63 3.06
N SER A 16 -9.63 -2.92 3.87
CA SER A 16 -10.20 -2.13 4.96
C SER A 16 -9.30 -0.94 5.31
N VAL A 17 -9.92 0.17 5.73
CA VAL A 17 -9.21 1.40 6.07
C VAL A 17 -9.82 2.02 7.33
N GLY A 18 -9.01 2.22 8.35
CA GLY A 18 -9.50 2.80 9.58
C GLY A 18 -8.37 3.34 10.42
N PRO A 19 -8.66 4.25 11.37
CA PRO A 19 -7.66 4.73 12.30
C PRO A 19 -7.30 3.64 13.32
N GLU A 20 -6.18 3.00 13.12
CA GLU A 20 -5.76 1.93 13.99
C GLU A 20 -4.55 2.36 14.80
N ALA A 21 -3.55 2.85 14.11
CA ALA A 21 -2.37 3.32 14.77
C ALA A 21 -2.20 4.79 14.52
N GLU A 22 -2.58 5.59 15.49
CA GLU A 22 -2.43 7.01 15.37
C GLU A 22 -1.14 7.43 16.02
N GLY A 23 -0.44 8.31 15.39
CA GLY A 23 0.80 8.79 15.92
C GLY A 23 1.97 7.93 15.50
N PRO A 24 2.48 8.12 14.27
CA PRO A 24 3.66 7.38 13.77
C PRO A 24 4.96 7.92 14.35
N ARG A 25 6.05 7.68 13.63
CA ARG A 25 7.36 8.25 13.97
C ARG A 25 7.30 9.75 13.68
N GLN A 26 8.40 10.45 13.65
CA GLN A 26 8.31 11.87 13.39
C GLN A 26 8.11 12.11 11.89
N SER A 27 6.87 12.29 11.52
CA SER A 27 6.52 12.63 10.16
C SER A 27 5.77 13.95 10.18
N PRO A 28 5.95 14.81 9.16
CA PRO A 28 5.14 16.02 9.02
C PRO A 28 3.70 15.65 8.67
N GLU A 29 3.53 14.43 8.15
CA GLU A 29 2.24 13.93 7.75
C GLU A 29 1.38 13.66 8.99
N LYS A 30 1.84 12.74 9.86
CA LYS A 30 1.20 12.41 11.14
C LYS A 30 -0.03 11.58 10.90
N SER A 31 0.20 10.33 10.60
CA SER A 31 -0.85 9.39 10.35
C SER A 31 -1.71 9.12 11.55
N HIS A 32 -2.97 9.32 11.38
CA HIS A 32 -3.96 8.88 12.34
C HIS A 32 -4.87 7.94 11.58
N MET A 33 -4.27 7.32 10.57
CA MET A 33 -4.93 6.49 9.61
C MET A 33 -4.08 5.30 9.25
N VAL A 34 -4.72 4.15 9.04
CA VAL A 34 -4.03 3.02 8.47
C VAL A 34 -4.94 2.36 7.42
N PHE A 35 -4.42 2.15 6.28
CA PHE A 35 -5.09 1.43 5.25
C PHE A 35 -4.36 0.11 5.04
N ARG A 36 -5.10 -0.97 5.07
CA ARG A 36 -4.50 -2.27 4.95
C ARG A 36 -4.29 -2.62 3.50
N VAL A 37 -3.07 -2.58 3.05
CA VAL A 37 -2.78 -2.98 1.70
C VAL A 37 -2.50 -4.47 1.70
N GLU A 38 -3.23 -5.18 0.92
CA GLU A 38 -3.11 -6.60 0.89
C GLU A 38 -2.55 -7.03 -0.45
N VAL A 39 -1.35 -7.49 -0.42
CA VAL A 39 -0.66 -7.95 -1.61
C VAL A 39 -0.82 -9.46 -1.75
N LEU A 40 -1.59 -9.88 -2.74
CA LEU A 40 -1.75 -11.29 -3.02
C LEU A 40 -0.69 -11.63 -4.05
N CYS A 41 0.26 -12.41 -3.67
CA CYS A 41 1.34 -12.77 -4.52
C CYS A 41 1.56 -14.29 -4.53
N SER A 42 1.35 -14.90 -5.69
CA SER A 42 1.60 -16.34 -5.90
C SER A 42 0.65 -17.21 -5.06
N GLY A 43 -0.46 -16.63 -4.63
CA GLY A 43 -1.43 -17.35 -3.83
C GLY A 43 -1.25 -17.07 -2.36
N ARG A 44 -0.20 -16.37 -2.04
CA ARG A 44 0.09 -16.01 -0.67
C ARG A 44 -0.20 -14.53 -0.54
N ARG A 45 -1.03 -14.17 0.39
CA ARG A 45 -1.35 -12.78 0.54
C ARG A 45 -1.00 -12.32 1.93
N HIS A 46 -0.61 -11.09 2.06
CA HIS A 46 -0.30 -10.56 3.35
C HIS A 46 -0.98 -9.21 3.48
N THR A 47 -1.84 -9.11 4.45
CA THR A 47 -2.61 -7.92 4.73
C THR A 47 -1.73 -7.01 5.59
N VAL A 48 -1.33 -5.88 5.05
CA VAL A 48 -0.40 -5.01 5.74
C VAL A 48 -1.03 -3.65 6.04
N PRO A 49 -1.31 -3.35 7.32
CA PRO A 49 -1.84 -2.03 7.72
C PRO A 49 -0.78 -0.96 7.54
N ARG A 50 -0.97 -0.10 6.58
CA ARG A 50 0.01 0.91 6.28
C ARG A 50 -0.56 2.27 6.49
N ARG A 51 0.23 3.12 7.04
CA ARG A 51 -0.14 4.47 7.24
C ARG A 51 0.35 5.34 6.11
N TYR A 52 -0.25 6.50 5.96
CA TYR A 52 0.02 7.40 4.85
C TYR A 52 1.48 7.87 4.89
N SER A 53 2.00 8.14 6.08
CA SER A 53 3.38 8.59 6.25
C SER A 53 4.38 7.56 5.67
N GLU A 54 4.06 6.30 5.83
CA GLU A 54 4.93 5.26 5.33
C GLU A 54 4.85 5.12 3.83
N PHE A 55 3.64 5.25 3.26
CA PHE A 55 3.53 5.21 1.82
C PHE A 55 4.22 6.44 1.21
N HIS A 56 4.23 7.52 1.96
CA HIS A 56 4.87 8.74 1.52
C HIS A 56 6.35 8.47 1.23
N ALA A 57 7.03 7.86 2.17
CA ALA A 57 8.45 7.52 2.01
C ALA A 57 8.64 6.39 0.99
N LEU A 58 7.69 5.46 0.98
CA LEU A 58 7.71 4.35 0.04
C LEU A 58 7.73 4.88 -1.39
N HIS A 59 6.88 5.86 -1.67
CA HIS A 59 6.83 6.41 -3.00
C HIS A 59 8.10 7.18 -3.35
N LYS A 60 8.69 7.85 -2.35
CA LYS A 60 9.93 8.60 -2.59
C LYS A 60 11.07 7.71 -3.07
N ARG A 61 11.18 6.52 -2.52
CA ARG A 61 12.23 5.62 -2.92
C ARG A 61 11.98 5.04 -4.30
N ILE A 62 10.77 4.61 -4.52
CA ILE A 62 10.46 3.91 -5.73
C ILE A 62 10.28 4.79 -6.94
N LYS A 63 9.99 6.08 -6.75
CA LYS A 63 9.83 6.98 -7.89
C LYS A 63 11.09 7.02 -8.74
N LYS A 64 12.22 6.84 -8.09
CA LYS A 64 13.50 6.77 -8.79
C LYS A 64 13.77 5.27 -9.13
N LEU A 65 13.34 4.37 -8.25
CA LEU A 65 13.63 2.94 -8.36
C LEU A 65 12.92 2.31 -9.59
N TYR A 66 11.61 2.36 -9.63
CA TYR A 66 10.88 1.71 -10.70
C TYR A 66 9.85 2.64 -11.33
N LYS A 67 9.04 2.12 -12.26
CA LYS A 67 8.00 2.94 -12.90
C LYS A 67 6.96 3.37 -11.91
N VAL A 68 6.81 4.65 -11.81
CA VAL A 68 5.93 5.30 -10.86
C VAL A 68 5.46 6.59 -11.50
N PRO A 69 4.18 6.64 -11.95
CA PRO A 69 3.65 7.81 -12.68
C PRO A 69 3.51 9.04 -11.79
N ASP A 70 2.59 8.97 -10.88
CA ASP A 70 2.31 10.09 -10.01
C ASP A 70 2.33 9.63 -8.60
N PHE A 71 2.49 10.54 -7.71
CA PHE A 71 2.56 10.23 -6.32
C PHE A 71 1.65 11.15 -5.51
N PRO A 72 1.05 10.63 -4.43
CA PRO A 72 0.28 11.45 -3.50
C PRO A 72 1.18 12.49 -2.81
N SER A 73 0.64 13.65 -2.56
CA SER A 73 1.38 14.74 -1.96
C SER A 73 1.44 14.57 -0.42
N LYS A 74 1.86 15.61 0.26
CA LYS A 74 1.94 15.64 1.70
C LYS A 74 0.88 16.57 2.28
N ARG A 75 0.32 17.44 1.44
CA ARG A 75 -0.69 18.39 1.90
C ARG A 75 -2.03 17.67 1.88
N LEU A 76 -2.54 17.39 3.04
CA LEU A 76 -3.75 16.63 3.15
C LEU A 76 -4.82 17.43 3.85
N PRO A 77 -6.10 17.11 3.56
CA PRO A 77 -7.22 17.70 4.27
C PRO A 77 -7.15 17.39 5.75
N ASN A 78 -7.85 18.17 6.53
CA ASN A 78 -7.88 18.04 7.99
C ASN A 78 -8.51 16.69 8.39
N TRP A 79 -9.37 16.18 7.53
CA TRP A 79 -10.04 14.91 7.73
C TRP A 79 -11.11 14.82 8.80
N ARG A 80 -11.13 15.75 9.70
CA ARG A 80 -12.24 15.84 10.64
C ARG A 80 -13.40 16.47 9.88
N THR A 81 -13.03 17.34 8.96
CA THR A 81 -13.92 18.10 8.14
C THR A 81 -14.14 17.46 6.77
N ARG A 82 -13.66 16.25 6.58
CA ARG A 82 -13.71 15.59 5.27
C ARG A 82 -13.98 14.10 5.44
N GLY A 83 -14.60 13.48 4.43
CA GLY A 83 -14.82 12.05 4.47
C GLY A 83 -13.61 11.32 4.01
N LEU A 84 -13.58 10.08 4.31
CA LEU A 84 -12.42 9.28 4.13
C LEU A 84 -12.26 8.67 2.74
N GLU A 85 -13.32 8.68 1.95
CA GLU A 85 -13.29 8.06 0.61
C GLU A 85 -12.10 8.60 -0.18
N GLN A 86 -11.91 9.89 -0.09
CA GLN A 86 -10.83 10.60 -0.75
C GLN A 86 -9.44 10.03 -0.40
N ARG A 87 -9.23 9.67 0.87
CA ARG A 87 -7.91 9.23 1.30
C ARG A 87 -7.63 7.85 0.77
N ARG A 88 -8.51 6.92 1.09
CA ARG A 88 -8.35 5.53 0.70
C ARG A 88 -8.37 5.30 -0.81
N GLN A 89 -9.21 6.03 -1.50
CA GLN A 89 -9.33 5.89 -2.94
C GLN A 89 -8.11 6.49 -3.62
N GLY A 90 -7.58 7.57 -3.05
CA GLY A 90 -6.41 8.21 -3.61
C GLY A 90 -5.19 7.31 -3.59
N LEU A 91 -4.89 6.74 -2.43
CA LEU A 91 -3.74 5.84 -2.33
C LEU A 91 -3.94 4.61 -3.18
N GLU A 92 -5.15 4.05 -3.12
CA GLU A 92 -5.47 2.85 -3.88
C GLU A 92 -5.22 3.06 -5.36
N ALA A 93 -5.68 4.18 -5.88
CA ALA A 93 -5.56 4.51 -7.28
C ALA A 93 -4.11 4.52 -7.74
N TYR A 94 -3.26 5.18 -6.98
CA TYR A 94 -1.87 5.29 -7.34
C TYR A 94 -1.08 4.01 -7.09
N ILE A 95 -1.39 3.30 -5.99
CA ILE A 95 -0.71 2.03 -5.71
C ILE A 95 -1.09 1.00 -6.79
N GLN A 96 -2.38 0.99 -7.14
CA GLN A 96 -2.87 0.09 -8.18
C GLN A 96 -2.22 0.43 -9.51
N GLY A 97 -1.98 1.73 -9.75
CA GLY A 97 -1.32 2.14 -10.96
C GLY A 97 0.05 1.52 -11.08
N ILE A 98 0.88 1.75 -10.08
CA ILE A 98 2.23 1.21 -10.06
C ILE A 98 2.27 -0.32 -9.99
N LEU A 99 1.37 -0.90 -9.25
CA LEU A 99 1.32 -2.34 -9.12
C LEU A 99 0.95 -3.01 -10.45
N TYR A 100 0.02 -2.40 -11.16
CA TYR A 100 -0.44 -2.89 -12.45
C TYR A 100 0.69 -2.76 -13.49
N LEU A 101 1.55 -1.76 -13.32
CA LEU A 101 2.62 -1.49 -14.27
C LEU A 101 3.59 -2.63 -14.44
N ASN A 102 4.25 -3.00 -13.35
CA ASN A 102 5.34 -3.97 -13.45
C ASN A 102 5.90 -4.28 -12.07
N GLN A 103 5.35 -3.65 -10.99
CA GLN A 103 5.78 -4.03 -9.64
C GLN A 103 5.68 -5.49 -9.48
N GLU A 104 4.47 -5.97 -9.74
CA GLU A 104 4.03 -7.36 -9.39
C GLU A 104 4.06 -7.56 -7.84
N VAL A 105 5.24 -7.40 -7.32
CA VAL A 105 5.58 -7.39 -5.91
C VAL A 105 7.10 -7.14 -5.81
N PRO A 106 7.49 -5.87 -5.62
CA PRO A 106 8.88 -5.48 -5.56
C PRO A 106 9.53 -5.76 -4.22
N LYS A 107 10.82 -6.02 -4.27
CA LYS A 107 11.63 -6.40 -3.12
C LYS A 107 11.65 -5.30 -2.02
N GLU A 108 11.45 -4.05 -2.41
CA GLU A 108 11.39 -2.95 -1.44
C GLU A 108 10.10 -3.04 -0.63
N LEU A 109 9.01 -3.50 -1.26
CA LEU A 109 7.76 -3.69 -0.56
C LEU A 109 7.94 -4.76 0.50
N LEU A 110 8.78 -5.74 0.19
CA LEU A 110 9.13 -6.76 1.17
C LEU A 110 9.81 -6.12 2.37
N GLU A 111 10.65 -5.14 2.11
CA GLU A 111 11.36 -4.43 3.16
C GLU A 111 10.46 -3.43 3.91
N PHE A 112 9.39 -2.97 3.28
CA PHE A 112 8.48 -2.01 3.92
C PHE A 112 7.39 -2.66 4.69
N LEU A 113 6.71 -3.55 4.04
CA LEU A 113 5.54 -4.19 4.57
C LEU A 113 5.96 -5.33 5.50
N ARG A 114 7.25 -5.61 5.50
CA ARG A 114 7.84 -6.71 6.23
C ARG A 114 7.30 -8.02 5.66
N LEU A 115 7.59 -8.23 4.41
CA LEU A 115 7.14 -9.40 3.70
C LEU A 115 8.27 -10.40 3.67
N ARG A 116 7.94 -11.65 3.76
CA ARG A 116 8.92 -12.68 3.60
C ARG A 116 9.11 -12.89 2.10
N HIS A 117 10.15 -13.58 1.70
CA HIS A 117 10.34 -13.77 0.28
C HIS A 117 9.45 -14.86 -0.26
N PHE A 118 8.34 -14.44 -0.82
CA PHE A 118 7.41 -15.31 -1.48
C PHE A 118 8.02 -15.73 -2.83
N PRO A 119 7.47 -16.77 -3.50
CA PRO A 119 7.97 -17.21 -4.79
C PRO A 119 7.77 -16.14 -5.86
N THR A 120 8.83 -15.46 -6.17
CA THR A 120 8.80 -14.43 -7.17
C THR A 120 9.51 -14.94 -8.41
N ASP A 121 8.76 -15.19 -9.45
CA ASP A 121 9.31 -15.72 -10.69
C ASP A 121 10.08 -14.68 -11.46
N PRO A 122 11.38 -14.94 -11.68
CA PRO A 122 12.20 -14.10 -12.53
C PRO A 122 11.74 -14.21 -13.97
N LYS A 123 11.30 -13.10 -14.52
CA LYS A 123 10.83 -13.05 -15.89
C LYS A 123 12.01 -13.11 -16.83
N ALA A 124 13.12 -12.63 -16.36
CA ALA A 124 14.34 -12.74 -17.07
C ALA A 124 15.13 -13.88 -16.46
N SER A 125 15.10 -15.01 -17.13
CA SER A 125 15.79 -16.18 -16.65
C SER A 125 17.29 -16.00 -16.86
N ASN A 126 17.99 -15.83 -15.78
CA ASN A 126 19.40 -15.58 -15.84
C ASN A 126 20.18 -16.79 -15.35
N TRP A 127 20.49 -17.67 -16.28
CA TRP A 127 21.31 -18.83 -16.05
C TRP A 127 22.25 -19.00 -17.20
N GLY A 128 23.32 -18.29 -17.15
CA GLY A 128 24.29 -18.30 -18.17
C GLY A 128 24.86 -16.94 -18.34
N GLY A 1 5.09 -17.69 -24.01
CA GLY A 1 4.84 -16.41 -24.67
C GLY A 1 4.00 -15.53 -23.79
N HIS A 2 4.28 -14.21 -23.83
CA HIS A 2 3.57 -13.20 -23.04
C HIS A 2 3.77 -13.45 -21.55
N HIS A 3 4.69 -12.75 -20.95
CA HIS A 3 4.94 -12.92 -19.54
C HIS A 3 4.79 -11.63 -18.74
N HIS A 4 3.58 -11.39 -18.31
CA HIS A 4 3.24 -10.25 -17.45
C HIS A 4 2.29 -10.72 -16.36
N HIS A 5 1.63 -11.81 -16.64
CA HIS A 5 0.68 -12.42 -15.75
C HIS A 5 1.34 -13.70 -15.21
N HIS A 6 2.65 -13.83 -15.45
CA HIS A 6 3.39 -15.02 -15.07
C HIS A 6 3.80 -14.95 -13.60
N HIS A 7 2.81 -15.12 -12.78
CA HIS A 7 2.84 -15.18 -11.31
C HIS A 7 1.49 -15.64 -10.87
N LEU A 8 0.48 -15.26 -11.66
CA LEU A 8 -0.90 -15.65 -11.47
C LEU A 8 -1.51 -14.96 -10.28
N GLU A 9 -2.34 -13.96 -10.57
CA GLU A 9 -3.06 -13.17 -9.57
C GLU A 9 -2.20 -12.14 -8.88
N LEU A 10 -2.36 -10.92 -9.31
CA LEU A 10 -1.73 -9.78 -8.71
C LEU A 10 -2.82 -8.78 -8.39
N GLU A 11 -3.21 -8.72 -7.14
CA GLU A 11 -4.32 -7.88 -6.74
C GLU A 11 -3.94 -7.07 -5.53
N VAL A 12 -3.86 -5.80 -5.69
CA VAL A 12 -3.51 -4.97 -4.57
C VAL A 12 -4.64 -4.01 -4.33
N HIS A 13 -5.09 -4.00 -3.11
CA HIS A 13 -6.27 -3.25 -2.75
C HIS A 13 -6.18 -2.79 -1.33
N ILE A 14 -6.84 -1.72 -1.04
CA ILE A 14 -6.91 -1.22 0.31
C ILE A 14 -8.34 -1.39 0.75
N PRO A 15 -8.63 -2.42 1.56
CA PRO A 15 -10.00 -2.73 1.97
C PRO A 15 -10.61 -1.65 2.87
N SER A 16 -9.79 -1.02 3.68
CA SER A 16 -10.23 0.01 4.63
C SER A 16 -9.00 0.73 5.18
N VAL A 17 -9.23 1.89 5.79
CA VAL A 17 -8.19 2.58 6.50
C VAL A 17 -8.62 2.57 7.97
N GLY A 18 -7.80 2.06 8.82
CA GLY A 18 -8.19 1.92 10.19
C GLY A 18 -7.32 2.73 11.13
N PRO A 19 -7.92 3.51 12.01
CA PRO A 19 -7.18 4.23 13.03
C PRO A 19 -6.74 3.26 14.13
N GLU A 20 -5.45 2.99 14.19
CA GLU A 20 -4.91 2.08 15.21
C GLU A 20 -4.55 2.86 16.44
N ALA A 21 -3.62 3.78 16.28
CA ALA A 21 -3.14 4.56 17.40
C ALA A 21 -3.45 6.04 17.20
N GLU A 22 -3.73 6.70 18.28
CA GLU A 22 -3.97 8.13 18.26
C GLU A 22 -2.68 8.87 18.48
N GLY A 23 -2.23 9.59 17.47
CA GLY A 23 -1.00 10.36 17.53
C GLY A 23 0.20 9.52 17.93
N PRO A 24 0.79 8.75 16.99
CA PRO A 24 1.96 7.93 17.32
C PRO A 24 3.20 8.80 17.44
N ARG A 25 3.36 9.66 16.47
CA ARG A 25 4.38 10.67 16.40
C ARG A 25 3.82 11.65 15.39
N GLN A 26 4.37 12.83 15.30
CA GLN A 26 3.87 13.77 14.31
C GLN A 26 4.34 13.39 12.93
N SER A 27 3.43 12.87 12.18
CA SER A 27 3.67 12.47 10.84
C SER A 27 3.50 13.70 9.92
N PRO A 28 4.17 13.73 8.75
CA PRO A 28 4.11 14.87 7.81
C PRO A 28 2.67 15.32 7.49
N GLU A 29 1.82 14.36 7.19
CA GLU A 29 0.44 14.62 6.87
C GLU A 29 -0.43 14.50 8.12
N LYS A 30 0.17 13.95 9.18
CA LYS A 30 -0.43 13.78 10.53
C LYS A 30 -1.45 12.63 10.58
N SER A 31 -1.40 11.75 9.61
CA SER A 31 -2.34 10.65 9.60
C SER A 31 -1.96 9.55 10.60
N HIS A 32 -2.74 9.47 11.66
CA HIS A 32 -2.54 8.43 12.67
C HIS A 32 -3.41 7.23 12.34
N MET A 33 -4.15 7.37 11.27
CA MET A 33 -4.93 6.30 10.79
C MET A 33 -4.16 5.61 9.71
N VAL A 34 -4.15 4.32 9.77
CA VAL A 34 -3.28 3.55 8.94
C VAL A 34 -4.08 2.77 7.91
N PHE A 35 -3.60 2.69 6.69
CA PHE A 35 -4.34 1.95 5.71
C PHE A 35 -3.79 0.58 5.51
N ARG A 36 -4.67 -0.33 5.26
CA ARG A 36 -4.30 -1.69 5.09
C ARG A 36 -4.04 -1.90 3.60
N VAL A 37 -2.81 -1.87 3.18
CA VAL A 37 -2.53 -2.15 1.81
C VAL A 37 -2.41 -3.65 1.63
N GLU A 38 -3.45 -4.22 1.13
CA GLU A 38 -3.56 -5.62 0.99
C GLU A 38 -2.99 -5.99 -0.36
N VAL A 39 -1.85 -6.60 -0.34
CA VAL A 39 -1.12 -6.89 -1.54
C VAL A 39 -1.13 -8.38 -1.85
N LEU A 40 -1.85 -8.75 -2.88
CA LEU A 40 -1.91 -10.12 -3.33
C LEU A 40 -0.96 -10.28 -4.49
N CYS A 41 -0.02 -11.15 -4.33
CA CYS A 41 0.96 -11.40 -5.32
C CYS A 41 1.17 -12.89 -5.50
N SER A 42 0.95 -13.37 -6.72
CA SER A 42 1.16 -14.76 -7.10
C SER A 42 0.11 -15.68 -6.42
N GLY A 43 -0.97 -15.10 -5.94
CA GLY A 43 -2.00 -15.89 -5.29
C GLY A 43 -1.93 -15.78 -3.78
N ARG A 44 -0.80 -15.35 -3.28
CA ARG A 44 -0.60 -15.19 -1.85
C ARG A 44 -0.82 -13.73 -1.51
N ARG A 45 -1.52 -13.43 -0.44
CA ARG A 45 -1.69 -12.04 -0.11
C ARG A 45 -1.36 -11.72 1.32
N HIS A 46 -1.14 -10.45 1.57
CA HIS A 46 -0.74 -9.93 2.85
C HIS A 46 -1.25 -8.53 3.07
N THR A 47 -1.97 -8.36 4.15
CA THR A 47 -2.53 -7.08 4.50
C THR A 47 -1.50 -6.30 5.28
N VAL A 48 -1.04 -5.24 4.69
CA VAL A 48 -0.02 -4.45 5.30
C VAL A 48 -0.55 -3.12 5.80
N PRO A 49 -0.74 -2.96 7.11
CA PRO A 49 -1.13 -1.68 7.65
C PRO A 49 0.05 -0.73 7.56
N ARG A 50 -0.06 0.23 6.69
CA ARG A 50 1.02 1.13 6.45
C ARG A 50 0.53 2.56 6.58
N ARG A 51 1.20 3.33 7.41
CA ARG A 51 0.84 4.72 7.61
C ARG A 51 1.15 5.52 6.36
N TYR A 52 0.43 6.60 6.18
CA TYR A 52 0.52 7.40 4.96
C TYR A 52 1.94 8.04 4.85
N SER A 53 2.59 8.20 6.00
CA SER A 53 3.94 8.72 6.07
C SER A 53 4.91 7.77 5.35
N GLU A 54 4.83 6.46 5.67
CA GLU A 54 5.69 5.51 5.02
C GLU A 54 5.32 5.37 3.57
N PHE A 55 4.04 5.56 3.26
CA PHE A 55 3.58 5.56 1.90
C PHE A 55 4.35 6.60 1.09
N HIS A 56 4.43 7.83 1.59
CA HIS A 56 5.18 8.88 0.91
C HIS A 56 6.67 8.51 0.83
N ALA A 57 7.24 8.12 1.97
CA ALA A 57 8.68 7.76 2.06
C ALA A 57 9.04 6.62 1.09
N LEU A 58 8.18 5.62 1.05
CA LEU A 58 8.29 4.46 0.16
C LEU A 58 8.38 4.95 -1.25
N HIS A 59 7.47 5.81 -1.59
CA HIS A 59 7.33 6.32 -2.92
C HIS A 59 8.45 7.23 -3.34
N LYS A 60 8.91 8.07 -2.45
CA LYS A 60 10.00 8.98 -2.75
C LYS A 60 11.25 8.25 -3.18
N ARG A 61 11.57 7.20 -2.48
CA ARG A 61 12.75 6.44 -2.78
C ARG A 61 12.56 5.62 -4.06
N ILE A 62 11.41 4.97 -4.17
CA ILE A 62 11.14 4.10 -5.30
C ILE A 62 10.93 4.82 -6.63
N LYS A 63 10.74 6.15 -6.62
CA LYS A 63 10.63 6.89 -7.91
C LYS A 63 11.92 6.67 -8.67
N LYS A 64 12.99 6.72 -7.92
CA LYS A 64 14.33 6.50 -8.44
C LYS A 64 14.64 5.01 -8.61
N LEU A 65 13.76 4.15 -8.10
CA LEU A 65 14.01 2.72 -8.13
C LEU A 65 13.26 2.03 -9.29
N TYR A 66 11.96 2.27 -9.40
CA TYR A 66 11.18 1.63 -10.47
C TYR A 66 10.19 2.65 -11.08
N LYS A 67 9.43 2.25 -12.10
CA LYS A 67 8.44 3.15 -12.71
C LYS A 67 7.26 3.39 -11.78
N VAL A 68 7.14 4.61 -11.35
CA VAL A 68 6.15 5.01 -10.37
C VAL A 68 5.54 6.33 -10.81
N PRO A 69 4.20 6.50 -10.77
CA PRO A 69 3.57 7.76 -11.08
C PRO A 69 3.68 8.69 -9.88
N ASP A 70 3.07 9.81 -9.93
CA ASP A 70 3.15 10.68 -8.81
C ASP A 70 2.00 10.49 -7.87
N PHE A 71 2.36 10.40 -6.64
CA PHE A 71 1.47 10.12 -5.56
C PHE A 71 0.84 11.40 -5.02
N PRO A 72 -0.27 11.28 -4.24
CA PRO A 72 -0.88 12.41 -3.56
C PRO A 72 0.14 13.15 -2.71
N SER A 73 0.02 14.44 -2.68
CA SER A 73 0.95 15.32 -2.04
C SER A 73 0.91 15.19 -0.49
N LYS A 74 1.70 16.00 0.17
CA LYS A 74 1.72 16.09 1.62
C LYS A 74 0.44 16.75 2.10
N ARG A 75 -0.20 17.48 1.20
CA ARG A 75 -1.44 18.11 1.47
C ARG A 75 -2.56 17.18 1.22
N LEU A 76 -3.18 16.77 2.29
CA LEU A 76 -4.30 15.90 2.23
C LEU A 76 -5.45 16.58 2.90
N PRO A 77 -6.69 16.17 2.59
CA PRO A 77 -7.89 16.70 3.23
C PRO A 77 -7.84 16.59 4.76
N ASN A 78 -8.67 17.37 5.41
CA ASN A 78 -8.77 17.44 6.88
C ASN A 78 -9.34 16.10 7.42
N TRP A 79 -9.78 15.23 6.49
CA TRP A 79 -10.36 13.89 6.76
C TRP A 79 -11.73 13.97 7.38
N ARG A 80 -11.80 14.65 8.50
CA ARG A 80 -13.00 14.82 9.26
C ARG A 80 -14.05 15.60 8.48
N THR A 81 -13.59 16.44 7.57
CA THR A 81 -14.46 17.21 6.74
C THR A 81 -14.89 16.38 5.50
N ARG A 82 -13.90 15.76 4.87
CA ARG A 82 -14.04 14.90 3.69
C ARG A 82 -12.73 14.18 3.53
N GLY A 83 -12.71 13.06 2.85
CA GLY A 83 -11.45 12.50 2.53
C GLY A 83 -11.33 11.00 2.64
N LEU A 84 -11.93 10.38 3.62
CA LEU A 84 -11.69 8.94 3.84
C LEU A 84 -12.12 7.98 2.75
N GLU A 85 -13.26 8.20 2.14
CA GLU A 85 -13.72 7.30 1.09
C GLU A 85 -12.79 7.50 -0.11
N GLN A 86 -12.43 8.76 -0.34
CA GLN A 86 -11.53 9.15 -1.42
C GLN A 86 -10.13 8.59 -1.15
N ARG A 87 -9.71 8.64 0.12
CA ARG A 87 -8.42 8.15 0.55
C ARG A 87 -8.25 6.70 0.19
N ARG A 88 -9.19 5.88 0.62
CA ARG A 88 -9.10 4.46 0.38
C ARG A 88 -9.03 4.21 -1.13
N GLN A 89 -10.01 4.76 -1.84
CA GLN A 89 -10.16 4.56 -3.29
C GLN A 89 -8.96 5.05 -4.11
N GLY A 90 -8.52 6.28 -3.84
CA GLY A 90 -7.42 6.86 -4.58
C GLY A 90 -6.14 6.10 -4.39
N LEU A 91 -5.84 5.79 -3.15
CA LEU A 91 -4.65 5.06 -2.81
C LEU A 91 -4.73 3.60 -3.30
N GLU A 92 -5.95 3.07 -3.26
CA GLU A 92 -6.27 1.72 -3.75
C GLU A 92 -5.87 1.62 -5.23
N ALA A 93 -6.28 2.62 -6.00
CA ALA A 93 -6.01 2.65 -7.42
C ALA A 93 -4.56 3.01 -7.72
N TYR A 94 -3.95 3.77 -6.83
CA TYR A 94 -2.58 4.19 -7.05
C TYR A 94 -1.56 3.09 -6.75
N ILE A 95 -1.73 2.37 -5.64
CA ILE A 95 -0.80 1.29 -5.38
C ILE A 95 -1.02 0.15 -6.36
N GLN A 96 -2.27 -0.03 -6.80
CA GLN A 96 -2.55 -0.99 -7.85
C GLN A 96 -1.86 -0.50 -9.13
N GLY A 97 -1.82 0.83 -9.28
CA GLY A 97 -1.19 1.45 -10.42
C GLY A 97 0.27 1.07 -10.54
N ILE A 98 1.03 1.27 -9.48
CA ILE A 98 2.46 0.90 -9.47
C ILE A 98 2.66 -0.59 -9.58
N LEU A 99 1.74 -1.31 -9.00
CA LEU A 99 1.69 -2.76 -9.05
C LEU A 99 1.52 -3.25 -10.50
N TYR A 100 0.76 -2.52 -11.27
CA TYR A 100 0.54 -2.87 -12.66
C TYR A 100 1.68 -2.35 -13.55
N LEU A 101 2.33 -1.26 -13.13
CA LEU A 101 3.38 -0.63 -13.93
C LEU A 101 4.62 -1.45 -14.11
N ASN A 102 5.27 -1.86 -13.04
CA ASN A 102 6.54 -2.53 -13.22
C ASN A 102 6.91 -3.49 -12.11
N GLN A 103 7.12 -2.97 -10.90
CA GLN A 103 7.74 -3.82 -9.86
C GLN A 103 6.70 -4.68 -9.14
N GLU A 104 5.43 -4.58 -9.58
CA GLU A 104 4.30 -5.28 -8.94
C GLU A 104 4.23 -5.07 -7.41
N VAL A 105 4.80 -5.97 -6.67
CA VAL A 105 4.92 -5.80 -5.26
C VAL A 105 6.32 -5.25 -4.97
N PRO A 106 6.41 -3.97 -4.53
CA PRO A 106 7.69 -3.34 -4.24
C PRO A 106 8.47 -4.16 -3.22
N LYS A 107 9.53 -4.77 -3.72
CA LYS A 107 10.39 -5.66 -2.95
C LYS A 107 10.97 -4.90 -1.74
N GLU A 108 11.06 -3.59 -1.85
CA GLU A 108 11.59 -2.79 -0.77
C GLU A 108 10.63 -2.78 0.43
N LEU A 109 9.32 -2.71 0.18
CA LEU A 109 8.37 -2.71 1.25
C LEU A 109 8.26 -4.13 1.78
N LEU A 110 8.45 -5.09 0.86
CA LEU A 110 8.49 -6.50 1.16
C LEU A 110 9.58 -6.70 2.24
N GLU A 111 10.66 -5.97 2.09
CA GLU A 111 11.72 -5.96 3.08
C GLU A 111 11.33 -5.12 4.30
N PHE A 112 10.46 -4.13 4.08
CA PHE A 112 10.15 -3.13 5.08
C PHE A 112 9.60 -3.71 6.37
N LEU A 113 8.66 -4.61 6.25
CA LEU A 113 8.12 -5.25 7.45
C LEU A 113 8.49 -6.71 7.45
N ARG A 114 9.42 -7.09 6.54
CA ARG A 114 9.81 -8.50 6.32
C ARG A 114 8.57 -9.29 5.85
N LEU A 115 7.78 -8.60 5.03
CA LEU A 115 6.44 -9.01 4.51
C LEU A 115 6.41 -10.32 3.71
N ARG A 116 7.46 -11.07 3.72
CA ARG A 116 7.48 -12.30 3.00
C ARG A 116 6.57 -13.31 3.69
N HIS A 117 5.62 -13.82 2.93
CA HIS A 117 4.60 -14.81 3.32
C HIS A 117 3.75 -14.41 4.55
N PHE A 118 3.71 -13.09 4.85
CA PHE A 118 2.87 -12.57 5.96
C PHE A 118 1.38 -12.85 5.74
N PRO A 119 0.60 -13.04 6.84
CA PRO A 119 -0.84 -13.30 6.77
C PRO A 119 -1.64 -12.12 6.19
N THR A 120 -2.92 -12.33 5.96
CA THR A 120 -3.75 -11.34 5.35
C THR A 120 -5.13 -11.27 6.04
N ASP A 121 -5.89 -10.27 5.69
CA ASP A 121 -7.24 -10.03 6.19
C ASP A 121 -8.20 -10.00 4.99
N PRO A 122 -9.52 -10.20 5.22
CA PRO A 122 -10.53 -10.16 4.16
C PRO A 122 -10.90 -8.72 3.73
N LYS A 123 -12.05 -8.58 3.05
CA LYS A 123 -12.56 -7.33 2.47
C LYS A 123 -11.82 -6.98 1.18
N ALA A 124 -12.55 -6.90 0.11
CA ALA A 124 -11.95 -6.48 -1.14
C ALA A 124 -11.85 -4.96 -1.10
N SER A 125 -12.99 -4.32 -1.09
CA SER A 125 -13.11 -2.90 -0.97
C SER A 125 -14.42 -2.60 -0.28
N ASN A 126 -14.34 -2.33 1.00
CA ASN A 126 -15.51 -2.06 1.79
C ASN A 126 -15.15 -1.02 2.81
N TRP A 127 -15.53 0.20 2.53
CA TRP A 127 -15.16 1.31 3.36
C TRP A 127 -16.02 1.38 4.61
N GLY A 128 -15.49 0.88 5.69
CA GLY A 128 -16.14 0.93 6.96
C GLY A 128 -15.96 -0.37 7.69
N GLY A 1 13.41 -9.68 -27.41
CA GLY A 1 12.31 -8.88 -26.86
C GLY A 1 12.27 -9.01 -25.37
N HIS A 2 11.33 -8.34 -24.73
CA HIS A 2 11.21 -8.43 -23.28
C HIS A 2 10.44 -9.67 -22.91
N HIS A 3 11.16 -10.73 -22.66
CA HIS A 3 10.52 -11.98 -22.34
C HIS A 3 10.36 -12.13 -20.84
N HIS A 4 9.29 -11.55 -20.32
CA HIS A 4 8.94 -11.62 -18.92
C HIS A 4 7.68 -10.82 -18.65
N HIS A 5 6.72 -11.47 -18.09
CA HIS A 5 5.52 -10.85 -17.62
C HIS A 5 5.16 -11.46 -16.28
N HIS A 6 5.86 -11.01 -15.28
CA HIS A 6 5.73 -11.58 -13.96
C HIS A 6 5.00 -10.64 -13.02
N HIS A 7 3.72 -10.78 -13.01
CA HIS A 7 2.84 -10.13 -12.07
C HIS A 7 1.56 -10.90 -12.09
N LEU A 8 1.72 -12.21 -12.20
CA LEU A 8 0.62 -13.11 -12.28
C LEU A 8 -0.11 -13.22 -10.95
N GLU A 9 -1.38 -12.95 -11.04
CA GLU A 9 -2.29 -12.96 -9.92
C GLU A 9 -1.89 -11.97 -8.85
N LEU A 10 -2.03 -10.73 -9.18
CA LEU A 10 -1.82 -9.65 -8.26
C LEU A 10 -3.11 -8.88 -8.11
N GLU A 11 -3.79 -9.14 -7.04
CA GLU A 11 -5.05 -8.49 -6.73
C GLU A 11 -4.75 -7.51 -5.63
N VAL A 12 -4.88 -6.25 -5.90
CA VAL A 12 -4.45 -5.25 -4.95
C VAL A 12 -5.58 -4.29 -4.66
N HIS A 13 -5.83 -4.04 -3.40
CA HIS A 13 -6.86 -3.09 -3.01
C HIS A 13 -6.63 -2.63 -1.58
N ILE A 14 -7.12 -1.46 -1.24
CA ILE A 14 -7.02 -0.97 0.11
C ILE A 14 -8.42 -1.01 0.73
N PRO A 15 -8.72 -2.07 1.50
CA PRO A 15 -10.06 -2.24 2.07
C PRO A 15 -10.42 -1.31 3.23
N SER A 16 -9.46 -0.88 4.04
CA SER A 16 -9.82 -0.11 5.23
C SER A 16 -8.71 0.83 5.70
N VAL A 17 -9.11 1.95 6.28
CA VAL A 17 -8.20 2.85 6.97
C VAL A 17 -8.79 3.06 8.33
N GLY A 18 -8.01 2.93 9.35
CA GLY A 18 -8.55 3.12 10.65
C GLY A 18 -7.53 3.66 11.59
N PRO A 19 -7.96 4.24 12.68
CA PRO A 19 -7.08 4.74 13.66
C PRO A 19 -6.62 3.65 14.62
N GLU A 20 -5.54 3.01 14.25
CA GLU A 20 -4.99 1.91 15.02
C GLU A 20 -3.47 1.94 14.95
N ALA A 21 -2.93 3.10 14.67
CA ALA A 21 -1.49 3.27 14.62
C ALA A 21 -1.06 4.07 15.81
N GLU A 22 0.19 3.99 16.18
CA GLU A 22 0.69 4.72 17.32
C GLU A 22 1.15 6.12 16.94
N GLY A 23 1.15 7.02 17.91
CA GLY A 23 1.48 8.41 17.66
C GLY A 23 2.75 8.82 18.35
N PRO A 24 3.90 8.68 17.67
CA PRO A 24 5.20 9.01 18.26
C PRO A 24 5.44 10.54 18.43
N ARG A 25 5.57 11.23 17.32
CA ARG A 25 5.86 12.66 17.31
C ARG A 25 5.10 13.30 16.17
N GLN A 26 5.43 14.55 15.88
CA GLN A 26 4.80 15.26 14.77
C GLN A 26 5.22 14.67 13.43
N SER A 27 4.35 13.87 12.90
CA SER A 27 4.53 13.32 11.60
C SER A 27 3.83 14.24 10.59
N PRO A 28 4.22 14.22 9.26
CA PRO A 28 3.59 15.07 8.21
C PRO A 28 2.07 15.01 8.33
N GLU A 29 1.56 13.82 8.34
CA GLU A 29 0.20 13.60 8.67
C GLU A 29 0.22 12.90 10.00
N LYS A 30 -0.83 13.00 10.74
CA LYS A 30 -0.89 12.49 12.08
C LYS A 30 -0.74 11.00 12.07
N SER A 31 0.18 10.53 12.83
CA SER A 31 0.39 9.16 12.91
C SER A 31 -0.48 8.55 13.98
N HIS A 32 -1.65 8.16 13.58
CA HIS A 32 -2.49 7.38 14.47
C HIS A 32 -3.49 6.57 13.61
N MET A 33 -3.43 6.78 12.31
CA MET A 33 -4.27 6.10 11.35
C MET A 33 -3.45 5.35 10.39
N VAL A 34 -3.91 4.22 10.06
CA VAL A 34 -3.21 3.39 9.14
C VAL A 34 -4.19 2.68 8.22
N PHE A 35 -3.83 2.58 6.96
CA PHE A 35 -4.64 1.88 6.00
C PHE A 35 -4.03 0.57 5.65
N ARG A 36 -4.85 -0.42 5.46
CA ARG A 36 -4.35 -1.71 5.12
C ARG A 36 -4.30 -1.85 3.62
N VAL A 37 -3.13 -1.99 3.09
CA VAL A 37 -2.98 -2.22 1.69
C VAL A 37 -2.90 -3.73 1.48
N GLU A 38 -3.89 -4.28 0.86
CA GLU A 38 -3.95 -5.70 0.71
C GLU A 38 -3.53 -6.07 -0.68
N VAL A 39 -2.47 -6.82 -0.75
CA VAL A 39 -1.90 -7.23 -2.01
C VAL A 39 -1.89 -8.76 -2.08
N LEU A 40 -2.54 -9.31 -3.09
CA LEU A 40 -2.51 -10.73 -3.34
C LEU A 40 -1.44 -10.98 -4.37
N CYS A 41 -0.50 -11.82 -4.04
CA CYS A 41 0.59 -12.10 -4.90
C CYS A 41 0.70 -13.58 -5.19
N SER A 42 0.26 -13.96 -6.39
CA SER A 42 0.37 -15.32 -6.92
C SER A 42 -0.30 -16.39 -6.04
N GLY A 43 -1.22 -15.96 -5.19
CA GLY A 43 -1.91 -16.88 -4.33
C GLY A 43 -1.92 -16.40 -2.91
N ARG A 44 -0.78 -15.98 -2.43
CA ARG A 44 -0.70 -15.46 -1.08
C ARG A 44 -1.29 -14.07 -1.04
N ARG A 45 -2.26 -13.84 -0.19
CA ARG A 45 -2.82 -12.52 -0.08
C ARG A 45 -2.56 -11.98 1.28
N HIS A 46 -2.07 -10.78 1.33
CA HIS A 46 -1.72 -10.19 2.58
C HIS A 46 -2.11 -8.76 2.74
N THR A 47 -2.83 -8.54 3.80
CA THR A 47 -3.32 -7.29 4.21
C THR A 47 -2.20 -6.60 5.01
N VAL A 48 -1.57 -5.59 4.45
CA VAL A 48 -0.46 -4.96 5.12
C VAL A 48 -0.76 -3.49 5.46
N PRO A 49 -0.76 -3.15 6.76
CA PRO A 49 -0.98 -1.76 7.22
C PRO A 49 0.14 -0.81 6.75
N ARG A 50 -0.25 0.37 6.28
CA ARG A 50 0.67 1.39 5.80
C ARG A 50 0.23 2.79 6.35
N ARG A 51 1.15 3.49 7.01
CA ARG A 51 0.90 4.83 7.53
C ARG A 51 0.99 5.75 6.27
N TYR A 52 0.29 6.90 6.25
CA TYR A 52 0.31 7.74 5.04
C TYR A 52 1.70 8.27 4.76
N SER A 53 2.32 8.81 5.79
CA SER A 53 3.65 9.37 5.70
C SER A 53 4.66 8.28 5.33
N GLU A 54 4.40 7.08 5.80
CA GLU A 54 5.20 5.92 5.50
C GLU A 54 5.13 5.63 3.99
N PHE A 55 3.91 5.58 3.42
CA PHE A 55 3.76 5.40 2.00
C PHE A 55 4.34 6.58 1.22
N HIS A 56 4.21 7.76 1.76
CA HIS A 56 4.66 8.94 1.07
C HIS A 56 6.18 8.90 0.93
N ALA A 57 6.87 8.55 2.02
CA ALA A 57 8.33 8.38 2.02
C ALA A 57 8.75 7.21 1.12
N LEU A 58 7.90 6.20 1.05
CA LEU A 58 8.09 5.04 0.17
C LEU A 58 8.14 5.48 -1.30
N HIS A 59 7.16 6.26 -1.70
CA HIS A 59 7.07 6.73 -3.08
C HIS A 59 8.18 7.77 -3.34
N LYS A 60 8.42 8.58 -2.31
CA LYS A 60 9.48 9.59 -2.27
C LYS A 60 10.82 8.94 -2.60
N ARG A 61 10.98 7.75 -2.13
CA ARG A 61 12.19 7.01 -2.34
C ARG A 61 12.20 6.35 -3.70
N ILE A 62 11.23 5.49 -3.96
CA ILE A 62 11.24 4.67 -5.17
C ILE A 62 11.05 5.38 -6.49
N LYS A 63 10.73 6.67 -6.48
CA LYS A 63 10.68 7.38 -7.77
C LYS A 63 12.09 7.47 -8.34
N LYS A 64 13.06 7.45 -7.42
CA LYS A 64 14.47 7.49 -7.76
C LYS A 64 14.96 6.09 -8.17
N LEU A 65 14.21 5.08 -7.79
CA LEU A 65 14.58 3.71 -8.05
C LEU A 65 13.87 3.11 -9.25
N TYR A 66 12.55 3.11 -9.25
CA TYR A 66 11.81 2.41 -10.29
C TYR A 66 10.54 3.14 -10.75
N LYS A 67 9.78 2.50 -11.67
CA LYS A 67 8.59 3.14 -12.26
C LYS A 67 7.46 3.29 -11.31
N VAL A 68 7.10 4.53 -11.12
CA VAL A 68 6.00 4.95 -10.29
C VAL A 68 5.54 6.35 -10.77
N PRO A 69 4.21 6.61 -10.87
CA PRO A 69 3.66 7.93 -11.26
C PRO A 69 3.98 9.04 -10.24
N ASP A 70 3.17 10.09 -10.25
CA ASP A 70 3.39 11.20 -9.34
C ASP A 70 2.74 10.86 -7.96
N PHE A 71 2.68 11.79 -7.06
CA PHE A 71 2.22 11.54 -5.71
C PHE A 71 1.19 12.57 -5.26
N PRO A 72 0.32 12.23 -4.31
CA PRO A 72 -0.57 13.22 -3.71
C PRO A 72 0.21 14.06 -2.70
N SER A 73 -0.31 15.24 -2.38
CA SER A 73 0.34 16.12 -1.42
C SER A 73 0.42 15.43 -0.05
N LYS A 74 1.44 15.76 0.74
CA LYS A 74 1.64 15.09 2.02
C LYS A 74 0.55 15.44 3.03
N ARG A 75 -0.07 16.59 2.86
CA ARG A 75 -1.12 16.99 3.76
C ARG A 75 -2.47 17.01 3.06
N LEU A 76 -3.42 16.40 3.70
CA LEU A 76 -4.79 16.32 3.26
C LEU A 76 -5.66 16.82 4.41
N PRO A 77 -7.00 16.89 4.24
CA PRO A 77 -7.91 17.19 5.36
C PRO A 77 -7.81 16.12 6.47
N ASN A 78 -8.31 16.44 7.64
CA ASN A 78 -8.29 15.52 8.82
C ASN A 78 -9.17 14.27 8.62
N TRP A 79 -9.72 14.13 7.40
CA TRP A 79 -10.47 12.95 6.93
C TRP A 79 -11.85 12.78 7.51
N ARG A 80 -11.98 12.98 8.81
CA ARG A 80 -13.24 12.75 9.53
C ARG A 80 -14.43 13.43 8.88
N THR A 81 -14.24 14.65 8.43
CA THR A 81 -15.32 15.41 7.86
C THR A 81 -15.43 15.23 6.33
N ARG A 82 -14.68 14.30 5.79
CA ARG A 82 -14.73 13.97 4.37
C ARG A 82 -15.09 12.50 4.17
N GLY A 83 -14.11 11.65 4.30
CA GLY A 83 -14.31 10.24 4.12
C GLY A 83 -13.01 9.56 3.80
N LEU A 84 -12.90 8.31 4.18
CA LEU A 84 -11.69 7.54 3.93
C LEU A 84 -11.72 6.89 2.57
N GLU A 85 -12.89 6.82 1.99
CA GLU A 85 -13.05 6.29 0.66
C GLU A 85 -12.23 7.05 -0.40
N GLN A 86 -12.16 8.38 -0.23
CA GLN A 86 -11.29 9.25 -1.06
C GLN A 86 -9.85 8.75 -0.99
N ARG A 87 -9.42 8.48 0.22
CA ARG A 87 -8.05 8.12 0.52
C ARG A 87 -7.69 6.70 0.08
N ARG A 88 -8.45 5.71 0.54
CA ARG A 88 -8.15 4.33 0.20
C ARG A 88 -8.13 4.10 -1.30
N GLN A 89 -9.10 4.65 -2.01
CA GLN A 89 -9.19 4.49 -3.45
C GLN A 89 -8.04 5.18 -4.18
N GLY A 90 -7.73 6.40 -3.76
CA GLY A 90 -6.67 7.17 -4.41
C GLY A 90 -5.31 6.51 -4.26
N LEU A 91 -4.95 6.16 -3.04
CA LEU A 91 -3.67 5.52 -2.77
C LEU A 91 -3.61 4.12 -3.36
N GLU A 92 -4.77 3.47 -3.43
CA GLU A 92 -4.90 2.15 -4.03
C GLU A 92 -4.49 2.24 -5.48
N ALA A 93 -5.02 3.26 -6.15
CA ALA A 93 -4.74 3.50 -7.55
C ALA A 93 -3.25 3.69 -7.77
N TYR A 94 -2.57 4.29 -6.82
CA TYR A 94 -1.13 4.45 -6.93
C TYR A 94 -0.37 3.14 -6.68
N ILE A 95 -0.67 2.46 -5.58
CA ILE A 95 0.06 1.23 -5.25
C ILE A 95 -0.24 0.12 -6.27
N GLN A 96 -1.50 0.00 -6.65
CA GLN A 96 -1.88 -0.98 -7.65
C GLN A 96 -1.33 -0.56 -9.00
N GLY A 97 -1.35 0.74 -9.27
CA GLY A 97 -0.89 1.28 -10.52
C GLY A 97 0.57 0.98 -10.79
N ILE A 98 1.41 1.17 -9.80
CA ILE A 98 2.85 0.93 -9.96
C ILE A 98 3.14 -0.53 -10.10
N LEU A 99 2.42 -1.31 -9.34
CA LEU A 99 2.50 -2.72 -9.36
C LEU A 99 2.05 -3.27 -10.73
N TYR A 100 1.07 -2.62 -11.31
CA TYR A 100 0.54 -2.98 -12.60
C TYR A 100 1.44 -2.44 -13.75
N LEU A 101 2.22 -1.37 -13.47
CA LEU A 101 3.12 -0.80 -14.49
C LEU A 101 4.16 -1.80 -14.91
N ASN A 102 4.95 -2.24 -13.95
CA ASN A 102 6.07 -3.15 -14.22
C ASN A 102 6.60 -3.74 -12.95
N GLN A 103 6.57 -2.98 -11.86
CA GLN A 103 7.33 -3.38 -10.69
C GLN A 103 6.69 -4.48 -9.82
N GLU A 104 5.46 -4.94 -10.18
CA GLU A 104 4.69 -5.99 -9.39
C GLU A 104 4.62 -5.59 -7.90
N VAL A 105 4.44 -6.53 -7.00
CA VAL A 105 4.40 -6.19 -5.57
C VAL A 105 5.80 -5.69 -5.11
N PRO A 106 5.88 -4.42 -4.61
CA PRO A 106 7.13 -3.81 -4.13
C PRO A 106 7.94 -4.69 -3.19
N LYS A 107 9.11 -5.08 -3.65
CA LYS A 107 10.06 -5.89 -2.93
C LYS A 107 10.53 -5.15 -1.68
N GLU A 108 10.53 -3.83 -1.76
CA GLU A 108 10.98 -3.00 -0.68
C GLU A 108 10.05 -3.10 0.54
N LEU A 109 8.78 -3.43 0.31
CA LEU A 109 7.86 -3.65 1.43
C LEU A 109 8.23 -4.91 2.18
N LEU A 110 8.74 -5.88 1.45
CA LEU A 110 9.23 -7.10 2.07
C LEU A 110 10.44 -6.81 2.91
N GLU A 111 11.22 -5.87 2.47
CA GLU A 111 12.36 -5.41 3.23
C GLU A 111 11.93 -4.46 4.36
N PHE A 112 10.74 -3.89 4.24
CA PHE A 112 10.30 -2.84 5.12
C PHE A 112 9.71 -3.43 6.39
N LEU A 113 8.74 -4.31 6.26
CA LEU A 113 8.10 -4.89 7.44
C LEU A 113 8.56 -6.31 7.59
N ARG A 114 9.49 -6.69 6.73
CA ARG A 114 9.97 -8.05 6.65
C ARG A 114 8.84 -8.96 6.24
N LEU A 115 8.32 -8.68 5.04
CA LEU A 115 7.19 -9.42 4.49
C LEU A 115 7.71 -10.58 3.66
N ARG A 116 9.00 -10.80 3.75
CA ARG A 116 9.65 -11.90 3.07
C ARG A 116 9.22 -13.17 3.77
N HIS A 117 8.75 -14.16 2.99
CA HIS A 117 8.30 -15.47 3.52
C HIS A 117 6.94 -15.31 4.24
N PHE A 118 6.37 -14.12 4.17
CA PHE A 118 5.13 -13.82 4.85
C PHE A 118 3.92 -14.15 3.96
N PRO A 119 3.10 -15.14 4.34
CA PRO A 119 1.91 -15.49 3.60
C PRO A 119 0.72 -14.58 3.96
N THR A 120 0.10 -14.84 5.11
CA THR A 120 -1.05 -14.10 5.59
C THR A 120 -1.10 -14.22 7.11
N ASP A 121 -1.30 -13.13 7.81
CA ASP A 121 -1.48 -13.22 9.25
C ASP A 121 -2.99 -13.23 9.49
N PRO A 122 -3.48 -14.08 10.46
CA PRO A 122 -4.92 -14.27 10.77
C PRO A 122 -5.75 -13.00 10.65
N LYS A 123 -6.52 -12.92 9.59
CA LYS A 123 -7.26 -11.73 9.29
C LYS A 123 -8.67 -11.78 9.85
N ALA A 124 -8.85 -11.15 10.98
CA ALA A 124 -10.14 -11.07 11.59
C ALA A 124 -10.77 -9.73 11.22
N SER A 125 -11.74 -9.78 10.37
CA SER A 125 -12.40 -8.60 9.91
C SER A 125 -13.89 -8.74 10.18
N ASN A 126 -14.53 -7.65 10.51
CA ASN A 126 -15.95 -7.66 10.79
C ASN A 126 -16.50 -6.27 10.43
N TRP A 127 -17.82 -6.09 10.50
CA TRP A 127 -18.50 -4.84 10.12
C TRP A 127 -18.35 -4.58 8.62
N GLY A 128 -19.31 -5.02 7.85
CA GLY A 128 -19.25 -4.83 6.44
C GLY A 128 -20.35 -5.56 5.76
#